data_7DF1
#
_entry.id   7DF1
#
_cell.length_a   125.802
_cell.length_b   165.212
_cell.length_c   176.191
_cell.angle_alpha   90.00
_cell.angle_beta   90.00
_cell.angle_gamma   90.00
#
_symmetry.space_group_name_H-M   'P 21 21 21'
#
loop_
_entity.id
_entity.type
_entity.pdbx_description
1 polymer '4F2 cell-surface antigen heavy chain'
2 polymer 'S1-F4 VH'
3 polymer 'IGL c2062_light_IGKV4-1_IGKJ5'
#
loop_
_entity_poly.entity_id
_entity_poly.type
_entity_poly.pdbx_seq_one_letter_code
_entity_poly.pdbx_strand_id
1 'polypeptide(L)'
;SELPAQKWWHTGALYRIGDLQAFQGHGAGNLAGLKGRLDYLSSLKVKGLVLGPIHKNQKDDVAQTDLLQIDPNFGSKEDF
DSLLQSAKKKSIRVILDLTPNYRGENSWFSTQVDTVATKVKDALEFWLQAGVDGFQVRDIENLKDASSFLAEWQNITKGF
SEDRLLIAGTNSSDLQQILSLLESNKDLLLTSSYLSDSGSTGEHTKSLVTQYLNATGNRWCSWSLSQARLLTSFLPAQLL
RLYQLMLFTLPGTPVFSYGDEIGLDAAALPGQPMEAPVMLWDESSFPDIPGAVSANMTVKGQSEDPGSLLSLFRRLSDQR
SKERSLLHGDFHAFSAGPGLFSYIRHWDQNERFLVVLNFGDVGLSAGLQASDLPASASLPAKADLLLSTQPGREEGSPLE
LERLKLEPHEGLLLRFPYAA
;
A,B,C,D
2 'polypeptide(L)'
;QVQLVQSGAEVKKPGASVKVSCKASGYTFTSYYMHWVRQAPGQGLEWMGIINPSGGSTSYAQKFQGRVTMTRDTSTSTVY
MELSSLRSEDTAVYYCARGYYDILTGSRPIFFDIWGQGTMVTVSSGGGGSGGGGSGGGGS
;
H,E,F,G
3 'polypeptide(L)'
;DIVMTQSPDSLAVSLGERATINCKSSQSVLYSSNNKNYLAWYQQKPGQPPKLLIYWASTRESGVPDRFSGSGSGTDFTLT
ISSLQAEDVAVYYCQQYYNTPITFGQGTRLEIKAAAHHHHHH
;
L,I,J,K
#
# COMPACT_ATOMS: atom_id res chain seq x y z
N GLN A 6 10.41 34.98 -8.07
CA GLN A 6 10.10 35.94 -9.13
C GLN A 6 8.67 36.43 -9.03
N LYS A 7 8.24 37.24 -10.00
CA LYS A 7 6.86 37.69 -10.03
C LYS A 7 5.93 36.50 -10.22
N TRP A 8 4.73 36.59 -9.63
CA TRP A 8 3.83 35.44 -9.67
C TRP A 8 3.35 35.16 -11.09
N TRP A 9 3.10 36.21 -11.88
CA TRP A 9 2.64 36.01 -13.25
C TRP A 9 3.76 35.54 -14.18
N HIS A 10 4.99 35.41 -13.70
CA HIS A 10 6.06 34.77 -14.46
C HIS A 10 6.04 33.25 -14.32
N THR A 11 5.30 32.71 -13.36
CA THR A 11 5.44 31.32 -12.95
C THR A 11 4.41 30.39 -13.60
N GLY A 12 3.67 30.85 -14.59
CA GLY A 12 2.71 29.97 -15.25
C GLY A 12 1.75 30.76 -16.13
N ALA A 13 0.69 30.07 -16.52
CA ALA A 13 -0.26 30.61 -17.48
C ALA A 13 -1.38 31.37 -16.79
N LEU A 14 -1.95 32.33 -17.52
CA LEU A 14 -3.14 33.05 -17.08
C LEU A 14 -4.37 32.50 -17.79
N TYR A 15 -5.51 32.61 -17.12
CA TYR A 15 -6.75 31.96 -17.55
C TYR A 15 -7.88 32.98 -17.50
N ARG A 16 -8.40 33.35 -18.67
CA ARG A 16 -9.40 34.41 -18.77
C ARG A 16 -10.80 33.80 -18.72
N ILE A 17 -11.60 34.24 -17.76
CA ILE A 17 -13.00 33.84 -17.65
C ILE A 17 -13.83 35.10 -17.87
N GLY A 18 -14.19 35.36 -19.12
CA GLY A 18 -14.92 36.58 -19.46
C GLY A 18 -16.37 36.55 -19.06
N ASP A 19 -16.98 35.37 -19.04
CA ASP A 19 -18.39 35.22 -18.70
C ASP A 19 -18.52 34.18 -17.60
N LEU A 20 -19.08 34.58 -16.45
CA LEU A 20 -19.24 33.67 -15.33
C LEU A 20 -20.37 32.68 -15.55
N GLN A 21 -21.46 33.12 -16.18
CA GLN A 21 -22.60 32.23 -16.35
C GLN A 21 -22.33 31.19 -17.44
N ALA A 22 -21.59 31.58 -18.48
CA ALA A 22 -21.22 30.61 -19.52
C ALA A 22 -20.19 29.61 -19.02
N PHE A 23 -19.28 30.06 -18.15
CA PHE A 23 -18.24 29.18 -17.64
C PHE A 23 -18.81 28.11 -16.69
N GLN A 24 -19.87 28.43 -15.97
CA GLN A 24 -20.41 27.54 -14.94
C GLN A 24 -21.76 26.93 -15.26
N GLY A 25 -22.62 27.64 -16.01
CA GLY A 25 -23.96 27.18 -16.27
C GLY A 25 -25.00 28.25 -15.97
N HIS A 26 -26.20 28.09 -16.52
CA HIS A 26 -27.24 29.11 -16.36
C HIS A 26 -27.64 29.30 -14.90
N GLY A 27 -27.58 30.54 -14.44
CA GLY A 27 -27.97 30.91 -13.10
C GLY A 27 -26.88 30.75 -12.05
N ALA A 28 -25.96 29.81 -12.26
CA ALA A 28 -24.85 29.61 -11.34
C ALA A 28 -23.70 30.58 -11.59
N GLY A 29 -23.92 31.58 -12.45
CA GLY A 29 -22.89 32.52 -12.82
C GLY A 29 -22.63 33.60 -11.79
N ASN A 30 -22.16 33.23 -10.61
CA ASN A 30 -21.85 34.17 -9.56
C ASN A 30 -20.48 33.86 -8.99
N LEU A 31 -19.96 34.79 -8.18
CA LEU A 31 -18.61 34.63 -7.63
C LEU A 31 -18.55 33.47 -6.64
N ALA A 32 -19.62 33.26 -5.87
CA ALA A 32 -19.63 32.16 -4.92
C ALA A 32 -19.56 30.81 -5.63
N GLY A 33 -20.21 30.69 -6.78
CA GLY A 33 -20.15 29.44 -7.52
C GLY A 33 -18.78 29.17 -8.12
N LEU A 34 -18.09 30.22 -8.55
CA LEU A 34 -16.75 30.08 -9.10
C LEU A 34 -15.79 29.50 -8.08
N LYS A 35 -16.07 29.67 -6.78
CA LYS A 35 -15.25 29.08 -5.73
C LYS A 35 -15.15 27.56 -5.90
N GLY A 36 -16.24 26.93 -6.36
CA GLY A 36 -16.26 25.49 -6.56
C GLY A 36 -15.52 24.99 -7.77
N ARG A 37 -15.02 25.88 -8.61
CA ARG A 37 -14.23 25.50 -9.78
C ARG A 37 -12.74 25.71 -9.58
N LEU A 38 -12.32 26.19 -8.41
CA LEU A 38 -10.90 26.43 -8.17
C LEU A 38 -10.10 25.15 -8.17
N ASP A 39 -10.69 24.03 -7.74
CA ASP A 39 -10.00 22.76 -7.79
C ASP A 39 -9.67 22.36 -9.22
N TYR A 40 -10.63 22.53 -10.13
CA TYR A 40 -10.38 22.25 -11.54
C TYR A 40 -9.30 23.16 -12.10
N LEU A 41 -9.35 24.45 -11.77
CA LEU A 41 -8.33 25.37 -12.26
C LEU A 41 -6.96 25.05 -11.67
N SER A 42 -6.92 24.44 -10.48
CA SER A 42 -5.66 23.94 -9.95
C SER A 42 -5.14 22.79 -10.80
N SER A 43 -6.03 21.92 -11.28
CA SER A 43 -5.62 20.82 -12.14
C SER A 43 -5.04 21.31 -13.47
N LEU A 44 -5.41 22.52 -13.90
CA LEU A 44 -4.79 23.13 -15.06
C LEU A 44 -3.46 23.80 -14.72
N LYS A 45 -3.16 23.95 -13.42
CA LYS A 45 -1.91 24.54 -12.95
C LYS A 45 -1.74 25.98 -13.41
N VAL A 46 -2.85 26.69 -13.58
CA VAL A 46 -2.80 28.10 -13.91
C VAL A 46 -2.46 28.88 -12.65
N LYS A 47 -1.78 30.01 -12.83
CA LYS A 47 -1.34 30.83 -11.71
C LYS A 47 -2.24 32.04 -11.47
N GLY A 48 -3.10 32.38 -12.42
CA GLY A 48 -3.96 33.55 -12.26
C GLY A 48 -5.22 33.49 -13.09
N LEU A 49 -6.32 33.97 -12.53
CA LEU A 49 -7.58 34.10 -13.24
C LEU A 49 -7.79 35.55 -13.64
N VAL A 50 -8.26 35.77 -14.86
CA VAL A 50 -8.70 37.08 -15.31
C VAL A 50 -10.23 37.06 -15.28
N LEU A 51 -10.80 37.75 -14.30
CA LEU A 51 -12.21 37.66 -13.98
C LEU A 51 -12.93 38.95 -14.38
N GLY A 52 -14.11 38.80 -14.97
CA GLY A 52 -14.99 39.90 -15.19
C GLY A 52 -14.97 40.46 -16.60
N PRO A 53 -15.40 41.72 -16.77
CA PRO A 53 -15.84 42.67 -15.73
C PRO A 53 -17.12 42.25 -14.98
N ILE A 54 -17.29 42.76 -13.75
CA ILE A 54 -18.41 42.39 -12.91
C ILE A 54 -19.05 43.62 -12.30
N HIS A 55 -18.60 44.80 -12.72
CA HIS A 55 -19.09 46.02 -12.09
C HIS A 55 -20.41 46.47 -12.70
N LYS A 56 -21.08 47.37 -11.98
CA LYS A 56 -22.33 47.95 -12.47
C LYS A 56 -22.05 48.83 -13.69
N ASN A 57 -22.69 48.53 -14.81
CA ASN A 57 -22.48 49.27 -16.06
C ASN A 57 -23.81 49.38 -16.79
N GLN A 58 -24.51 50.49 -16.58
CA GLN A 58 -25.63 50.83 -17.44
C GLN A 58 -25.10 51.24 -18.81
N LYS A 59 -25.49 50.49 -19.84
CA LYS A 59 -24.82 50.55 -21.13
C LYS A 59 -24.84 51.95 -21.72
N ASP A 60 -23.66 52.40 -22.17
CA ASP A 60 -23.48 53.70 -22.83
C ASP A 60 -23.90 54.87 -21.95
N ASP A 61 -23.87 54.68 -20.63
CA ASP A 61 -24.23 55.75 -19.68
C ASP A 61 -23.08 55.89 -18.69
N VAL A 62 -22.31 56.97 -18.82
CA VAL A 62 -21.14 57.16 -17.98
C VAL A 62 -21.54 57.39 -16.53
N ALA A 63 -22.53 58.25 -16.30
CA ALA A 63 -22.92 58.60 -14.94
C ALA A 63 -23.45 57.39 -14.17
N GLN A 64 -24.15 56.48 -14.85
CA GLN A 64 -24.71 55.31 -14.20
C GLN A 64 -23.85 54.06 -14.37
N THR A 65 -22.53 54.23 -14.40
CA THR A 65 -21.59 53.14 -14.43
C THR A 65 -20.64 53.31 -13.25
N ASP A 66 -20.55 52.28 -12.40
CA ASP A 66 -19.82 52.35 -11.14
C ASP A 66 -18.85 51.17 -11.09
N LEU A 67 -17.57 51.43 -11.33
CA LEU A 67 -16.58 50.36 -11.30
C LEU A 67 -16.33 49.83 -9.88
N LEU A 68 -16.86 50.49 -8.85
CA LEU A 68 -16.63 50.11 -7.47
C LEU A 68 -17.75 49.27 -6.88
N GLN A 69 -18.78 48.96 -7.65
CA GLN A 69 -19.92 48.18 -7.16
C GLN A 69 -20.16 46.99 -8.08
N ILE A 70 -20.30 45.83 -7.49
CA ILE A 70 -20.50 44.59 -8.25
C ILE A 70 -21.97 44.47 -8.63
N ASP A 71 -22.22 44.15 -9.89
CA ASP A 71 -23.56 43.81 -10.37
C ASP A 71 -24.13 42.68 -9.53
N PRO A 72 -25.30 42.85 -8.92
CA PRO A 72 -25.84 41.81 -8.04
C PRO A 72 -26.02 40.46 -8.71
N ASN A 73 -26.17 40.43 -10.03
CA ASN A 73 -26.29 39.17 -10.75
C ASN A 73 -25.02 38.33 -10.66
N PHE A 74 -23.91 38.90 -10.21
CA PHE A 74 -22.66 38.17 -10.05
C PHE A 74 -22.33 37.88 -8.59
N GLY A 75 -23.04 38.49 -7.64
CA GLY A 75 -22.80 38.29 -6.23
C GLY A 75 -22.58 39.61 -5.53
N SER A 76 -22.09 39.52 -4.31
CA SER A 76 -21.84 40.69 -3.46
C SER A 76 -20.34 40.89 -3.28
N LYS A 77 -20.01 42.00 -2.60
CA LYS A 77 -18.61 42.24 -2.26
C LYS A 77 -18.07 41.18 -1.31
N GLU A 78 -18.92 40.68 -0.40
CA GLU A 78 -18.48 39.62 0.50
C GLU A 78 -18.29 38.30 -0.25
N ASP A 79 -19.11 38.04 -1.27
CA ASP A 79 -18.84 36.90 -2.15
C ASP A 79 -17.49 37.04 -2.83
N PHE A 80 -17.15 38.26 -3.26
CA PHE A 80 -15.85 38.49 -3.89
C PHE A 80 -14.70 38.29 -2.91
N ASP A 81 -14.86 38.75 -1.67
CA ASP A 81 -13.80 38.54 -0.67
C ASP A 81 -13.62 37.05 -0.39
N SER A 82 -14.72 36.31 -0.28
CA SER A 82 -14.63 34.87 -0.08
C SER A 82 -13.93 34.19 -1.25
N LEU A 83 -14.21 34.65 -2.47
CA LEU A 83 -13.54 34.09 -3.64
C LEU A 83 -12.04 34.39 -3.62
N LEU A 84 -11.66 35.58 -3.17
CA LEU A 84 -10.24 35.92 -3.12
C LEU A 84 -9.47 35.06 -2.14
N GLN A 85 -10.07 34.78 -0.97
CA GLN A 85 -9.37 33.99 0.04
C GLN A 85 -9.24 32.53 -0.37
N SER A 86 -10.30 31.97 -0.98
CA SER A 86 -10.22 30.59 -1.45
C SER A 86 -9.16 30.44 -2.54
N ALA A 87 -9.06 31.43 -3.42
CA ALA A 87 -8.03 31.39 -4.46
C ALA A 87 -6.64 31.57 -3.87
N LYS A 88 -6.51 32.43 -2.87
CA LYS A 88 -5.20 32.62 -2.23
C LYS A 88 -4.76 31.37 -1.49
N LYS A 89 -5.69 30.67 -0.84
CA LYS A 89 -5.36 29.43 -0.16
C LYS A 89 -4.96 28.32 -1.14
N LYS A 90 -5.32 28.45 -2.42
CA LYS A 90 -4.98 27.47 -3.44
C LYS A 90 -3.91 27.99 -4.41
N SER A 91 -3.22 29.07 -4.04
CA SER A 91 -2.11 29.62 -4.80
C SER A 91 -2.53 30.09 -6.19
N ILE A 92 -3.78 30.52 -6.34
CA ILE A 92 -4.29 31.09 -7.58
C ILE A 92 -4.59 32.56 -7.34
N ARG A 93 -4.12 33.41 -8.26
CA ARG A 93 -4.30 34.86 -8.16
C ARG A 93 -5.47 35.30 -9.01
N VAL A 94 -6.02 36.47 -8.68
CA VAL A 94 -7.23 36.98 -9.29
C VAL A 94 -6.92 38.31 -9.96
N ILE A 95 -7.20 38.39 -11.26
CA ILE A 95 -7.08 39.63 -12.03
C ILE A 95 -8.50 40.11 -12.33
N LEU A 96 -8.78 41.37 -12.03
CA LEU A 96 -10.11 41.94 -12.24
C LEU A 96 -10.12 42.80 -13.49
N ASP A 97 -11.00 42.47 -14.43
CA ASP A 97 -11.16 43.25 -15.65
C ASP A 97 -12.01 44.48 -15.35
N LEU A 98 -11.48 45.67 -15.67
CA LEU A 98 -12.12 46.93 -15.33
C LEU A 98 -12.56 47.71 -16.56
N THR A 99 -12.68 47.06 -17.71
CA THR A 99 -13.13 47.76 -18.92
C THR A 99 -14.49 48.39 -18.68
N PRO A 100 -14.60 49.72 -18.76
CA PRO A 100 -15.78 50.41 -18.20
C PRO A 100 -17.11 50.05 -18.85
N ASN A 101 -17.25 50.31 -20.14
CA ASN A 101 -18.52 50.11 -20.84
C ASN A 101 -18.54 48.76 -21.55
N TYR A 102 -18.35 47.71 -20.77
CA TYR A 102 -18.23 46.36 -21.31
C TYR A 102 -19.56 45.77 -21.75
N ARG A 103 -20.68 46.46 -21.53
CA ARG A 103 -21.97 46.02 -22.00
C ARG A 103 -22.45 46.81 -23.20
N GLY A 104 -21.66 47.79 -23.67
CA GLY A 104 -21.95 48.55 -24.87
C GLY A 104 -21.02 48.18 -26.01
N GLU A 105 -21.21 48.88 -27.13
CA GLU A 105 -20.43 48.58 -28.32
C GLU A 105 -19.04 49.23 -28.24
N ASN A 106 -18.95 50.42 -27.69
CA ASN A 106 -17.67 51.09 -27.44
C ASN A 106 -17.28 50.85 -25.98
N SER A 107 -16.18 50.14 -25.78
CA SER A 107 -15.79 49.73 -24.43
C SER A 107 -15.40 50.90 -23.53
N TRP A 108 -14.99 52.03 -24.11
CA TRP A 108 -14.54 53.18 -23.33
C TRP A 108 -15.47 54.38 -23.47
N PHE A 109 -16.73 54.14 -23.85
CA PHE A 109 -17.70 55.19 -24.15
C PHE A 109 -17.22 56.07 -25.30
N SER A 110 -18.06 57.01 -25.73
CA SER A 110 -17.69 57.94 -26.77
C SER A 110 -17.52 59.36 -26.28
N THR A 111 -17.74 59.61 -24.99
CA THR A 111 -17.67 60.93 -24.40
C THR A 111 -16.94 60.87 -23.07
N GLN A 112 -16.54 62.05 -22.58
CA GLN A 112 -16.04 62.23 -21.22
C GLN A 112 -14.83 61.33 -20.93
N VAL A 113 -13.79 61.50 -21.73
CA VAL A 113 -12.59 60.67 -21.60
C VAL A 113 -11.97 60.84 -20.21
N ASP A 114 -11.97 62.07 -19.68
CA ASP A 114 -11.35 62.32 -18.39
C ASP A 114 -12.13 61.68 -17.25
N THR A 115 -13.47 61.72 -17.31
CA THR A 115 -14.28 61.09 -16.28
C THR A 115 -14.12 59.57 -16.31
N VAL A 116 -14.09 58.98 -17.51
CA VAL A 116 -13.92 57.54 -17.63
C VAL A 116 -12.57 57.11 -17.08
N ALA A 117 -11.51 57.85 -17.41
CA ALA A 117 -10.18 57.51 -16.91
C ALA A 117 -10.11 57.64 -15.39
N THR A 118 -10.80 58.64 -14.83
CA THR A 118 -10.84 58.78 -13.37
C THR A 118 -11.55 57.60 -12.73
N LYS A 119 -12.64 57.13 -13.35
CA LYS A 119 -13.33 55.94 -12.86
C LYS A 119 -12.38 54.75 -12.78
N VAL A 120 -11.57 54.54 -13.83
CA VAL A 120 -10.63 53.44 -13.84
C VAL A 120 -9.55 53.65 -12.79
N LYS A 121 -8.98 54.86 -12.74
CA LYS A 121 -7.92 55.15 -11.78
C LYS A 121 -8.39 54.93 -10.35
N ASP A 122 -9.58 55.44 -10.02
CA ASP A 122 -10.11 55.24 -8.68
C ASP A 122 -10.45 53.78 -8.42
N ALA A 123 -10.88 53.05 -9.44
CA ALA A 123 -11.16 51.62 -9.26
C ALA A 123 -9.88 50.85 -8.99
N LEU A 124 -8.77 51.25 -9.61
CA LEU A 124 -7.48 50.64 -9.33
C LEU A 124 -7.16 50.72 -7.84
N GLU A 125 -7.25 51.92 -7.26
CA GLU A 125 -6.90 52.10 -5.86
C GLU A 125 -7.90 51.41 -4.95
N PHE A 126 -9.19 51.45 -5.31
CA PHE A 126 -10.21 50.79 -4.51
C PHE A 126 -9.99 49.28 -4.44
N TRP A 127 -9.85 48.63 -5.61
CA TRP A 127 -9.75 47.18 -5.64
C TRP A 127 -8.38 46.67 -5.20
N LEU A 128 -7.32 47.49 -5.29
CA LEU A 128 -6.05 47.11 -4.69
C LEU A 128 -6.16 47.00 -3.18
N GLN A 129 -6.87 47.94 -2.55
CA GLN A 129 -7.13 47.84 -1.12
C GLN A 129 -8.01 46.65 -0.80
N ALA A 130 -8.86 46.24 -1.74
CA ALA A 130 -9.74 45.09 -1.51
C ALA A 130 -8.99 43.77 -1.56
N GLY A 131 -7.79 43.75 -2.11
CA GLY A 131 -6.96 42.56 -2.11
C GLY A 131 -6.79 41.85 -3.44
N VAL A 132 -7.15 42.48 -4.56
CA VAL A 132 -6.96 41.85 -5.86
C VAL A 132 -5.49 41.94 -6.26
N ASP A 133 -5.09 41.03 -7.15
CA ASP A 133 -3.68 40.90 -7.52
C ASP A 133 -3.33 41.65 -8.80
N GLY A 134 -4.31 42.04 -9.60
CA GLY A 134 -4.01 42.72 -10.84
C GLY A 134 -5.28 43.15 -11.53
N PHE A 135 -5.10 43.77 -12.71
CA PHE A 135 -6.21 44.30 -13.47
C PHE A 135 -5.97 44.09 -14.96
N GLN A 136 -7.05 44.02 -15.71
CA GLN A 136 -7.00 43.94 -17.17
C GLN A 136 -7.91 45.01 -17.77
N VAL A 137 -7.44 45.68 -18.81
CA VAL A 137 -8.22 46.64 -19.57
C VAL A 137 -8.10 46.29 -21.04
N ARG A 138 -9.23 46.03 -21.69
CA ARG A 138 -9.25 45.61 -23.08
C ARG A 138 -9.65 46.77 -23.99
N ASP A 139 -9.55 46.53 -25.29
CA ASP A 139 -9.95 47.50 -26.31
C ASP A 139 -9.22 48.84 -26.12
N ILE A 140 -7.91 48.75 -25.85
CA ILE A 140 -7.09 49.94 -25.61
C ILE A 140 -7.05 50.85 -26.84
N GLU A 141 -7.19 50.29 -28.05
CA GLU A 141 -7.12 51.10 -29.25
C GLU A 141 -8.22 52.16 -29.30
N ASN A 142 -9.33 51.96 -28.59
CA ASN A 142 -10.42 52.90 -28.56
C ASN A 142 -10.26 53.97 -27.48
N LEU A 143 -9.11 54.03 -26.82
CA LEU A 143 -8.88 54.95 -25.71
C LEU A 143 -7.91 56.04 -26.15
N LYS A 144 -8.35 57.29 -26.08
CA LYS A 144 -7.49 58.41 -26.45
C LYS A 144 -6.34 58.53 -25.47
N ASP A 145 -5.13 58.75 -26.01
CA ASP A 145 -3.91 58.83 -25.23
C ASP A 145 -3.75 57.60 -24.33
N ALA A 146 -3.98 56.42 -24.93
CA ALA A 146 -3.95 55.18 -24.17
C ALA A 146 -2.58 54.94 -23.56
N SER A 147 -1.52 55.28 -24.29
CA SER A 147 -0.17 55.10 -23.78
C SER A 147 0.06 55.89 -22.49
N SER A 148 -0.45 57.12 -22.42
CA SER A 148 -0.30 57.91 -21.21
C SER A 148 -1.12 57.34 -20.07
N PHE A 149 -2.37 56.97 -20.33
CA PHE A 149 -3.22 56.41 -19.28
C PHE A 149 -2.66 55.10 -18.76
N LEU A 150 -2.13 54.25 -19.64
CA LEU A 150 -1.52 53.00 -19.20
C LEU A 150 -0.32 53.27 -18.30
N ALA A 151 0.44 54.33 -18.60
CA ALA A 151 1.57 54.70 -17.74
C ALA A 151 1.11 55.13 -16.36
N GLU A 152 0.08 55.96 -16.29
CA GLU A 152 -0.45 56.39 -14.99
C GLU A 152 -1.02 55.20 -14.22
N TRP A 153 -1.72 54.31 -14.92
CA TRP A 153 -2.32 53.16 -14.25
C TRP A 153 -1.29 52.15 -13.81
N GLN A 154 -0.25 51.94 -14.63
CA GLN A 154 0.83 51.03 -14.24
C GLN A 154 1.59 51.55 -13.03
N ASN A 155 1.86 52.86 -12.99
CA ASN A 155 2.55 53.44 -11.84
C ASN A 155 1.77 53.23 -10.56
N ILE A 156 0.44 53.43 -10.62
CA ILE A 156 -0.39 53.25 -9.43
C ILE A 156 -0.44 51.78 -9.02
N THR A 157 -0.65 50.89 -9.98
CA THR A 157 -0.72 49.46 -9.68
C THR A 157 0.59 48.95 -9.10
N LYS A 158 1.72 49.35 -9.71
CA LYS A 158 3.01 48.85 -9.29
C LYS A 158 3.57 49.61 -8.10
N GLY A 159 3.12 50.85 -7.87
CA GLY A 159 3.50 51.57 -6.67
C GLY A 159 2.81 51.09 -5.42
N PHE A 160 1.62 50.49 -5.56
CA PHE A 160 0.97 49.85 -4.42
C PHE A 160 1.77 48.64 -3.94
N SER A 161 2.26 47.82 -4.87
CA SER A 161 3.05 46.63 -4.55
C SER A 161 3.64 46.08 -5.83
N GLU A 162 4.88 45.60 -5.73
CA GLU A 162 5.56 45.04 -6.90
C GLU A 162 4.89 43.76 -7.40
N ASP A 163 4.12 43.08 -6.55
CA ASP A 163 3.46 41.84 -6.92
C ASP A 163 2.07 42.06 -7.51
N ARG A 164 1.81 43.24 -8.06
CA ARG A 164 0.53 43.55 -8.69
C ARG A 164 0.75 43.78 -10.18
N LEU A 165 -0.20 43.32 -10.99
CA LEU A 165 -0.05 43.26 -12.44
C LEU A 165 -1.06 44.16 -13.13
N LEU A 166 -0.67 44.68 -14.28
CA LEU A 166 -1.59 45.39 -15.17
C LEU A 166 -1.53 44.76 -16.55
N ILE A 167 -2.68 44.37 -17.08
CA ILE A 167 -2.79 43.75 -18.39
C ILE A 167 -3.56 44.69 -19.30
N ALA A 168 -2.96 45.05 -20.44
CA ALA A 168 -3.64 45.82 -21.46
C ALA A 168 -3.93 44.91 -22.66
N GLY A 169 -5.04 45.18 -23.32
CA GLY A 169 -5.48 44.39 -24.45
C GLY A 169 -5.75 45.26 -25.67
N THR A 170 -5.39 44.75 -26.84
CA THR A 170 -5.58 45.47 -28.09
C THR A 170 -6.07 44.50 -29.15
N ASN A 171 -6.84 45.02 -30.11
CA ASN A 171 -7.14 44.29 -31.32
C ASN A 171 -6.03 44.39 -32.35
N SER A 172 -5.06 45.28 -32.14
CA SER A 172 -4.04 45.54 -33.14
C SER A 172 -3.10 44.35 -33.30
N SER A 173 -2.62 44.20 -34.54
CA SER A 173 -1.58 43.23 -34.85
C SER A 173 -0.32 43.92 -35.36
N ASP A 174 -0.34 45.24 -35.47
CA ASP A 174 0.81 45.98 -35.97
C ASP A 174 1.85 46.17 -34.88
N LEU A 175 3.12 46.18 -35.29
CA LEU A 175 4.22 46.16 -34.34
C LEU A 175 4.55 47.54 -33.81
N GLN A 176 4.48 48.57 -34.68
CA GLN A 176 4.72 49.93 -34.21
C GLN A 176 3.62 50.38 -33.26
N GLN A 177 2.37 50.01 -33.55
CA GLN A 177 1.27 50.38 -32.68
C GLN A 177 1.37 49.68 -31.33
N ILE A 178 1.98 48.49 -31.29
CA ILE A 178 2.22 47.81 -30.03
C ILE A 178 3.42 48.42 -29.30
N LEU A 179 4.50 48.73 -30.03
CA LEU A 179 5.69 49.27 -29.40
C LEU A 179 5.45 50.65 -28.79
N SER A 180 4.58 51.46 -29.40
CA SER A 180 4.30 52.77 -28.84
C SER A 180 3.41 52.68 -27.60
N LEU A 181 2.56 51.65 -27.51
CA LEU A 181 1.78 51.44 -26.30
C LEU A 181 2.66 51.00 -25.13
N LEU A 182 3.72 50.24 -25.40
CA LEU A 182 4.62 49.76 -24.36
C LEU A 182 5.73 50.73 -24.01
N GLU A 183 5.91 51.81 -24.79
CA GLU A 183 7.03 52.74 -24.62
C GLU A 183 7.20 53.21 -23.18
N SER A 184 6.26 54.03 -22.69
CA SER A 184 6.39 54.68 -21.40
C SER A 184 6.20 53.71 -20.23
N ASN A 185 5.94 52.45 -20.53
CA ASN A 185 5.63 51.44 -19.51
C ASN A 185 6.80 50.50 -19.25
N LYS A 186 7.18 49.68 -20.24
CA LYS A 186 8.31 48.75 -20.11
C LYS A 186 8.11 47.76 -18.98
N ASP A 187 6.85 47.50 -18.63
CA ASP A 187 6.52 46.53 -17.59
C ASP A 187 5.07 46.09 -17.76
N LEU A 188 4.35 46.76 -18.67
CA LEU A 188 2.98 46.40 -18.95
C LEU A 188 2.92 45.06 -19.68
N LEU A 189 2.12 44.13 -19.15
CA LEU A 189 1.81 42.91 -19.86
C LEU A 189 0.71 43.20 -20.88
N LEU A 190 0.99 43.02 -22.16
CA LEU A 190 0.07 43.40 -23.23
C LEU A 190 -0.30 42.19 -24.07
N THR A 191 -1.59 42.07 -24.37
CA THR A 191 -2.12 41.02 -25.24
C THR A 191 -2.67 41.63 -26.51
N SER A 192 -2.48 40.94 -27.63
CA SER A 192 -2.83 41.49 -28.93
C SER A 192 -3.10 40.36 -29.92
N SER A 193 -3.55 40.76 -31.12
CA SER A 193 -3.73 39.85 -32.25
C SER A 193 -2.46 39.71 -33.07
N TYR A 194 -1.28 39.82 -32.44
CA TYR A 194 -0.03 39.80 -33.17
C TYR A 194 0.20 38.46 -33.87
N LEU A 195 -0.19 37.36 -33.23
CA LEU A 195 -0.04 36.01 -33.79
C LEU A 195 -1.35 35.42 -34.30
N SER A 196 -2.38 36.25 -34.49
CA SER A 196 -3.73 35.73 -34.72
C SER A 196 -3.86 34.96 -36.04
N ASP A 197 -3.07 35.32 -37.06
CA ASP A 197 -3.23 34.72 -38.38
C ASP A 197 -2.72 33.27 -38.38
N SER A 198 -3.63 32.32 -38.57
CA SER A 198 -3.25 30.90 -38.62
C SER A 198 -2.51 30.56 -39.91
N GLY A 199 -2.83 31.23 -41.02
CA GLY A 199 -2.25 30.92 -42.31
C GLY A 199 -0.75 31.16 -42.40
N SER A 200 -0.17 31.81 -41.40
CA SER A 200 1.27 32.05 -41.40
C SER A 200 2.04 30.74 -41.30
N THR A 201 3.14 30.64 -42.04
CA THR A 201 3.96 29.45 -42.06
C THR A 201 4.86 29.41 -40.83
N GLY A 202 5.60 28.32 -40.69
CA GLY A 202 6.57 28.23 -39.60
C GLY A 202 7.65 29.28 -39.70
N GLU A 203 8.11 29.57 -40.92
CA GLU A 203 9.10 30.62 -41.13
C GLU A 203 8.56 31.97 -40.69
N HIS A 204 7.28 32.24 -40.97
CA HIS A 204 6.72 33.54 -40.63
C HIS A 204 6.47 33.67 -39.13
N THR A 205 5.91 32.62 -38.51
CA THR A 205 5.76 32.62 -37.06
C THR A 205 7.11 32.83 -36.39
N LYS A 206 8.15 32.17 -36.90
CA LYS A 206 9.51 32.39 -36.41
C LYS A 206 9.89 33.85 -36.53
N SER A 207 9.59 34.47 -37.67
CA SER A 207 9.93 35.88 -37.86
C SER A 207 9.14 36.77 -36.92
N LEU A 208 7.85 36.47 -36.70
CA LEU A 208 7.03 37.26 -35.79
C LEU A 208 7.60 37.27 -34.38
N VAL A 209 8.00 36.10 -33.88
CA VAL A 209 8.48 36.00 -32.50
C VAL A 209 9.82 36.70 -32.35
N THR A 210 10.77 36.41 -33.24
CA THR A 210 12.11 36.97 -33.12
C THR A 210 12.12 38.47 -33.33
N GLN A 211 11.34 38.95 -34.30
CA GLN A 211 11.30 40.39 -34.56
C GLN A 211 10.68 41.14 -33.39
N TYR A 212 9.68 40.56 -32.75
CA TYR A 212 9.06 41.20 -31.58
C TYR A 212 10.04 41.28 -30.41
N LEU A 213 10.81 40.21 -30.19
CA LEU A 213 11.74 40.19 -29.06
C LEU A 213 12.93 41.11 -29.25
N ASN A 214 13.33 41.37 -30.48
CA ASN A 214 14.44 42.30 -30.72
C ASN A 214 13.97 43.75 -30.73
N ALA A 215 12.72 44.00 -31.12
CA ALA A 215 12.17 45.34 -31.05
C ALA A 215 11.85 45.74 -29.62
N THR A 216 11.58 44.76 -28.75
CA THR A 216 11.30 45.00 -27.35
C THR A 216 12.52 44.76 -26.46
N GLY A 217 13.67 44.45 -27.05
CA GLY A 217 14.86 44.20 -26.26
C GLY A 217 14.78 42.98 -25.37
N ASN A 218 14.06 41.94 -25.81
CA ASN A 218 13.91 40.70 -25.05
C ASN A 218 13.32 40.95 -23.67
N ARG A 219 12.41 41.92 -23.58
CA ARG A 219 11.73 42.18 -22.33
C ARG A 219 10.59 41.18 -22.14
N TRP A 220 10.19 41.00 -20.88
CA TRP A 220 9.11 40.07 -20.57
C TRP A 220 7.81 40.55 -21.21
N CYS A 221 7.14 39.63 -21.90
CA CYS A 221 5.91 39.95 -22.63
C CYS A 221 4.91 38.83 -22.41
N SER A 222 3.74 39.00 -23.01
CA SER A 222 2.71 37.96 -23.02
C SER A 222 2.71 37.26 -24.36
N TRP A 223 2.22 36.02 -24.36
CA TRP A 223 2.08 35.24 -25.58
C TRP A 223 0.66 34.71 -25.65
N SER A 224 -0.03 35.03 -26.74
CA SER A 224 -1.42 34.63 -26.94
C SER A 224 -1.79 34.97 -28.38
N LEU A 225 -2.95 34.49 -28.79
CA LEU A 225 -3.48 34.79 -30.12
C LEU A 225 -4.52 35.90 -30.11
N SER A 226 -4.95 36.34 -28.94
CA SER A 226 -5.99 37.37 -28.85
C SER A 226 -5.96 37.98 -27.45
N GLN A 227 -6.69 39.08 -27.31
CA GLN A 227 -6.86 39.73 -26.01
C GLN A 227 -8.01 39.13 -25.21
N ALA A 228 -8.87 38.32 -25.83
CA ALA A 228 -10.02 37.76 -25.12
C ALA A 228 -10.59 36.51 -25.79
N ARG A 229 -10.33 36.33 -27.09
CA ARG A 229 -11.03 35.32 -27.85
C ARG A 229 -10.38 33.94 -27.68
N LEU A 230 -11.11 32.92 -28.08
CA LEU A 230 -10.66 31.54 -27.99
C LEU A 230 -9.65 31.23 -29.11
N LEU A 231 -8.82 30.21 -28.87
CA LEU A 231 -7.88 29.78 -29.89
C LEU A 231 -8.61 29.31 -31.15
N THR A 232 -9.78 28.69 -31.00
CA THR A 232 -10.55 28.22 -32.14
C THR A 232 -11.16 29.36 -32.96
N SER A 233 -11.11 30.60 -32.46
CA SER A 233 -11.56 31.73 -33.29
C SER A 233 -10.61 32.01 -34.43
N PHE A 234 -9.39 31.48 -34.39
CA PHE A 234 -8.39 31.72 -35.41
C PHE A 234 -7.72 30.47 -35.94
N LEU A 235 -7.72 29.35 -35.20
CA LEU A 235 -7.00 28.16 -35.60
C LEU A 235 -7.96 27.02 -35.95
N PRO A 236 -7.64 26.23 -36.97
CA PRO A 236 -8.34 24.96 -37.17
C PRO A 236 -7.85 23.92 -36.17
N ALA A 237 -8.62 22.84 -36.06
CA ALA A 237 -8.33 21.81 -35.05
C ALA A 237 -6.94 21.21 -35.22
N GLN A 238 -6.46 21.09 -36.46
CA GLN A 238 -5.16 20.47 -36.71
C GLN A 238 -4.00 21.27 -36.11
N LEU A 239 -4.20 22.56 -35.84
CA LEU A 239 -3.13 23.42 -35.34
C LEU A 239 -3.26 23.73 -33.85
N LEU A 240 -4.31 23.24 -33.18
CA LEU A 240 -4.53 23.59 -31.78
C LEU A 240 -3.41 23.05 -30.90
N ARG A 241 -3.09 21.77 -31.04
CA ARG A 241 -2.05 21.16 -30.20
C ARG A 241 -0.69 21.80 -30.46
N LEU A 242 -0.41 22.13 -31.72
CA LEU A 242 0.86 22.76 -32.08
C LEU A 242 1.01 24.10 -31.38
N TYR A 243 -0.04 24.93 -31.44
CA TYR A 243 0.04 26.28 -30.87
C TYR A 243 0.07 26.24 -29.34
N GLN A 244 -0.58 25.27 -28.71
CA GLN A 244 -0.50 25.15 -27.27
C GLN A 244 0.90 24.78 -26.82
N LEU A 245 1.62 23.96 -27.60
CA LEU A 245 3.02 23.67 -27.32
C LEU A 245 3.88 24.92 -27.44
N MET A 246 3.60 25.76 -28.44
CA MET A 246 4.39 26.96 -28.64
C MET A 246 4.14 27.98 -27.54
N LEU A 247 2.86 28.25 -27.24
CA LEU A 247 2.54 29.29 -26.26
C LEU A 247 3.07 28.95 -24.88
N PHE A 248 3.06 27.66 -24.52
CA PHE A 248 3.61 27.24 -23.23
C PHE A 248 5.13 27.19 -23.23
N THR A 249 5.79 27.34 -24.38
CA THR A 249 7.24 27.28 -24.46
C THR A 249 7.86 28.54 -25.05
N LEU A 250 7.11 29.60 -25.20
CA LEU A 250 7.73 30.85 -25.62
C LEU A 250 8.16 31.64 -24.39
N PRO A 251 9.16 32.52 -24.53
CA PRO A 251 9.61 33.30 -23.37
C PRO A 251 8.60 34.37 -22.96
N GLY A 252 7.84 34.11 -21.91
CA GLY A 252 6.86 35.06 -21.42
C GLY A 252 5.70 34.34 -20.76
N THR A 253 4.63 35.10 -20.54
CA THR A 253 3.44 34.59 -19.88
C THR A 253 2.40 34.18 -20.91
N PRO A 254 2.02 32.91 -20.98
CA PRO A 254 0.95 32.50 -21.91
C PRO A 254 -0.42 32.80 -21.32
N VAL A 255 -1.29 33.39 -22.13
CA VAL A 255 -2.63 33.77 -21.72
C VAL A 255 -3.65 33.02 -22.56
N PHE A 256 -4.58 32.35 -21.91
CA PHE A 256 -5.64 31.59 -22.56
C PHE A 256 -7.00 32.08 -22.10
N SER A 257 -8.03 31.63 -22.81
CA SER A 257 -9.42 31.85 -22.41
C SER A 257 -10.06 30.52 -22.03
N TYR A 258 -11.07 30.59 -21.17
CA TYR A 258 -11.71 29.37 -20.69
C TYR A 258 -12.24 28.56 -21.86
N GLY A 259 -11.97 27.25 -21.84
CA GLY A 259 -12.32 26.37 -22.92
C GLY A 259 -11.18 26.02 -23.86
N ASP A 260 -10.13 26.85 -23.89
CA ASP A 260 -8.97 26.53 -24.73
C ASP A 260 -8.39 25.18 -24.38
N GLU A 261 -8.44 24.79 -23.10
CA GLU A 261 -7.85 23.53 -22.67
C GLU A 261 -8.58 22.32 -23.25
N ILE A 262 -9.84 22.47 -23.65
CA ILE A 262 -10.58 21.38 -24.29
C ILE A 262 -10.87 21.68 -25.75
N GLY A 263 -10.20 22.67 -26.34
CA GLY A 263 -10.46 23.03 -27.71
C GLY A 263 -11.88 23.48 -27.96
N LEU A 264 -12.46 24.23 -27.03
CA LEU A 264 -13.84 24.68 -27.16
C LEU A 264 -14.04 25.49 -28.43
N ASP A 265 -15.03 25.08 -29.23
CA ASP A 265 -15.34 25.71 -30.51
C ASP A 265 -16.76 26.25 -30.43
N ALA A 266 -16.90 27.57 -30.42
CA ALA A 266 -18.22 28.18 -30.31
C ALA A 266 -19.09 27.89 -31.52
N ALA A 267 -18.48 27.68 -32.70
CA ALA A 267 -19.26 27.36 -33.88
C ALA A 267 -19.92 25.99 -33.77
N ALA A 268 -19.33 25.09 -32.97
CA ALA A 268 -19.88 23.74 -32.80
C ALA A 268 -21.18 23.73 -32.02
N LEU A 269 -21.56 24.84 -31.39
CA LEU A 269 -22.80 24.93 -30.62
C LEU A 269 -23.70 25.96 -31.28
N PRO A 270 -24.68 25.55 -32.09
CA PRO A 270 -25.45 26.52 -32.88
C PRO A 270 -26.15 27.54 -32.01
N GLY A 271 -25.95 28.82 -32.35
CA GLY A 271 -26.56 29.92 -31.66
C GLY A 271 -25.71 30.54 -30.55
N GLN A 272 -24.70 29.84 -30.07
CA GLN A 272 -23.90 30.34 -28.96
C GLN A 272 -23.10 31.57 -29.38
N PRO A 273 -22.89 32.51 -28.47
CA PRO A 273 -22.06 33.68 -28.80
C PRO A 273 -20.60 33.29 -28.91
N MET A 274 -19.94 33.82 -29.95
CA MET A 274 -18.52 33.50 -30.18
C MET A 274 -17.66 33.95 -29.01
N GLU A 275 -18.06 35.01 -28.31
CA GLU A 275 -17.27 35.56 -27.22
C GLU A 275 -17.44 34.76 -25.92
N ALA A 276 -18.65 34.28 -25.63
CA ALA A 276 -18.94 33.61 -24.35
C ALA A 276 -19.73 32.32 -24.59
N PRO A 277 -19.09 31.29 -25.12
CA PRO A 277 -19.77 30.00 -25.29
C PRO A 277 -19.84 29.21 -23.99
N VAL A 278 -20.84 28.32 -23.93
CA VAL A 278 -21.02 27.49 -22.74
C VAL A 278 -19.84 26.55 -22.58
N MET A 279 -19.30 26.46 -21.37
CA MET A 279 -18.21 25.54 -21.08
C MET A 279 -18.76 24.13 -20.94
N LEU A 280 -18.14 23.18 -21.63
CA LEU A 280 -18.65 21.81 -21.73
C LEU A 280 -17.96 20.94 -20.69
N TRP A 281 -18.62 20.75 -19.54
CA TRP A 281 -18.07 19.89 -18.50
C TRP A 281 -18.42 18.43 -18.77
N ASP A 282 -19.68 18.15 -19.08
CA ASP A 282 -20.11 16.80 -19.40
C ASP A 282 -21.25 16.88 -20.41
N GLU A 283 -21.99 15.79 -20.58
CA GLU A 283 -23.07 15.73 -21.56
C GLU A 283 -24.31 16.50 -21.15
N SER A 284 -24.38 17.00 -19.92
CA SER A 284 -25.50 17.80 -19.47
C SER A 284 -25.22 19.30 -19.54
N SER A 285 -24.07 19.68 -20.08
CA SER A 285 -23.70 21.10 -20.11
C SER A 285 -24.47 21.88 -21.17
N PHE A 286 -24.84 21.22 -22.28
CA PHE A 286 -25.56 21.87 -23.37
C PHE A 286 -26.81 21.04 -23.66
N PRO A 287 -27.84 21.16 -22.83
CA PRO A 287 -29.07 20.38 -23.04
C PRO A 287 -29.96 20.91 -24.16
N ASP A 288 -29.61 22.06 -24.75
CA ASP A 288 -30.42 22.61 -25.84
C ASP A 288 -30.40 21.69 -27.05
N ILE A 289 -29.21 21.29 -27.50
CA ILE A 289 -29.05 20.41 -28.65
C ILE A 289 -28.19 19.23 -28.22
N PRO A 290 -28.79 18.15 -27.71
CA PRO A 290 -27.99 17.04 -27.18
C PRO A 290 -27.04 16.42 -28.19
N GLY A 291 -27.43 16.34 -29.46
CA GLY A 291 -26.56 15.75 -30.46
C GLY A 291 -25.33 16.57 -30.78
N ALA A 292 -25.33 17.86 -30.42
CA ALA A 292 -24.23 18.74 -30.79
C ALA A 292 -22.95 18.46 -30.02
N VAL A 293 -23.06 17.83 -28.85
CA VAL A 293 -21.91 17.63 -27.96
C VAL A 293 -21.67 16.14 -27.82
N SER A 294 -20.46 15.70 -28.13
CA SER A 294 -20.03 14.34 -27.87
C SER A 294 -19.10 14.32 -26.66
N ALA A 295 -18.81 13.11 -26.18
CA ALA A 295 -17.99 12.98 -24.97
C ALA A 295 -16.59 13.51 -25.17
N ASN A 296 -16.02 13.34 -26.37
CA ASN A 296 -14.67 13.81 -26.64
C ASN A 296 -14.55 15.33 -26.62
N MET A 297 -15.68 16.05 -26.60
CA MET A 297 -15.68 17.50 -26.54
C MET A 297 -15.72 18.05 -25.12
N THR A 298 -15.90 17.21 -24.11
CA THR A 298 -16.16 17.66 -22.74
C THR A 298 -14.92 17.50 -21.87
N VAL A 299 -14.95 18.19 -20.73
CA VAL A 299 -13.88 18.06 -19.74
C VAL A 299 -13.88 16.66 -19.14
N LYS A 300 -15.08 16.13 -18.84
CA LYS A 300 -15.18 14.79 -18.28
C LYS A 300 -14.62 13.74 -19.23
N GLY A 301 -14.95 13.85 -20.52
CA GLY A 301 -14.49 12.88 -21.48
C GLY A 301 -13.01 13.02 -21.80
N GLN A 302 -12.52 14.26 -21.91
CA GLN A 302 -11.11 14.46 -22.24
C GLN A 302 -10.20 14.16 -21.06
N SER A 303 -10.72 14.23 -19.83
CA SER A 303 -9.91 13.93 -18.66
C SER A 303 -9.55 12.45 -18.57
N GLU A 304 -10.34 11.57 -19.18
CA GLU A 304 -10.06 10.15 -19.22
C GLU A 304 -9.18 9.74 -20.39
N ASP A 305 -8.82 10.67 -21.27
CA ASP A 305 -8.07 10.35 -22.47
C ASP A 305 -6.68 10.97 -22.39
N PRO A 306 -5.61 10.17 -22.34
CA PRO A 306 -4.26 10.75 -22.34
C PRO A 306 -3.93 11.50 -23.62
N GLY A 307 -4.51 11.11 -24.75
CA GLY A 307 -4.31 11.80 -26.00
C GLY A 307 -5.13 13.05 -26.19
N SER A 308 -6.03 13.36 -25.25
CA SER A 308 -6.91 14.50 -25.40
C SER A 308 -6.14 15.83 -25.29
N LEU A 309 -6.77 16.89 -25.79
CA LEU A 309 -6.17 18.21 -25.71
C LEU A 309 -6.06 18.68 -24.27
N LEU A 310 -6.98 18.26 -23.40
CA LEU A 310 -6.89 18.63 -21.99
C LEU A 310 -5.69 17.98 -21.32
N SER A 311 -5.40 16.73 -21.66
CA SER A 311 -4.24 16.06 -21.08
C SER A 311 -2.95 16.72 -21.53
N LEU A 312 -2.88 17.15 -22.79
CA LEU A 312 -1.70 17.87 -23.27
C LEU A 312 -1.59 19.23 -22.60
N PHE A 313 -2.71 19.93 -22.42
CA PHE A 313 -2.70 21.22 -21.73
C PHE A 313 -2.14 21.08 -20.32
N ARG A 314 -2.58 20.05 -19.60
CA ARG A 314 -2.10 19.84 -18.23
C ARG A 314 -0.63 19.48 -18.20
N ARG A 315 -0.17 18.68 -19.16
CA ARG A 315 1.24 18.31 -19.21
C ARG A 315 2.12 19.52 -19.51
N LEU A 316 1.72 20.34 -20.48
CA LEU A 316 2.51 21.52 -20.83
C LEU A 316 2.47 22.55 -19.71
N SER A 317 1.33 22.71 -19.05
CA SER A 317 1.23 23.68 -17.97
C SER A 317 2.06 23.24 -16.77
N ASP A 318 2.10 21.93 -16.50
CA ASP A 318 2.96 21.43 -15.43
C ASP A 318 4.43 21.71 -15.74
N GLN A 319 4.85 21.50 -17.00
CA GLN A 319 6.23 21.75 -17.36
C GLN A 319 6.56 23.24 -17.32
N ARG A 320 5.59 24.09 -17.66
CA ARG A 320 5.84 25.52 -17.71
C ARG A 320 6.01 26.13 -16.32
N SER A 321 5.36 25.56 -15.31
CA SER A 321 5.37 26.11 -13.97
C SER A 321 6.42 25.50 -13.06
N LYS A 322 7.18 24.50 -13.52
CA LYS A 322 8.14 23.83 -12.66
C LYS A 322 9.56 23.81 -13.21
N GLU A 323 9.75 23.77 -14.52
CA GLU A 323 11.09 23.73 -15.09
C GLU A 323 11.67 25.14 -15.16
N ARG A 324 12.85 25.34 -14.57
CA ARG A 324 13.44 26.67 -14.47
C ARG A 324 13.84 27.24 -15.81
N SER A 325 14.11 26.39 -16.81
CA SER A 325 14.43 26.90 -18.14
C SER A 325 13.21 27.53 -18.80
N LEU A 326 12.01 27.05 -18.48
CA LEU A 326 10.79 27.61 -19.02
C LEU A 326 10.24 28.76 -18.18
N LEU A 327 10.70 28.90 -16.93
CA LEU A 327 10.21 29.97 -16.08
C LEU A 327 10.94 31.29 -16.33
N HIS A 328 12.17 31.24 -16.81
CA HIS A 328 12.95 32.43 -17.12
C HIS A 328 13.09 32.59 -18.63
N GLY A 329 13.11 33.84 -19.08
CA GLY A 329 13.04 34.14 -20.49
C GLY A 329 14.36 34.27 -21.24
N ASP A 330 15.07 33.16 -21.40
CA ASP A 330 16.26 33.10 -22.25
C ASP A 330 15.96 32.15 -23.41
N PHE A 331 16.05 32.68 -24.64
CA PHE A 331 15.46 32.04 -25.81
C PHE A 331 16.28 32.36 -27.04
N HIS A 332 16.60 31.34 -27.84
CA HIS A 332 17.26 31.53 -29.12
C HIS A 332 16.67 30.56 -30.14
N ALA A 333 16.23 31.09 -31.28
CA ALA A 333 15.64 30.30 -32.36
C ALA A 333 16.57 30.32 -33.55
N PHE A 334 17.03 29.13 -33.97
CA PHE A 334 17.94 28.99 -35.10
C PHE A 334 17.19 28.63 -36.37
N SER A 335 17.73 29.05 -37.50
CA SER A 335 17.15 28.72 -38.79
C SER A 335 17.28 27.22 -39.06
N ALA A 336 16.15 26.57 -39.40
CA ALA A 336 16.19 25.13 -39.60
C ALA A 336 15.20 24.63 -40.65
N GLY A 337 14.64 25.50 -41.49
CA GLY A 337 13.79 25.05 -42.56
C GLY A 337 12.74 26.06 -43.00
N PRO A 338 11.97 25.69 -44.04
CA PRO A 338 10.93 26.59 -44.54
C PRO A 338 9.70 26.65 -43.64
N GLY A 339 9.19 25.48 -43.25
CA GLY A 339 7.99 25.45 -42.43
C GLY A 339 8.25 25.03 -41.01
N LEU A 340 9.50 25.12 -40.57
CA LEU A 340 9.89 24.73 -39.22
C LEU A 340 10.08 25.97 -38.35
N PHE A 341 9.68 25.86 -37.09
CA PHE A 341 10.01 26.82 -36.04
C PHE A 341 10.69 26.03 -34.93
N SER A 342 12.00 26.20 -34.78
CA SER A 342 12.77 25.46 -33.78
C SER A 342 13.52 26.43 -32.89
N TYR A 343 13.56 26.13 -31.59
CA TYR A 343 14.29 26.98 -30.66
C TYR A 343 14.66 26.18 -29.41
N ILE A 344 15.59 26.74 -28.65
CA ILE A 344 16.09 26.16 -27.41
C ILE A 344 15.71 27.07 -26.26
N ARG A 345 15.47 26.47 -25.09
CA ARG A 345 15.19 27.22 -23.87
C ARG A 345 16.08 26.72 -22.76
N HIS A 346 16.74 27.65 -22.08
CA HIS A 346 17.76 27.31 -21.09
C HIS A 346 17.80 28.38 -20.01
N TRP A 347 18.31 28.01 -18.85
CA TRP A 347 18.57 28.96 -17.78
C TRP A 347 19.69 28.40 -16.93
N ASP A 348 20.85 29.07 -16.98
CA ASP A 348 22.03 28.66 -16.23
C ASP A 348 22.40 27.21 -16.51
N GLN A 349 22.20 26.33 -15.52
CA GLN A 349 22.62 24.93 -15.64
C GLN A 349 21.47 23.94 -15.47
N ASN A 350 20.22 24.39 -15.54
CA ASN A 350 19.11 23.46 -15.38
C ASN A 350 18.86 22.70 -16.67
N GLU A 351 17.81 21.88 -16.67
CA GLU A 351 17.45 21.11 -17.85
C GLU A 351 17.06 22.03 -19.00
N ARG A 352 17.60 21.76 -20.19
CA ARG A 352 17.28 22.55 -21.37
C ARG A 352 16.22 21.83 -22.19
N PHE A 353 15.47 22.62 -22.97
CA PHE A 353 14.34 22.12 -23.74
C PHE A 353 14.44 22.57 -25.18
N LEU A 354 14.22 21.64 -26.10
CA LEU A 354 14.21 21.91 -27.53
C LEU A 354 12.79 21.77 -28.05
N VAL A 355 12.32 22.78 -28.76
CA VAL A 355 10.97 22.80 -29.32
C VAL A 355 11.10 22.83 -30.85
N VAL A 356 10.48 21.88 -31.52
CA VAL A 356 10.48 21.79 -32.97
C VAL A 356 9.04 21.73 -33.44
N LEU A 357 8.63 22.71 -34.24
CA LEU A 357 7.24 22.87 -34.65
C LEU A 357 7.16 22.82 -36.18
N ASN A 358 6.33 21.93 -36.71
CA ASN A 358 6.10 21.80 -38.14
C ASN A 358 4.70 22.33 -38.44
N PHE A 359 4.63 23.53 -39.00
CA PHE A 359 3.35 24.16 -39.35
C PHE A 359 2.80 23.69 -40.69
N GLY A 360 3.59 22.96 -41.48
CA GLY A 360 3.18 22.58 -42.82
C GLY A 360 2.50 21.23 -42.90
N ASP A 361 1.96 20.92 -44.09
CA ASP A 361 1.25 19.68 -44.33
C ASP A 361 2.15 18.58 -44.88
N VAL A 362 3.47 18.77 -44.85
CA VAL A 362 4.42 17.80 -45.36
C VAL A 362 5.48 17.55 -44.30
N GLY A 363 6.04 16.34 -44.30
CA GLY A 363 7.14 16.03 -43.41
C GLY A 363 8.39 16.83 -43.76
N LEU A 364 8.97 17.47 -42.75
CA LEU A 364 10.10 18.38 -42.92
C LEU A 364 11.21 17.98 -41.97
N SER A 365 12.46 18.13 -42.41
CA SER A 365 13.61 17.66 -41.66
C SER A 365 14.25 18.79 -40.85
N ALA A 366 14.76 18.44 -39.68
CA ALA A 366 15.45 19.38 -38.81
C ALA A 366 16.86 19.64 -39.31
N LEU A 379 24.46 22.25 -28.79
CA LEU A 379 23.37 21.28 -28.88
C LEU A 379 23.95 19.87 -28.92
N PRO A 380 23.36 18.94 -28.17
CA PRO A 380 23.83 17.56 -28.20
C PRO A 380 23.42 16.84 -29.46
N ALA A 381 24.06 15.67 -29.67
CA ALA A 381 23.68 14.81 -30.77
C ALA A 381 22.40 14.05 -30.45
N LYS A 382 22.26 13.58 -29.21
CA LYS A 382 21.11 12.80 -28.77
C LYS A 382 20.45 13.50 -27.60
N ALA A 383 19.12 13.66 -27.69
CA ALA A 383 18.33 14.24 -26.61
C ALA A 383 17.11 13.37 -26.33
N ASP A 384 16.59 13.50 -25.12
CA ASP A 384 15.45 12.70 -24.68
C ASP A 384 14.15 13.41 -25.01
N LEU A 385 13.24 12.69 -25.66
CA LEU A 385 11.96 13.27 -26.07
C LEU A 385 10.97 13.27 -24.91
N LEU A 386 10.52 14.46 -24.50
CA LEU A 386 9.53 14.54 -23.44
C LEU A 386 8.15 14.16 -23.95
N LEU A 387 7.69 14.83 -25.02
CA LEU A 387 6.39 14.52 -25.60
C LEU A 387 6.35 15.01 -27.04
N SER A 388 5.31 14.56 -27.75
CA SER A 388 4.98 15.03 -29.09
C SER A 388 3.50 15.38 -29.13
N THR A 389 3.15 16.29 -30.04
CA THR A 389 1.74 16.64 -30.20
C THR A 389 0.94 15.56 -30.92
N GLN A 390 1.59 14.49 -31.38
CA GLN A 390 0.92 13.39 -32.05
C GLN A 390 1.42 12.07 -31.47
N PRO A 391 0.56 11.05 -31.42
CA PRO A 391 0.97 9.78 -30.82
C PRO A 391 1.85 8.97 -31.76
N GLY A 392 2.40 7.89 -31.21
CA GLY A 392 3.24 6.98 -31.96
C GLY A 392 4.73 7.13 -31.78
N ARG A 393 5.19 7.71 -30.68
CA ARG A 393 6.61 7.86 -30.41
C ARG A 393 6.94 7.38 -29.00
N GLU A 394 8.24 7.22 -28.75
CA GLU A 394 8.75 6.70 -27.48
C GLU A 394 9.10 7.88 -26.58
N GLU A 395 8.16 8.25 -25.71
CA GLU A 395 8.40 9.29 -24.71
C GLU A 395 9.17 8.67 -23.54
N GLY A 396 10.33 9.24 -23.22
CA GLY A 396 11.22 8.65 -22.26
C GLY A 396 12.30 7.78 -22.84
N SER A 397 12.58 7.90 -24.14
CA SER A 397 13.61 7.13 -24.81
C SER A 397 14.31 8.14 -25.73
N PRO A 398 15.63 8.21 -25.70
CA PRO A 398 16.33 9.29 -26.40
C PRO A 398 16.15 9.23 -27.91
N LEU A 399 15.99 10.40 -28.51
CA LEU A 399 16.03 10.56 -29.95
C LEU A 399 17.27 11.36 -30.33
N GLU A 400 17.45 11.55 -31.64
CA GLU A 400 18.60 12.27 -32.16
C GLU A 400 18.14 13.40 -33.07
N LEU A 401 18.98 14.44 -33.16
CA LEU A 401 18.59 15.72 -33.74
C LEU A 401 19.16 15.92 -35.13
N GLU A 402 19.56 14.83 -35.80
CA GLU A 402 20.00 14.88 -37.19
C GLU A 402 19.05 14.14 -38.12
N ARG A 403 18.55 12.99 -37.69
CA ARG A 403 17.49 12.27 -38.39
C ARG A 403 16.11 12.57 -37.84
N LEU A 404 15.99 13.65 -37.04
CA LEU A 404 14.68 14.13 -36.64
C LEU A 404 13.78 14.33 -37.85
N LYS A 405 12.59 13.74 -37.79
CA LYS A 405 11.62 13.80 -38.87
C LYS A 405 10.25 14.06 -38.28
N LEU A 406 9.61 15.13 -38.71
CA LEU A 406 8.32 15.56 -38.16
C LEU A 406 7.21 15.22 -39.15
N GLU A 407 6.11 14.66 -38.63
CA GLU A 407 4.91 14.46 -39.40
C GLU A 407 4.21 15.81 -39.59
N PRO A 408 3.23 15.90 -40.48
CA PRO A 408 2.50 17.16 -40.65
C PRO A 408 1.85 17.61 -39.35
N HIS A 409 2.00 18.90 -39.05
CA HIS A 409 1.42 19.55 -37.86
C HIS A 409 1.93 18.95 -36.55
N GLU A 410 3.08 18.31 -36.57
CA GLU A 410 3.62 17.69 -35.37
C GLU A 410 4.56 18.66 -34.65
N GLY A 411 4.50 18.62 -33.33
CA GLY A 411 5.42 19.40 -32.51
C GLY A 411 6.13 18.51 -31.52
N LEU A 412 7.41 18.79 -31.30
CA LEU A 412 8.26 17.99 -30.43
C LEU A 412 8.82 18.83 -29.30
N LEU A 413 8.86 18.24 -28.10
CA LEU A 413 9.53 18.83 -26.94
C LEU A 413 10.53 17.82 -26.41
N LEU A 414 11.81 18.20 -26.37
CA LEU A 414 12.88 17.29 -26.00
C LEU A 414 13.70 17.85 -24.84
N ARG A 415 14.33 16.95 -24.09
CA ARG A 415 15.10 17.33 -22.91
C ARG A 415 16.56 16.90 -23.09
N PHE A 416 17.47 17.68 -22.50
CA PHE A 416 18.88 17.31 -22.44
C PHE A 416 19.57 18.19 -21.40
N PRO A 417 20.46 17.63 -20.56
CA PRO A 417 21.14 18.36 -19.49
C PRO A 417 22.38 19.12 -19.95
N GLN B 6 -22.87 9.88 21.73
CA GLN B 6 -24.24 9.51 21.39
C GLN B 6 -24.46 9.59 19.87
N LYS B 7 -25.70 9.35 19.44
CA LYS B 7 -26.04 9.48 18.03
C LYS B 7 -25.89 10.94 17.59
N TRP B 8 -25.51 11.13 16.32
CA TRP B 8 -25.25 12.48 15.85
C TRP B 8 -26.51 13.33 15.83
N TRP B 9 -27.65 12.72 15.48
CA TRP B 9 -28.89 13.49 15.44
C TRP B 9 -29.45 13.77 16.83
N HIS B 10 -28.81 13.29 17.90
CA HIS B 10 -29.16 13.69 19.25
C HIS B 10 -28.48 14.99 19.67
N THR B 11 -27.48 15.46 18.93
CA THR B 11 -26.60 16.51 19.38
C THR B 11 -26.98 17.89 18.86
N GLY B 12 -28.14 18.05 18.24
CA GLY B 12 -28.53 19.36 17.76
C GLY B 12 -29.71 19.28 16.81
N ALA B 13 -29.92 20.39 16.10
CA ALA B 13 -31.10 20.56 15.26
C ALA B 13 -30.85 20.07 13.84
N LEU B 14 -31.92 19.65 13.19
CA LEU B 14 -31.90 19.29 11.78
C LEU B 14 -32.49 20.44 10.96
N TYR B 15 -32.04 20.54 9.71
CA TYR B 15 -32.33 21.69 8.86
C TYR B 15 -32.78 21.17 7.49
N ARG B 16 -34.06 21.39 7.17
CA ARG B 16 -34.65 20.84 5.96
C ARG B 16 -34.55 21.86 4.82
N ILE B 17 -33.91 21.44 3.72
CA ILE B 17 -33.82 22.26 2.52
C ILE B 17 -34.58 21.54 1.42
N GLY B 18 -35.89 21.85 1.29
CA GLY B 18 -36.71 21.15 0.32
C GLY B 18 -36.49 21.59 -1.10
N ASP B 19 -36.07 22.83 -1.31
CA ASP B 19 -35.83 23.37 -2.65
C ASP B 19 -34.45 23.99 -2.67
N LEU B 20 -33.58 23.48 -3.56
CA LEU B 20 -32.22 23.99 -3.65
C LEU B 20 -32.17 25.35 -4.34
N GLN B 21 -33.00 25.56 -5.37
CA GLN B 21 -32.95 26.81 -6.11
C GLN B 21 -33.55 27.95 -5.32
N ALA B 22 -34.58 27.69 -4.53
CA ALA B 22 -35.15 28.73 -3.68
C ALA B 22 -34.23 29.08 -2.52
N PHE B 23 -33.49 28.10 -2.01
CA PHE B 23 -32.59 28.35 -0.88
C PHE B 23 -31.40 29.21 -1.27
N GLN B 24 -30.93 29.11 -2.52
CA GLN B 24 -29.72 29.78 -2.97
C GLN B 24 -29.96 30.91 -3.96
N GLY B 25 -31.00 30.82 -4.77
CA GLY B 25 -31.26 31.80 -5.81
C GLY B 25 -31.51 31.15 -7.15
N HIS B 26 -32.16 31.88 -8.07
CA HIS B 26 -32.54 31.30 -9.34
C HIS B 26 -31.32 30.89 -10.16
N GLY B 27 -31.33 29.63 -10.61
CA GLY B 27 -30.26 29.08 -11.42
C GLY B 27 -29.08 28.53 -10.66
N ALA B 28 -28.80 29.06 -9.47
CA ALA B 28 -27.72 28.57 -8.63
C ALA B 28 -28.13 27.35 -7.82
N GLY B 29 -29.28 26.77 -8.10
CA GLY B 29 -29.82 25.66 -7.35
C GLY B 29 -29.24 24.30 -7.66
N ASN B 30 -27.96 24.10 -7.36
CA ASN B 30 -27.31 22.82 -7.59
C ASN B 30 -26.55 22.42 -6.33
N LEU B 31 -26.09 21.17 -6.31
CA LEU B 31 -25.40 20.64 -5.14
C LEU B 31 -24.07 21.33 -4.91
N ALA B 32 -23.35 21.67 -5.99
CA ALA B 32 -22.07 22.35 -5.84
C ALA B 32 -22.24 23.73 -5.21
N GLY B 33 -23.34 24.42 -5.51
CA GLY B 33 -23.58 25.72 -4.90
C GLY B 33 -23.93 25.62 -3.43
N LEU B 34 -24.63 24.55 -3.03
CA LEU B 34 -24.96 24.34 -1.63
C LEU B 34 -23.69 24.20 -0.79
N LYS B 35 -22.59 23.75 -1.41
CA LYS B 35 -21.31 23.64 -0.72
C LYS B 35 -20.87 24.99 -0.17
N GLY B 36 -21.17 26.08 -0.88
CA GLY B 36 -20.80 27.41 -0.44
C GLY B 36 -21.65 27.98 0.68
N ARG B 37 -22.71 27.29 1.07
CA ARG B 37 -23.57 27.72 2.17
C ARG B 37 -23.32 26.94 3.45
N LEU B 38 -22.36 26.01 3.45
CA LEU B 38 -22.11 25.22 4.65
C LEU B 38 -21.57 26.07 5.79
N ASP B 39 -20.83 27.13 5.48
CA ASP B 39 -20.34 28.02 6.53
C ASP B 39 -21.49 28.70 7.27
N TYR B 40 -22.49 29.17 6.53
CA TYR B 40 -23.66 29.77 7.15
C TYR B 40 -24.39 28.75 8.03
N LEU B 41 -24.53 27.52 7.53
CA LEU B 41 -25.20 26.48 8.31
C LEU B 41 -24.39 26.11 9.55
N SER B 42 -23.06 26.27 9.51
CA SER B 42 -22.26 26.09 10.71
C SER B 42 -22.56 27.16 11.75
N SER B 43 -22.77 28.41 11.31
CA SER B 43 -23.12 29.47 12.24
C SER B 43 -24.45 29.22 12.93
N LEU B 44 -25.33 28.41 12.32
CA LEU B 44 -26.57 28.00 12.95
C LEU B 44 -26.39 26.81 13.89
N LYS B 45 -25.22 26.16 13.89
CA LYS B 45 -24.94 25.00 14.74
C LYS B 45 -25.88 23.84 14.46
N VAL B 46 -26.34 23.71 13.22
CA VAL B 46 -27.16 22.56 12.87
C VAL B 46 -26.25 21.35 12.67
N LYS B 47 -26.78 20.17 13.00
CA LYS B 47 -26.00 18.94 12.92
C LYS B 47 -26.30 18.12 11.68
N GLY B 48 -27.38 18.43 10.97
CA GLY B 48 -27.73 17.67 9.78
C GLY B 48 -28.61 18.43 8.81
N LEU B 49 -28.36 18.23 7.52
CA LEU B 49 -29.21 18.80 6.49
C LEU B 49 -30.10 17.70 5.93
N VAL B 50 -31.38 18.04 5.73
CA VAL B 50 -32.30 17.16 5.03
C VAL B 50 -32.43 17.73 3.62
N LEU B 51 -31.81 17.06 2.66
CA LEU B 51 -31.65 17.57 1.31
C LEU B 51 -32.54 16.81 0.35
N GLY B 52 -33.18 17.53 -0.56
CA GLY B 52 -33.87 16.93 -1.67
C GLY B 52 -35.37 16.82 -1.48
N PRO B 53 -36.01 15.90 -2.22
CA PRO B 53 -35.41 14.92 -3.15
C PRO B 53 -34.71 15.55 -4.36
N ILE B 54 -33.78 14.80 -4.96
CA ILE B 54 -32.99 15.30 -6.08
C ILE B 54 -32.93 14.27 -7.19
N HIS B 55 -33.69 13.19 -7.05
CA HIS B 55 -33.60 12.11 -8.02
C HIS B 55 -34.46 12.40 -9.24
N LYS B 56 -34.19 11.65 -10.32
CA LYS B 56 -34.98 11.74 -11.54
C LYS B 56 -36.39 11.22 -11.27
N ASN B 57 -37.40 12.05 -11.51
CA ASN B 57 -38.79 11.67 -11.26
C ASN B 57 -39.68 12.29 -12.32
N GLN B 58 -39.98 11.51 -13.37
CA GLN B 58 -41.06 11.87 -14.27
C GLN B 58 -42.39 11.67 -13.54
N LYS B 59 -43.12 12.76 -13.32
CA LYS B 59 -44.23 12.75 -12.38
C LYS B 59 -45.31 11.75 -12.79
N ASP B 60 -45.82 11.01 -11.82
CA ASP B 60 -46.88 10.03 -11.97
C ASP B 60 -46.52 8.90 -12.94
N ASP B 61 -45.22 8.65 -13.13
CA ASP B 61 -44.74 7.57 -13.99
C ASP B 61 -43.73 6.76 -13.20
N VAL B 62 -44.13 5.56 -12.76
CA VAL B 62 -43.27 4.73 -11.92
C VAL B 62 -42.06 4.25 -12.71
N ALA B 63 -42.28 3.77 -13.93
CA ALA B 63 -41.18 3.22 -14.72
C ALA B 63 -40.12 4.27 -15.03
N GLN B 64 -40.53 5.52 -15.22
CA GLN B 64 -39.59 6.60 -15.54
C GLN B 64 -39.20 7.41 -14.31
N THR B 65 -39.12 6.76 -13.15
CA THR B 65 -38.64 7.37 -11.91
C THR B 65 -37.50 6.52 -11.39
N ASP B 66 -36.35 7.14 -11.19
CA ASP B 66 -35.11 6.44 -10.83
C ASP B 66 -34.53 7.14 -9.60
N LEU B 67 -34.69 6.51 -8.43
CA LEU B 67 -34.16 7.09 -7.20
C LEU B 67 -32.64 7.04 -7.12
N LEU B 68 -31.98 6.35 -8.05
CA LEU B 68 -30.53 6.19 -8.03
C LEU B 68 -29.82 7.18 -8.94
N GLN B 69 -30.54 8.07 -9.62
CA GLN B 69 -29.94 9.01 -10.55
C GLN B 69 -30.38 10.42 -10.19
N ILE B 70 -29.42 11.34 -10.14
CA ILE B 70 -29.68 12.72 -9.78
C ILE B 70 -30.16 13.48 -11.01
N ASP B 71 -31.24 14.24 -10.84
CA ASP B 71 -31.71 15.17 -11.87
C ASP B 71 -30.58 16.13 -12.24
N PRO B 72 -30.21 16.22 -13.53
CA PRO B 72 -29.08 17.08 -13.92
C PRO B 72 -29.24 18.52 -13.51
N ASN B 73 -30.48 19.00 -13.33
CA ASN B 73 -30.71 20.37 -12.88
C ASN B 73 -30.17 20.61 -11.47
N PHE B 74 -29.83 19.56 -10.72
CA PHE B 74 -29.27 19.70 -9.39
C PHE B 74 -27.79 19.40 -9.33
N GLY B 75 -27.21 18.81 -10.39
CA GLY B 75 -25.81 18.46 -10.42
C GLY B 75 -25.62 17.00 -10.76
N SER B 76 -24.40 16.52 -10.55
CA SER B 76 -24.01 15.15 -10.86
C SER B 76 -23.73 14.38 -9.56
N LYS B 77 -23.45 13.08 -9.72
CA LYS B 77 -23.05 12.27 -8.58
C LYS B 77 -21.73 12.76 -7.99
N GLU B 78 -20.83 13.26 -8.82
CA GLU B 78 -19.57 13.79 -8.32
C GLU B 78 -19.78 15.09 -7.55
N ASP B 79 -20.74 15.91 -7.99
CA ASP B 79 -21.14 17.08 -7.20
C ASP B 79 -21.67 16.67 -5.84
N PHE B 80 -22.46 15.59 -5.80
CA PHE B 80 -23.00 15.10 -4.53
C PHE B 80 -21.89 14.57 -3.63
N ASP B 81 -20.92 13.85 -4.20
CA ASP B 81 -19.78 13.37 -3.42
C ASP B 81 -18.98 14.53 -2.85
N SER B 82 -18.76 15.57 -3.67
CA SER B 82 -18.05 16.75 -3.20
C SER B 82 -18.81 17.42 -2.05
N LEU B 83 -20.14 17.46 -2.15
CA LEU B 83 -20.95 18.03 -1.08
C LEU B 83 -20.85 17.20 0.20
N LEU B 84 -20.82 15.87 0.07
CA LEU B 84 -20.73 15.01 1.24
C LEU B 84 -19.40 15.19 1.97
N GLN B 85 -18.30 15.32 1.23
CA GLN B 85 -17.00 15.48 1.87
C GLN B 85 -16.85 16.86 2.52
N SER B 86 -17.34 17.90 1.86
CA SER B 86 -17.27 19.24 2.44
C SER B 86 -18.10 19.33 3.73
N ALA B 87 -19.27 18.69 3.74
CA ALA B 87 -20.10 18.69 4.94
C ALA B 87 -19.47 17.87 6.06
N LYS B 88 -18.80 16.77 5.71
CA LYS B 88 -18.11 15.97 6.72
C LYS B 88 -16.99 16.76 7.39
N LYS B 89 -16.28 17.58 6.62
CA LYS B 89 -15.18 18.34 7.19
C LYS B 89 -15.66 19.37 8.21
N LYS B 90 -16.93 19.75 8.13
CA LYS B 90 -17.53 20.76 8.99
C LYS B 90 -18.52 20.18 9.99
N SER B 91 -18.48 18.86 10.19
CA SER B 91 -19.29 18.18 11.20
C SER B 91 -20.79 18.33 10.93
N ILE B 92 -21.16 18.47 9.66
CA ILE B 92 -22.55 18.53 9.24
C ILE B 92 -22.87 17.27 8.46
N ARG B 93 -23.96 16.60 8.83
CA ARG B 93 -24.35 15.36 8.16
C ARG B 93 -25.49 15.64 7.19
N VAL B 94 -25.65 14.72 6.23
CA VAL B 94 -26.57 14.92 5.10
C VAL B 94 -27.63 13.83 5.13
N ILE B 95 -28.89 14.25 5.14
CA ILE B 95 -30.05 13.36 5.05
C ILE B 95 -30.64 13.52 3.65
N LEU B 96 -30.85 12.41 2.96
CA LEU B 96 -31.36 12.43 1.60
C LEU B 96 -32.84 12.07 1.62
N ASP B 97 -33.67 12.96 1.09
CA ASP B 97 -35.10 12.71 0.98
C ASP B 97 -35.35 11.84 -0.24
N LEU B 98 -36.00 10.70 -0.04
CA LEU B 98 -36.22 9.71 -1.08
C LEU B 98 -37.69 9.54 -1.45
N THR B 99 -38.53 10.51 -1.11
CA THR B 99 -39.94 10.43 -1.47
C THR B 99 -40.07 10.28 -2.98
N PRO B 100 -40.62 9.16 -3.48
CA PRO B 100 -40.46 8.80 -4.89
C PRO B 100 -41.07 9.79 -5.87
N ASN B 101 -42.37 10.02 -5.78
CA ASN B 101 -43.08 10.86 -6.75
C ASN B 101 -43.23 12.28 -6.20
N TYR B 102 -42.09 12.91 -5.90
CA TYR B 102 -42.10 14.21 -5.26
C TYR B 102 -42.42 15.36 -6.22
N ARG B 103 -42.55 15.06 -7.52
CA ARG B 103 -42.97 16.06 -8.49
C ARG B 103 -44.41 15.87 -8.93
N GLY B 104 -45.09 14.84 -8.41
CA GLY B 104 -46.48 14.62 -8.68
C GLY B 104 -47.35 14.97 -7.48
N GLU B 105 -48.65 14.76 -7.65
CA GLU B 105 -49.58 15.14 -6.59
C GLU B 105 -49.65 14.08 -5.50
N ASN B 106 -49.55 12.80 -5.86
CA ASN B 106 -49.46 11.72 -4.90
C ASN B 106 -47.99 11.33 -4.74
N SER B 107 -47.45 11.49 -3.53
CA SER B 107 -46.03 11.31 -3.30
C SER B 107 -45.57 9.88 -3.49
N TRP B 108 -46.46 8.90 -3.34
CA TRP B 108 -46.10 7.49 -3.44
C TRP B 108 -46.76 6.81 -4.65
N PHE B 109 -47.17 7.59 -5.64
CA PHE B 109 -47.94 7.12 -6.78
C PHE B 109 -49.26 6.52 -6.31
N SER B 110 -50.11 6.12 -7.24
CA SER B 110 -51.37 5.46 -6.91
C SER B 110 -51.38 4.00 -7.33
N THR B 111 -50.31 3.51 -7.93
CA THR B 111 -50.22 2.14 -8.43
C THR B 111 -48.89 1.53 -8.04
N GLN B 112 -48.82 0.20 -8.13
CA GLN B 112 -47.58 -0.57 -8.03
C GLN B 112 -46.83 -0.27 -6.71
N VAL B 113 -47.53 -0.53 -5.61
CA VAL B 113 -46.94 -0.25 -4.29
C VAL B 113 -45.68 -1.07 -4.08
N ASP B 114 -45.66 -2.32 -4.55
CA ASP B 114 -44.50 -3.18 -4.34
C ASP B 114 -43.30 -2.69 -5.15
N THR B 115 -43.52 -2.24 -6.39
CA THR B 115 -42.41 -1.70 -7.19
C THR B 115 -41.87 -0.42 -6.57
N VAL B 116 -42.76 0.46 -6.10
CA VAL B 116 -42.32 1.71 -5.48
C VAL B 116 -41.53 1.44 -4.21
N ALA B 117 -42.02 0.51 -3.38
CA ALA B 117 -41.30 0.19 -2.15
C ALA B 117 -39.94 -0.43 -2.45
N THR B 118 -39.83 -1.21 -3.52
CA THR B 118 -38.54 -1.76 -3.92
C THR B 118 -37.58 -0.66 -4.34
N LYS B 119 -38.09 0.34 -5.08
CA LYS B 119 -37.26 1.48 -5.46
C LYS B 119 -36.67 2.17 -4.24
N VAL B 120 -37.48 2.41 -3.22
CA VAL B 120 -36.98 3.06 -2.01
C VAL B 120 -35.99 2.16 -1.29
N LYS B 121 -36.32 0.88 -1.15
CA LYS B 121 -35.46 -0.07 -0.47
C LYS B 121 -34.09 -0.16 -1.15
N ASP B 122 -34.08 -0.29 -2.48
CA ASP B 122 -32.81 -0.34 -3.19
C ASP B 122 -32.07 0.99 -3.12
N ALA B 123 -32.79 2.10 -3.09
CA ALA B 123 -32.14 3.41 -2.96
C ALA B 123 -31.49 3.55 -1.60
N LEU B 124 -32.11 2.99 -0.56
CA LEU B 124 -31.49 2.98 0.77
C LEU B 124 -30.11 2.36 0.72
N GLU B 125 -30.01 1.15 0.16
CA GLU B 125 -28.73 0.44 0.13
C GLU B 125 -27.75 1.15 -0.81
N PHE B 126 -28.24 1.68 -1.93
CA PHE B 126 -27.37 2.38 -2.87
C PHE B 126 -26.73 3.61 -2.23
N TRP B 127 -27.55 4.50 -1.66
CA TRP B 127 -27.02 5.75 -1.12
C TRP B 127 -26.28 5.56 0.20
N LEU B 128 -26.55 4.47 0.94
CA LEU B 128 -25.73 4.17 2.11
C LEU B 128 -24.30 3.86 1.71
N GLN B 129 -24.12 3.10 0.62
CA GLN B 129 -22.78 2.86 0.10
C GLN B 129 -22.14 4.14 -0.42
N ALA B 130 -22.96 5.11 -0.87
CA ALA B 130 -22.42 6.36 -1.38
C ALA B 130 -21.94 7.26 -0.26
N GLY B 131 -22.32 6.99 0.99
CA GLY B 131 -21.83 7.74 2.12
C GLY B 131 -22.78 8.70 2.78
N VAL B 132 -24.09 8.61 2.50
CA VAL B 132 -25.04 9.49 3.15
C VAL B 132 -25.31 9.01 4.57
N ASP B 133 -25.75 9.94 5.42
CA ASP B 133 -25.92 9.66 6.85
C ASP B 133 -27.34 9.29 7.23
N GLY B 134 -28.31 9.52 6.36
CA GLY B 134 -29.69 9.21 6.70
C GLY B 134 -30.62 9.47 5.54
N PHE B 135 -31.90 9.22 5.79
CA PHE B 135 -32.94 9.35 4.77
C PHE B 135 -34.20 9.91 5.40
N GLN B 136 -35.01 10.57 4.57
CA GLN B 136 -36.32 11.06 4.97
C GLN B 136 -37.35 10.61 3.93
N VAL B 137 -38.51 10.17 4.42
CA VAL B 137 -39.64 9.83 3.57
C VAL B 137 -40.87 10.55 4.11
N ARG B 138 -41.50 11.35 3.26
CA ARG B 138 -42.64 12.15 3.67
C ARG B 138 -43.94 11.53 3.17
N ASP B 139 -45.05 12.12 3.63
CA ASP B 139 -46.40 11.71 3.21
C ASP B 139 -46.62 10.21 3.44
N ILE B 140 -46.21 9.73 4.62
CA ILE B 140 -46.34 8.32 4.96
C ILE B 140 -47.80 7.88 4.99
N GLU B 141 -48.71 8.79 5.31
CA GLU B 141 -50.13 8.42 5.39
C GLU B 141 -50.67 7.91 4.06
N ASN B 142 -50.05 8.29 2.94
CA ASN B 142 -50.48 7.85 1.61
C ASN B 142 -49.84 6.53 1.19
N LEU B 143 -49.14 5.85 2.09
CA LEU B 143 -48.42 4.63 1.76
C LEU B 143 -49.10 3.44 2.42
N LYS B 144 -49.55 2.49 1.60
CA LYS B 144 -50.21 1.29 2.13
C LYS B 144 -49.23 0.44 2.92
N ASP B 145 -49.68 -0.04 4.08
CA ASP B 145 -48.85 -0.81 5.00
C ASP B 145 -47.57 -0.05 5.36
N ALA B 146 -47.75 1.23 5.69
CA ALA B 146 -46.59 2.09 5.95
C ALA B 146 -45.77 1.60 7.14
N SER B 147 -46.44 1.08 8.18
CA SER B 147 -45.73 0.60 9.35
C SER B 147 -44.78 -0.53 9.01
N SER B 148 -45.20 -1.46 8.15
CA SER B 148 -44.34 -2.57 7.76
C SER B 148 -43.15 -2.08 6.95
N PHE B 149 -43.41 -1.21 5.97
CA PHE B 149 -42.34 -0.70 5.12
C PHE B 149 -41.32 0.10 5.93
N LEU B 150 -41.79 0.90 6.90
CA LEU B 150 -40.86 1.65 7.75
C LEU B 150 -40.00 0.72 8.59
N ALA B 151 -40.57 -0.41 9.03
CA ALA B 151 -39.79 -1.38 9.80
C ALA B 151 -38.69 -2.00 8.93
N GLU B 152 -39.05 -2.39 7.70
CA GLU B 152 -38.05 -2.95 6.79
C GLU B 152 -36.98 -1.93 6.45
N TRP B 153 -37.38 -0.68 6.23
CA TRP B 153 -36.42 0.35 5.86
C TRP B 153 -35.54 0.73 7.04
N GLN B 154 -36.10 0.78 8.26
CA GLN B 154 -35.28 1.09 9.42
C GLN B 154 -34.25 0.01 9.70
N ASN B 155 -34.65 -1.27 9.57
CA ASN B 155 -33.70 -2.36 9.78
C ASN B 155 -32.54 -2.27 8.79
N ILE B 156 -32.83 -1.95 7.53
CA ILE B 156 -31.77 -1.84 6.53
C ILE B 156 -30.86 -0.66 6.84
N THR B 157 -31.46 0.50 7.14
CA THR B 157 -30.66 1.68 7.46
C THR B 157 -29.80 1.45 8.71
N LYS B 158 -30.41 0.87 9.75
CA LYS B 158 -29.73 0.70 11.02
C LYS B 158 -28.85 -0.54 11.04
N GLY B 159 -29.11 -1.52 10.16
CA GLY B 159 -28.23 -2.66 10.02
C GLY B 159 -26.97 -2.35 9.22
N PHE B 160 -27.02 -1.35 8.35
CA PHE B 160 -25.82 -0.89 7.67
C PHE B 160 -24.85 -0.26 8.66
N SER B 161 -25.37 0.54 9.59
CA SER B 161 -24.59 1.18 10.64
C SER B 161 -25.56 1.78 11.63
N GLU B 162 -25.25 1.64 12.92
CA GLU B 162 -26.12 2.18 13.96
C GLU B 162 -26.18 3.69 13.94
N ASP B 163 -25.19 4.35 13.34
CA ASP B 163 -25.12 5.80 13.29
C ASP B 163 -25.80 6.39 12.04
N ARG B 164 -26.75 5.67 11.44
CA ARG B 164 -27.50 6.13 10.28
C ARG B 164 -28.96 6.30 10.67
N LEU B 165 -29.60 7.31 10.11
CA LEU B 165 -30.92 7.76 10.54
C LEU B 165 -31.98 7.54 9.46
N LEU B 166 -33.20 7.28 9.90
CA LEU B 166 -34.37 7.26 9.02
C LEU B 166 -35.43 8.20 9.60
N ILE B 167 -35.92 9.12 8.76
CA ILE B 167 -36.94 10.09 9.17
C ILE B 167 -38.20 9.82 8.36
N ALA B 168 -39.32 9.60 9.04
CA ALA B 168 -40.62 9.48 8.41
C ALA B 168 -41.45 10.72 8.71
N GLY B 169 -42.27 11.12 7.74
CA GLY B 169 -43.10 12.29 7.88
C GLY B 169 -44.55 11.98 7.56
N THR B 170 -45.45 12.58 8.34
CA THR B 170 -46.87 12.39 8.14
C THR B 170 -47.60 13.71 8.38
N ASN B 171 -48.72 13.88 7.68
CA ASN B 171 -49.61 15.01 7.94
C ASN B 171 -50.43 14.84 9.20
N SER B 172 -50.43 13.64 9.78
CA SER B 172 -51.35 13.32 10.86
C SER B 172 -51.01 14.09 12.13
N SER B 173 -52.05 14.42 12.88
CA SER B 173 -51.91 15.00 14.21
C SER B 173 -52.48 14.09 15.28
N ASP B 174 -53.04 12.95 14.90
CA ASP B 174 -53.65 12.03 15.86
C ASP B 174 -52.57 11.21 16.54
N LEU B 175 -52.79 10.89 17.82
CA LEU B 175 -51.75 10.26 18.61
C LEU B 175 -51.71 8.76 18.39
N GLN B 176 -52.88 8.12 18.25
CA GLN B 176 -52.91 6.70 17.93
C GLN B 176 -52.30 6.45 16.56
N GLN B 177 -52.60 7.31 15.58
CA GLN B 177 -52.08 7.14 14.24
C GLN B 177 -50.56 7.33 14.21
N ILE B 178 -50.01 8.13 15.13
CA ILE B 178 -48.57 8.27 15.24
C ILE B 178 -47.95 7.07 15.95
N LEU B 179 -48.55 6.60 17.04
CA LEU B 179 -47.99 5.47 17.77
C LEU B 179 -48.01 4.19 16.96
N SER B 180 -49.00 4.02 16.09
CA SER B 180 -49.05 2.80 15.27
C SER B 180 -47.95 2.82 14.20
N LEU B 181 -47.57 4.01 13.72
CA LEU B 181 -46.46 4.11 12.79
C LEU B 181 -45.12 3.83 13.48
N LEU B 182 -44.98 4.23 14.74
CA LEU B 182 -43.75 4.03 15.49
C LEU B 182 -43.70 2.67 16.17
N GLU B 183 -44.80 1.92 16.14
CA GLU B 183 -44.89 0.66 16.89
C GLU B 183 -43.81 -0.33 16.46
N SER B 184 -43.76 -0.65 15.16
CA SER B 184 -42.86 -1.68 14.68
C SER B 184 -41.40 -1.22 14.65
N ASN B 185 -41.14 0.05 14.97
CA ASN B 185 -39.82 0.65 14.84
C ASN B 185 -39.12 0.95 16.16
N LYS B 186 -39.81 1.70 17.03
CA LYS B 186 -39.27 2.21 18.30
C LYS B 186 -37.82 2.70 18.18
N ASP B 187 -37.58 3.44 17.10
CA ASP B 187 -36.29 4.09 16.86
C ASP B 187 -36.42 5.05 15.68
N LEU B 188 -37.56 5.02 15.01
CA LEU B 188 -37.81 5.91 13.89
C LEU B 188 -37.99 7.34 14.38
N LEU B 189 -37.23 8.27 13.80
CA LEU B 189 -37.49 9.69 14.02
C LEU B 189 -38.66 10.10 13.14
N LEU B 190 -39.76 10.52 13.74
CA LEU B 190 -40.99 10.81 13.02
C LEU B 190 -41.40 12.26 13.23
N THR B 191 -41.77 12.93 12.15
CA THR B 191 -42.26 14.30 12.18
C THR B 191 -43.73 14.32 11.77
N SER B 192 -44.50 15.20 12.40
CA SER B 192 -45.94 15.21 12.20
C SER B 192 -46.49 16.60 12.50
N SER B 193 -47.78 16.78 12.23
CA SER B 193 -48.51 17.99 12.58
C SER B 193 -49.09 17.91 14.00
N TYR B 194 -48.42 17.19 14.90
CA TYR B 194 -48.95 16.99 16.24
C TYR B 194 -49.09 18.30 17.01
N LEU B 195 -48.15 19.22 16.82
CA LEU B 195 -48.15 20.53 17.49
C LEU B 195 -48.53 21.67 16.56
N SER B 196 -49.11 21.38 15.38
CA SER B 196 -49.26 22.40 14.36
C SER B 196 -50.25 23.51 14.74
N ASP B 197 -51.26 23.20 15.55
CA ASP B 197 -52.29 24.18 15.86
C ASP B 197 -51.75 25.25 16.81
N SER B 198 -51.65 26.49 16.32
CA SER B 198 -51.18 27.60 17.15
C SER B 198 -52.21 28.02 18.18
N GLY B 199 -53.50 27.80 17.89
CA GLY B 199 -54.57 28.27 18.76
C GLY B 199 -54.59 27.64 20.14
N SER B 200 -53.82 26.58 20.37
CA SER B 200 -53.80 25.92 21.65
C SER B 200 -53.18 26.83 22.72
N THR B 201 -53.72 26.75 23.94
CA THR B 201 -53.20 27.50 25.06
C THR B 201 -51.92 26.84 25.58
N GLY B 202 -51.27 27.47 26.56
CA GLY B 202 -50.08 26.88 27.14
C GLY B 202 -50.37 25.58 27.86
N GLU B 203 -51.52 25.49 28.52
CA GLU B 203 -51.90 24.26 29.20
C GLU B 203 -52.13 23.12 28.21
N HIS B 204 -52.69 23.43 27.05
CA HIS B 204 -52.94 22.38 26.07
C HIS B 204 -51.65 21.91 25.41
N THR B 205 -50.78 22.85 25.03
CA THR B 205 -49.45 22.48 24.55
C THR B 205 -48.74 21.60 25.58
N LYS B 206 -48.87 21.95 26.86
CA LYS B 206 -48.33 21.10 27.92
C LYS B 206 -48.89 19.68 27.86
N SER B 207 -50.20 19.56 27.69
CA SER B 207 -50.80 18.23 27.67
C SER B 207 -50.36 17.46 26.43
N LEU B 208 -50.22 18.15 25.29
CA LEU B 208 -49.77 17.47 24.07
C LEU B 208 -48.39 16.86 24.27
N VAL B 209 -47.47 17.61 24.87
CA VAL B 209 -46.10 17.11 25.06
C VAL B 209 -46.08 15.98 26.08
N THR B 210 -46.74 16.18 27.22
CA THR B 210 -46.69 15.18 28.28
C THR B 210 -47.40 13.89 27.86
N GLN B 211 -48.54 14.01 27.16
CA GLN B 211 -49.24 12.82 26.72
C GLN B 211 -48.43 12.03 25.71
N TYR B 212 -47.71 12.72 24.81
CA TYR B 212 -46.90 12.02 23.82
C TYR B 212 -45.75 11.28 24.48
N LEU B 213 -45.09 11.92 25.45
CA LEU B 213 -43.94 11.29 26.10
C LEU B 213 -44.37 10.16 27.02
N ASN B 214 -45.60 10.20 27.53
CA ASN B 214 -46.08 9.12 28.39
C ASN B 214 -46.63 7.95 27.57
N ALA B 215 -47.16 8.23 26.39
CA ALA B 215 -47.64 7.15 25.52
C ALA B 215 -46.49 6.42 24.84
N THR B 216 -45.37 7.10 24.62
CA THR B 216 -44.20 6.51 23.99
C THR B 216 -43.14 6.05 24.99
N GLY B 217 -43.42 6.15 26.28
CA GLY B 217 -42.46 5.76 27.29
C GLY B 217 -41.22 6.62 27.33
N ASN B 218 -41.34 7.91 27.00
CA ASN B 218 -40.23 8.86 27.03
C ASN B 218 -39.09 8.40 26.12
N ARG B 219 -39.44 7.78 25.00
CA ARG B 219 -38.45 7.43 23.99
C ARG B 219 -38.05 8.67 23.19
N TRP B 220 -36.86 8.60 22.60
CA TRP B 220 -36.35 9.72 21.82
C TRP B 220 -37.24 9.97 20.61
N CYS B 221 -37.63 11.23 20.42
CA CYS B 221 -38.54 11.59 19.35
C CYS B 221 -38.05 12.89 18.71
N SER B 222 -38.79 13.34 17.70
CA SER B 222 -38.53 14.63 17.06
C SER B 222 -39.54 15.65 17.55
N TRP B 223 -39.16 16.92 17.45
CA TRP B 223 -40.03 18.03 17.81
C TRP B 223 -40.06 19.02 16.67
N SER B 224 -41.26 19.31 16.17
CA SER B 224 -41.46 20.22 15.05
C SER B 224 -42.96 20.49 14.95
N LEU B 225 -43.31 21.46 14.10
CA LEU B 225 -44.70 21.77 13.84
C LEU B 225 -45.22 21.16 12.55
N SER B 226 -44.34 20.56 11.74
CA SER B 226 -44.73 20.00 10.46
C SER B 226 -43.64 19.03 10.01
N GLN B 227 -43.97 18.28 8.95
CA GLN B 227 -43.01 17.41 8.31
C GLN B 227 -42.18 18.12 7.24
N ALA B 228 -42.59 19.32 6.83
CA ALA B 228 -41.85 20.02 5.77
C ALA B 228 -42.11 21.53 5.75
N ARG B 229 -43.23 21.98 6.32
CA ARG B 229 -43.62 23.38 6.15
C ARG B 229 -42.90 24.29 7.14
N LEU B 230 -42.97 25.59 6.86
CA LEU B 230 -42.33 26.60 7.68
C LEU B 230 -43.15 26.85 8.95
N LEU B 231 -42.48 27.37 9.98
CA LEU B 231 -43.18 27.72 11.20
C LEU B 231 -44.25 28.78 10.96
N THR B 232 -44.00 29.69 10.03
CA THR B 232 -44.97 30.73 9.71
C THR B 232 -46.19 30.19 8.98
N SER B 233 -46.17 28.93 8.53
CA SER B 233 -47.37 28.32 7.96
C SER B 233 -48.43 28.05 9.02
N PHE B 234 -48.06 28.08 10.30
CA PHE B 234 -48.99 27.81 11.39
C PHE B 234 -48.95 28.85 12.50
N LEU B 235 -47.87 29.62 12.65
CA LEU B 235 -47.76 30.54 13.77
C LEU B 235 -47.77 31.98 13.30
N PRO B 236 -48.41 32.88 14.05
CA PRO B 236 -48.22 34.31 13.81
C PRO B 236 -46.86 34.76 14.35
N ALA B 237 -46.46 35.96 13.93
CA ALA B 237 -45.13 36.46 14.28
C ALA B 237 -44.93 36.57 15.79
N GLN B 238 -45.99 36.87 16.54
CA GLN B 238 -45.86 37.05 17.98
C GLN B 238 -45.47 35.77 18.70
N LEU B 239 -45.68 34.60 18.09
CA LEU B 239 -45.40 33.32 18.73
C LEU B 239 -44.14 32.65 18.20
N LEU B 240 -43.46 33.23 17.22
CA LEU B 240 -42.32 32.57 16.60
C LEU B 240 -41.19 32.36 17.61
N ARG B 241 -40.82 33.42 18.32
CA ARG B 241 -39.73 33.33 19.29
C ARG B 241 -40.06 32.35 20.41
N LEU B 242 -41.31 32.34 20.85
CA LEU B 242 -41.73 31.42 21.91
C LEU B 242 -41.56 29.96 21.47
N TYR B 243 -42.02 29.64 20.26
CA TYR B 243 -41.96 28.26 19.79
C TYR B 243 -40.53 27.81 19.49
N GLN B 244 -39.67 28.72 19.05
CA GLN B 244 -38.27 28.36 18.85
C GLN B 244 -37.60 28.04 20.17
N LEU B 245 -37.97 28.74 21.24
CA LEU B 245 -37.46 28.41 22.57
C LEU B 245 -37.94 27.04 23.01
N MET B 246 -39.20 26.70 22.72
CA MET B 246 -39.74 25.41 23.14
C MET B 246 -39.10 24.27 22.35
N LEU B 247 -39.03 24.39 21.02
CA LEU B 247 -38.51 23.30 20.20
C LEU B 247 -37.05 23.01 20.50
N PHE B 248 -36.26 24.04 20.80
CA PHE B 248 -34.86 23.85 21.15
C PHE B 248 -34.66 23.34 22.58
N THR B 249 -35.70 23.30 23.40
CA THR B 249 -35.57 22.85 24.79
C THR B 249 -36.50 21.69 25.12
N LEU B 250 -37.12 21.08 24.14
CA LEU B 250 -37.88 19.88 24.43
C LEU B 250 -36.99 18.65 24.31
N PRO B 251 -37.32 17.56 25.01
CA PRO B 251 -36.47 16.37 24.94
C PRO B 251 -36.57 15.66 23.59
N GLY B 252 -35.59 15.86 22.72
CA GLY B 252 -35.58 15.23 21.43
C GLY B 252 -34.82 16.08 20.42
N THR B 253 -35.01 15.74 19.15
CA THR B 253 -34.34 16.40 18.04
C THR B 253 -35.26 17.46 17.45
N PRO B 254 -34.88 18.74 17.48
CA PRO B 254 -35.70 19.76 16.82
C PRO B 254 -35.44 19.79 15.33
N VAL B 255 -36.52 19.83 14.54
CA VAL B 255 -36.43 19.83 13.08
C VAL B 255 -37.05 21.12 12.55
N PHE B 256 -36.30 21.84 11.73
CA PHE B 256 -36.74 23.09 11.12
C PHE B 256 -36.63 22.99 9.61
N SER B 257 -37.23 23.97 8.94
CA SER B 257 -37.09 24.16 7.50
C SER B 257 -36.34 25.46 7.24
N TYR B 258 -35.65 25.51 6.10
CA TYR B 258 -34.85 26.69 5.77
C TYR B 258 -35.71 27.94 5.79
N GLY B 259 -35.21 29.00 6.43
CA GLY B 259 -35.94 30.23 6.62
C GLY B 259 -36.56 30.40 7.99
N ASP B 260 -36.76 29.30 8.74
CA ASP B 260 -37.29 29.41 10.09
C ASP B 260 -36.42 30.30 10.96
N GLU B 261 -35.11 30.29 10.74
CA GLU B 261 -34.20 31.07 11.58
C GLU B 261 -34.39 32.57 11.40
N ILE B 262 -34.94 33.02 10.26
CA ILE B 262 -35.21 34.43 10.04
C ILE B 262 -36.71 34.71 10.00
N GLY B 263 -37.53 33.76 10.46
CA GLY B 263 -38.98 33.96 10.41
C GLY B 263 -39.51 34.15 9.01
N LEU B 264 -38.97 33.42 8.05
CA LEU B 264 -39.38 33.56 6.66
C LEU B 264 -40.87 33.29 6.51
N ASP B 265 -41.58 34.23 5.90
CA ASP B 265 -43.02 34.16 5.69
C ASP B 265 -43.28 34.19 4.19
N ALA B 266 -43.74 33.05 3.65
CA ALA B 266 -43.97 32.97 2.21
C ALA B 266 -45.08 33.92 1.76
N ALA B 267 -46.04 34.22 2.65
CA ALA B 267 -47.10 35.16 2.28
C ALA B 267 -46.56 36.56 2.06
N ALA B 268 -45.45 36.91 2.70
CA ALA B 268 -44.86 38.24 2.56
C ALA B 268 -44.28 38.50 1.17
N LEU B 269 -44.13 37.46 0.34
CA LEU B 269 -43.59 37.61 -1.00
C LEU B 269 -44.65 37.20 -2.00
N PRO B 270 -45.36 38.16 -2.60
CA PRO B 270 -46.52 37.83 -3.44
C PRO B 270 -46.14 36.90 -4.60
N GLY B 271 -46.89 35.80 -4.72
CA GLY B 271 -46.69 34.84 -5.78
C GLY B 271 -45.81 33.67 -5.43
N GLN B 272 -44.99 33.78 -4.39
CA GLN B 272 -44.07 32.71 -4.05
C GLN B 272 -44.83 31.47 -3.58
N PRO B 273 -44.33 30.28 -3.87
CA PRO B 273 -44.97 29.06 -3.36
C PRO B 273 -44.78 28.93 -1.87
N MET B 274 -45.86 28.56 -1.17
CA MET B 274 -45.80 28.41 0.27
C MET B 274 -44.79 27.35 0.69
N GLU B 275 -44.59 26.33 -0.14
CA GLU B 275 -43.68 25.25 0.21
C GLU B 275 -42.21 25.63 0.00
N ALA B 276 -41.91 26.36 -1.06
CA ALA B 276 -40.52 26.67 -1.43
C ALA B 276 -40.35 28.16 -1.72
N PRO B 277 -40.40 29.01 -0.70
CA PRO B 277 -40.16 30.44 -0.91
C PRO B 277 -38.68 30.74 -1.00
N VAL B 278 -38.37 31.84 -1.70
CA VAL B 278 -36.98 32.26 -1.87
C VAL B 278 -36.40 32.68 -0.53
N MET B 279 -35.19 32.20 -0.23
CA MET B 279 -34.49 32.55 0.99
C MET B 279 -33.92 33.96 0.87
N LEU B 280 -34.17 34.79 1.89
CA LEU B 280 -33.82 36.21 1.85
C LEU B 280 -32.47 36.41 2.52
N TRP B 281 -31.41 36.47 1.71
CA TRP B 281 -30.08 36.72 2.25
C TRP B 281 -29.82 38.21 2.44
N ASP B 282 -30.13 39.02 1.44
CA ASP B 282 -29.95 40.47 1.53
C ASP B 282 -31.03 41.15 0.72
N GLU B 283 -30.82 42.43 0.39
CA GLU B 283 -31.81 43.22 -0.32
C GLU B 283 -31.90 42.87 -1.80
N SER B 284 -30.97 42.07 -2.32
CA SER B 284 -31.00 41.64 -3.71
C SER B 284 -31.57 40.23 -3.89
N SER B 285 -32.07 39.61 -2.82
CA SER B 285 -32.54 38.24 -2.92
C SER B 285 -33.88 38.13 -3.62
N PHE B 286 -34.73 39.16 -3.53
CA PHE B 286 -36.05 39.16 -4.16
C PHE B 286 -36.16 40.42 -5.01
N PRO B 287 -35.53 40.42 -6.20
CA PRO B 287 -35.58 41.60 -7.06
C PRO B 287 -36.89 41.79 -7.81
N ASP B 288 -37.82 40.83 -7.71
CA ASP B 288 -39.10 40.96 -8.39
C ASP B 288 -39.89 42.15 -7.86
N ILE B 289 -40.05 42.23 -6.54
CA ILE B 289 -40.78 43.31 -5.89
C ILE B 289 -39.87 43.92 -4.82
N PRO B 290 -39.06 44.91 -5.18
CA PRO B 290 -38.09 45.44 -4.19
C PRO B 290 -38.70 45.95 -2.90
N GLY B 291 -39.88 46.56 -2.96
CA GLY B 291 -40.50 47.07 -1.76
C GLY B 291 -40.98 46.00 -0.80
N ALA B 292 -41.10 44.76 -1.27
CA ALA B 292 -41.65 43.69 -0.43
C ALA B 292 -40.71 43.25 0.67
N VAL B 293 -39.39 43.44 0.50
CA VAL B 293 -38.40 42.93 1.44
C VAL B 293 -37.67 44.11 2.06
N SER B 294 -37.69 44.17 3.39
CA SER B 294 -36.90 45.14 4.14
C SER B 294 -35.69 44.44 4.77
N ALA B 295 -34.77 45.25 5.30
CA ALA B 295 -33.53 44.70 5.84
C ALA B 295 -33.77 43.79 7.03
N ASN B 296 -34.77 44.11 7.87
CA ASN B 296 -35.04 43.27 9.03
C ASN B 296 -35.58 41.89 8.67
N MET B 297 -35.95 41.67 7.42
CA MET B 297 -36.44 40.37 6.96
C MET B 297 -35.32 39.47 6.43
N THR B 298 -34.11 39.97 6.29
CA THR B 298 -33.03 39.25 5.61
C THR B 298 -32.03 38.69 6.62
N VAL B 299 -31.21 37.75 6.13
CA VAL B 299 -30.15 37.20 6.96
C VAL B 299 -29.10 38.24 7.26
N LYS B 300 -28.74 39.04 6.24
CA LYS B 300 -27.72 40.08 6.43
C LYS B 300 -28.18 41.11 7.46
N GLY B 301 -29.44 41.53 7.38
CA GLY B 301 -29.94 42.52 8.32
C GLY B 301 -30.14 41.96 9.72
N GLN B 302 -30.65 40.73 9.81
CA GLN B 302 -30.89 40.14 11.13
C GLN B 302 -29.60 39.69 11.81
N SER B 303 -28.55 39.42 11.04
CA SER B 303 -27.28 39.01 11.63
C SER B 303 -26.60 40.16 12.38
N GLU B 304 -26.97 41.40 12.08
CA GLU B 304 -26.44 42.58 12.76
C GLU B 304 -27.30 43.02 13.94
N ASP B 305 -28.43 42.36 14.19
CA ASP B 305 -29.35 42.75 15.25
C ASP B 305 -29.37 41.69 16.33
N PRO B 306 -28.92 42.00 17.55
CA PRO B 306 -29.00 41.01 18.64
C PRO B 306 -30.43 40.62 19.00
N GLY B 307 -31.38 41.53 18.82
CA GLY B 307 -32.78 41.22 19.06
C GLY B 307 -33.47 40.46 17.96
N SER B 308 -32.79 40.22 16.84
CA SER B 308 -33.41 39.56 15.70
C SER B 308 -33.69 38.09 16.00
N LEU B 309 -34.59 37.52 15.20
CA LEU B 309 -34.93 36.11 15.34
C LEU B 309 -33.75 35.21 14.99
N LEU B 310 -32.89 35.66 14.07
CA LEU B 310 -31.70 34.87 13.72
C LEU B 310 -30.73 34.81 14.89
N SER B 311 -30.57 35.92 15.62
CA SER B 311 -29.69 35.93 16.77
C SER B 311 -30.22 35.02 17.88
N LEU B 312 -31.54 34.98 18.06
CA LEU B 312 -32.12 34.07 19.05
C LEU B 312 -31.96 32.62 18.61
N PHE B 313 -32.15 32.35 17.32
CA PHE B 313 -31.97 30.98 16.80
C PHE B 313 -30.55 30.50 17.04
N ARG B 314 -29.56 31.35 16.79
CA ARG B 314 -28.17 30.97 17.00
C ARG B 314 -27.87 30.74 18.47
N ARG B 315 -28.43 31.58 19.35
CA ARG B 315 -28.20 31.41 20.78
C ARG B 315 -28.82 30.11 21.29
N LEU B 316 -30.06 29.82 20.90
CA LEU B 316 -30.72 28.60 21.34
C LEU B 316 -30.04 27.36 20.75
N SER B 317 -29.63 27.43 19.49
CA SER B 317 -28.97 26.30 18.87
C SER B 317 -27.61 26.04 19.50
N ASP B 318 -26.89 27.11 19.86
CA ASP B 318 -25.63 26.95 20.57
C ASP B 318 -25.84 26.26 21.91
N GLN B 319 -26.88 26.66 22.64
CA GLN B 319 -27.16 26.05 23.94
C GLN B 319 -27.61 24.60 23.79
N ARG B 320 -28.35 24.30 22.72
CA ARG B 320 -28.91 22.96 22.55
C ARG B 320 -27.84 21.92 22.20
N SER B 321 -26.77 22.33 21.53
CA SER B 321 -25.75 21.40 21.09
C SER B 321 -24.57 21.25 22.03
N LYS B 322 -24.53 22.01 23.13
CA LYS B 322 -23.38 21.95 24.04
C LYS B 322 -23.73 21.64 25.48
N GLU B 323 -24.90 22.03 25.97
CA GLU B 323 -25.27 21.76 27.35
C GLU B 323 -25.80 20.34 27.50
N ARG B 324 -25.17 19.58 28.39
CA ARG B 324 -25.50 18.16 28.52
C ARG B 324 -26.93 17.94 29.01
N SER B 325 -27.52 18.91 29.71
CA SER B 325 -28.89 18.75 30.17
C SER B 325 -29.87 18.81 29.00
N LEU B 326 -29.54 19.54 27.95
CA LEU B 326 -30.40 19.62 26.77
C LEU B 326 -30.10 18.54 25.75
N LEU B 327 -28.94 17.89 25.85
CA LEU B 327 -28.60 16.83 24.89
C LEU B 327 -29.19 15.48 25.27
N HIS B 328 -29.46 15.25 26.55
CA HIS B 328 -30.05 14.02 27.03
C HIS B 328 -31.49 14.27 27.47
N GLY B 329 -32.34 13.27 27.27
CA GLY B 329 -33.77 13.44 27.44
C GLY B 329 -34.37 13.15 28.80
N ASP B 330 -34.05 13.99 29.79
CA ASP B 330 -34.69 13.96 31.09
C ASP B 330 -35.50 15.24 31.27
N PHE B 331 -36.80 15.10 31.49
CA PHE B 331 -37.74 16.20 31.33
C PHE B 331 -38.89 16.03 32.32
N HIS B 332 -39.21 17.11 33.04
CA HIS B 332 -40.34 17.14 33.95
C HIS B 332 -41.07 18.47 33.83
N ALA B 333 -42.38 18.40 33.58
CA ALA B 333 -43.22 19.59 33.46
C ALA B 333 -44.20 19.62 34.63
N PHE B 334 -44.13 20.65 35.44
CA PHE B 334 -45.01 20.82 36.59
C PHE B 334 -46.15 21.77 36.28
N SER B 335 -47.28 21.55 36.95
CA SER B 335 -48.44 22.42 36.78
C SER B 335 -48.15 23.79 37.39
N ALA B 336 -48.36 24.84 36.59
CA ALA B 336 -48.01 26.18 37.08
C ALA B 336 -48.89 27.30 36.53
N GLY B 337 -50.05 27.02 35.96
CA GLY B 337 -50.92 28.08 35.51
C GLY B 337 -51.85 27.73 34.37
N PRO B 338 -52.69 28.69 33.98
CA PRO B 338 -53.66 28.45 32.89
C PRO B 338 -53.02 28.44 31.52
N GLY B 339 -52.22 29.46 31.21
CA GLY B 339 -51.60 29.56 29.91
C GLY B 339 -50.09 29.36 29.95
N LEU B 340 -49.61 28.74 31.02
CA LEU B 340 -48.17 28.55 31.20
C LEU B 340 -47.76 27.13 30.85
N PHE B 341 -46.59 27.00 30.24
CA PHE B 341 -45.92 25.72 30.02
C PHE B 341 -44.52 25.86 30.62
N SER B 342 -44.29 25.18 31.75
CA SER B 342 -43.01 25.25 32.45
C SER B 342 -42.46 23.86 32.67
N TYR B 343 -41.15 23.71 32.51
CA TYR B 343 -40.51 22.42 32.71
C TYR B 343 -39.03 22.59 33.05
N ILE B 344 -38.44 21.51 33.57
CA ILE B 344 -37.04 21.46 33.98
C ILE B 344 -36.31 20.45 33.10
N ARG B 345 -35.04 20.72 32.83
CA ARG B 345 -34.18 19.80 32.10
C ARG B 345 -32.88 19.62 32.87
N HIS B 346 -32.49 18.36 33.07
CA HIS B 346 -31.36 18.00 33.91
C HIS B 346 -30.73 16.72 33.40
N TRP B 347 -29.46 16.52 33.73
CA TRP B 347 -28.75 15.29 33.40
C TRP B 347 -27.64 15.07 34.41
N ASP B 348 -27.76 13.99 35.18
CA ASP B 348 -26.79 13.67 36.23
C ASP B 348 -26.66 14.85 37.17
N GLN B 349 -25.61 15.66 37.02
CA GLN B 349 -25.58 16.97 37.64
C GLN B 349 -24.66 17.90 36.85
N ASN B 350 -25.00 18.14 35.60
CA ASN B 350 -24.49 19.27 34.86
C ASN B 350 -25.42 20.46 35.09
N GLU B 351 -25.19 21.57 34.39
CA GLU B 351 -26.03 22.74 34.57
C GLU B 351 -27.47 22.42 34.20
N ARG B 352 -28.40 22.81 35.06
CA ARG B 352 -29.83 22.56 34.86
C ARG B 352 -30.50 23.80 34.29
N PHE B 353 -31.60 23.57 33.57
CA PHE B 353 -32.29 24.64 32.83
C PHE B 353 -33.79 24.62 33.13
N LEU B 354 -34.33 25.81 33.38
CA LEU B 354 -35.76 25.99 33.61
C LEU B 354 -36.35 26.78 32.46
N VAL B 355 -37.42 26.27 31.87
CA VAL B 355 -38.09 26.91 30.74
C VAL B 355 -39.49 27.29 31.19
N VAL B 356 -39.83 28.57 31.03
CA VAL B 356 -41.15 29.08 31.39
C VAL B 356 -41.72 29.79 30.15
N LEU B 357 -42.84 29.31 29.66
CA LEU B 357 -43.43 29.79 28.42
C LEU B 357 -44.84 30.31 28.67
N ASN B 358 -45.10 31.55 28.26
CA ASN B 358 -46.41 32.18 28.37
C ASN B 358 -47.03 32.25 26.98
N PHE B 359 -47.98 31.36 26.71
CA PHE B 359 -48.65 31.31 25.42
C PHE B 359 -49.79 32.32 25.29
N GLY B 360 -50.20 32.96 26.38
CA GLY B 360 -51.35 33.84 26.34
C GLY B 360 -50.98 35.29 26.06
N ASP B 361 -52.02 36.10 25.83
CA ASP B 361 -51.86 37.52 25.52
C ASP B 361 -51.99 38.40 26.76
N VAL B 362 -51.91 37.81 27.95
CA VAL B 362 -51.99 38.55 29.21
C VAL B 362 -50.79 38.14 30.06
N GLY B 363 -50.33 39.06 30.91
CA GLY B 363 -49.28 38.76 31.85
C GLY B 363 -49.70 37.72 32.87
N LEU B 364 -48.90 36.66 33.01
CA LEU B 364 -49.26 35.51 33.82
C LEU B 364 -48.14 35.18 34.79
N SER B 365 -48.50 34.73 35.99
CA SER B 365 -47.55 34.47 37.06
C SER B 365 -47.21 33.00 37.15
N ALA B 366 -45.96 32.72 37.50
CA ALA B 366 -45.49 31.33 37.69
C ALA B 366 -45.96 30.78 39.03
N LEU B 379 -35.93 22.81 42.76
CA LEU B 379 -35.60 24.15 42.28
C LEU B 379 -35.21 25.10 43.41
N PRO B 380 -34.17 25.90 43.19
CA PRO B 380 -33.84 26.96 44.14
C PRO B 380 -34.85 28.08 44.05
N ALA B 381 -34.80 28.99 45.02
CA ALA B 381 -35.69 30.15 44.97
C ALA B 381 -35.24 31.13 43.90
N LYS B 382 -33.91 31.31 43.75
CA LYS B 382 -33.35 32.23 42.77
C LYS B 382 -32.48 31.46 41.78
N ALA B 383 -32.69 31.72 40.49
CA ALA B 383 -31.91 31.13 39.42
C ALA B 383 -31.45 32.21 38.46
N ASP B 384 -30.40 31.90 37.70
CA ASP B 384 -29.79 32.86 36.78
C ASP B 384 -30.50 32.80 35.43
N LEU B 385 -30.92 33.95 34.92
CA LEU B 385 -31.66 34.04 33.67
C LEU B 385 -30.69 34.02 32.49
N LEU B 386 -30.83 33.01 31.62
CA LEU B 386 -30.00 32.96 30.42
C LEU B 386 -30.47 33.98 29.39
N LEU B 387 -31.75 33.91 29.00
CA LEU B 387 -32.27 34.84 28.02
C LEU B 387 -33.79 34.89 28.14
N SER B 388 -34.37 35.89 27.47
CA SER B 388 -35.81 36.01 27.32
C SER B 388 -36.13 36.25 25.86
N THR B 389 -37.34 35.86 25.46
CA THR B 389 -37.78 36.11 24.09
C THR B 389 -38.14 37.57 23.84
N GLN B 390 -38.10 38.42 24.87
CA GLN B 390 -38.41 39.83 24.75
C GLN B 390 -37.34 40.65 25.46
N PRO B 391 -37.04 41.85 24.96
CA PRO B 391 -36.00 42.67 25.59
C PRO B 391 -36.51 43.31 26.87
N GLY B 392 -35.58 43.90 27.61
CA GLY B 392 -35.90 44.56 28.85
C GLY B 392 -35.65 43.74 30.11
N ARG B 393 -34.75 42.76 30.06
CA ARG B 393 -34.44 41.93 31.21
C ARG B 393 -32.93 41.91 31.43
N GLU B 394 -32.53 41.46 32.62
CA GLU B 394 -31.12 41.42 33.01
C GLU B 394 -30.59 40.01 32.77
N GLU B 395 -29.99 39.80 31.61
CA GLU B 395 -29.36 38.53 31.29
C GLU B 395 -27.98 38.48 31.94
N GLY B 396 -27.75 37.47 32.76
CA GLY B 396 -26.54 37.40 33.57
C GLY B 396 -26.71 37.94 34.97
N SER B 397 -27.95 38.07 35.45
CA SER B 397 -28.25 38.55 36.79
C SER B 397 -29.37 37.67 37.33
N PRO B 398 -29.22 37.15 38.55
CA PRO B 398 -30.19 36.16 39.04
C PRO B 398 -31.57 36.77 39.24
N LEU B 399 -32.59 35.99 38.89
CA LEU B 399 -33.99 36.32 39.15
C LEU B 399 -34.54 35.35 40.19
N GLU B 400 -35.83 35.51 40.50
CA GLU B 400 -36.50 34.69 41.49
C GLU B 400 -37.71 33.99 40.89
N LEU B 401 -38.04 32.82 41.43
CA LEU B 401 -38.96 31.88 40.81
C LEU B 401 -40.32 31.83 41.52
N GLU B 402 -40.64 32.86 42.30
CA GLU B 402 -41.94 32.95 42.96
C GLU B 402 -42.68 34.19 42.52
N ARG B 403 -42.03 35.35 42.54
CA ARG B 403 -42.60 36.58 42.01
C ARG B 403 -42.31 36.75 40.52
N LEU B 404 -41.88 35.68 39.84
CA LEU B 404 -41.75 35.68 38.39
C LEU B 404 -43.03 36.14 37.72
N LYS B 405 -42.89 37.10 36.80
CA LYS B 405 -44.01 37.65 36.06
C LYS B 405 -43.64 37.71 34.59
N LEU B 406 -44.47 37.11 33.75
CA LEU B 406 -44.22 37.00 32.33
C LEU B 406 -45.09 37.99 31.57
N GLU B 407 -44.48 38.71 30.63
CA GLU B 407 -45.23 39.54 29.72
C GLU B 407 -45.92 38.66 28.68
N PRO B 408 -46.88 39.21 27.93
CA PRO B 408 -47.55 38.41 26.89
C PRO B 408 -46.57 37.84 25.88
N HIS B 409 -46.74 36.55 25.59
CA HIS B 409 -45.94 35.81 24.60
C HIS B 409 -44.47 35.74 24.97
N GLU B 410 -44.12 35.94 26.24
CA GLU B 410 -42.73 35.92 26.66
C GLU B 410 -42.31 34.52 27.10
N GLY B 411 -41.08 34.16 26.78
CA GLY B 411 -40.49 32.92 27.26
C GLY B 411 -39.18 33.18 27.94
N LEU B 412 -38.92 32.42 29.01
CA LEU B 412 -37.73 32.57 29.82
C LEU B 412 -36.94 31.27 29.84
N LEU B 413 -35.62 31.39 29.79
CA LEU B 413 -34.70 30.27 29.97
C LEU B 413 -33.74 30.63 31.08
N LEU B 414 -33.71 29.81 32.13
CA LEU B 414 -32.94 30.11 33.33
C LEU B 414 -31.95 29.00 33.64
N ARG B 415 -30.88 29.35 34.35
CA ARG B 415 -29.81 28.43 34.67
C ARG B 415 -29.67 28.31 36.19
N PHE B 416 -29.27 27.12 36.65
CA PHE B 416 -28.91 26.89 38.04
C PHE B 416 -28.18 25.55 38.16
N PRO B 417 -27.10 25.47 38.93
CA PRO B 417 -26.30 24.24 39.06
C PRO B 417 -26.87 23.27 40.10
N GLN C 6 -9.12 -0.80 -27.87
CA GLN C 6 -10.50 -1.17 -28.12
C GLN C 6 -11.20 -1.61 -26.84
N LYS C 7 -12.44 -2.07 -26.96
CA LYS C 7 -13.17 -2.57 -25.82
C LYS C 7 -12.50 -3.80 -25.25
N TRP C 8 -12.60 -3.95 -23.92
CA TRP C 8 -11.87 -5.03 -23.25
C TRP C 8 -12.41 -6.39 -23.65
N TRP C 9 -13.72 -6.53 -23.82
CA TRP C 9 -14.27 -7.82 -24.22
C TRP C 9 -14.03 -8.13 -25.69
N HIS C 10 -13.41 -7.22 -26.44
CA HIS C 10 -12.93 -7.52 -27.79
C HIS C 10 -11.56 -8.18 -27.78
N THR C 11 -10.85 -8.16 -26.66
CA THR C 11 -9.44 -8.51 -26.61
C THR C 11 -9.19 -9.95 -26.20
N GLY C 12 -10.22 -10.78 -26.11
CA GLY C 12 -10.00 -12.17 -25.75
C GLY C 12 -11.31 -12.84 -25.37
N ALA C 13 -11.15 -14.00 -24.74
CA ALA C 13 -12.28 -14.86 -24.42
C ALA C 13 -12.83 -14.55 -23.04
N LEU C 14 -14.13 -14.84 -22.87
CA LEU C 14 -14.78 -14.77 -21.57
C LEU C 14 -14.90 -16.17 -20.98
N TYR C 15 -14.94 -16.22 -19.64
CA TYR C 15 -14.85 -17.47 -18.88
C TYR C 15 -15.97 -17.46 -17.85
N ARG C 16 -16.94 -18.36 -18.01
CA ARG C 16 -18.13 -18.39 -17.17
C ARG C 16 -17.93 -19.35 -16.01
N ILE C 17 -18.09 -18.86 -14.78
CA ILE C 17 -18.01 -19.66 -13.57
C ILE C 17 -19.40 -19.62 -12.93
N GLY C 18 -20.26 -20.58 -13.30
CA GLY C 18 -21.62 -20.59 -12.81
C GLY C 18 -21.78 -21.07 -11.39
N ASP C 19 -20.90 -21.96 -10.94
CA ASP C 19 -20.94 -22.50 -9.59
C ASP C 19 -19.57 -22.35 -8.95
N LEU C 20 -19.52 -21.65 -7.82
CA LEU C 20 -18.24 -21.42 -7.15
C LEU C 20 -17.75 -22.67 -6.42
N GLN C 21 -18.68 -23.45 -5.85
CA GLN C 21 -18.26 -24.60 -5.06
C GLN C 21 -17.80 -25.75 -5.94
N ALA C 22 -18.40 -25.93 -7.11
CA ALA C 22 -17.93 -26.96 -8.03
C ALA C 22 -16.60 -26.57 -8.67
N PHE C 23 -16.40 -25.28 -8.93
CA PHE C 23 -15.16 -24.83 -9.55
C PHE C 23 -13.99 -24.91 -8.59
N GLN C 24 -14.21 -24.71 -7.30
CA GLN C 24 -13.12 -24.62 -6.34
C GLN C 24 -13.04 -25.75 -5.33
N GLY C 25 -14.17 -26.34 -4.93
CA GLY C 25 -14.12 -27.40 -3.93
C GLY C 25 -15.03 -27.18 -2.74
N HIS C 26 -15.32 -28.24 -2.00
CA HIS C 26 -16.21 -28.11 -0.85
C HIS C 26 -15.60 -27.18 0.19
N GLY C 27 -16.38 -26.19 0.61
CA GLY C 27 -15.96 -25.22 1.60
C GLY C 27 -15.20 -24.04 1.02
N ALA C 28 -14.47 -24.25 -0.08
CA ALA C 28 -13.75 -23.18 -0.76
C ALA C 28 -14.61 -22.42 -1.76
N GLY C 29 -15.91 -22.69 -1.82
CA GLY C 29 -16.77 -22.03 -2.79
C GLY C 29 -17.17 -20.64 -2.37
N ASN C 30 -16.19 -19.76 -2.21
CA ASN C 30 -16.40 -18.38 -1.79
C ASN C 30 -15.55 -17.45 -2.65
N LEU C 31 -15.78 -16.15 -2.49
CA LEU C 31 -15.04 -15.17 -3.29
C LEU C 31 -13.55 -15.18 -2.94
N ALA C 32 -13.21 -15.43 -1.67
CA ALA C 32 -11.79 -15.50 -1.30
C ALA C 32 -11.10 -16.65 -2.02
N GLY C 33 -11.81 -17.78 -2.22
CA GLY C 33 -11.22 -18.90 -2.93
C GLY C 33 -11.04 -18.61 -4.41
N LEU C 34 -11.99 -17.88 -5.00
CA LEU C 34 -11.85 -17.48 -6.40
C LEU C 34 -10.65 -16.58 -6.62
N LYS C 35 -10.28 -15.79 -5.60
CA LYS C 35 -9.09 -14.96 -5.71
C LYS C 35 -7.85 -15.80 -5.94
N GLY C 36 -7.80 -16.99 -5.33
CA GLY C 36 -6.66 -17.88 -5.47
C GLY C 36 -6.61 -18.62 -6.78
N ARG C 37 -7.63 -18.49 -7.62
CA ARG C 37 -7.63 -19.09 -8.94
C ARG C 37 -7.38 -18.08 -10.05
N LEU C 38 -7.16 -16.80 -9.70
CA LEU C 38 -6.90 -15.79 -10.72
C LEU C 38 -5.59 -16.05 -11.45
N ASP C 39 -4.59 -16.61 -10.75
CA ASP C 39 -3.34 -16.96 -11.42
C ASP C 39 -3.58 -18.02 -12.49
N TYR C 40 -4.38 -19.04 -12.18
CA TYR C 40 -4.71 -20.05 -13.18
C TYR C 40 -5.46 -19.43 -14.36
N LEU C 41 -6.40 -18.53 -14.08
CA LEU C 41 -7.15 -17.89 -15.15
C LEU C 41 -6.26 -16.97 -15.98
N SER C 42 -5.18 -16.44 -15.39
CA SER C 42 -4.20 -15.72 -16.18
C SER C 42 -3.47 -16.65 -17.14
N SER C 43 -3.16 -17.88 -16.70
CA SER C 43 -2.51 -18.84 -17.59
C SER C 43 -3.42 -19.24 -18.74
N LEU C 44 -4.74 -19.12 -18.57
CA LEU C 44 -5.65 -19.31 -19.69
C LEU C 44 -5.75 -18.06 -20.54
N LYS C 45 -5.21 -16.95 -20.05
CA LYS C 45 -5.14 -15.69 -20.79
C LYS C 45 -6.53 -15.16 -21.14
N VAL C 46 -7.52 -15.46 -20.29
CA VAL C 46 -8.87 -14.97 -20.48
C VAL C 46 -8.96 -13.52 -20.01
N LYS C 47 -9.85 -12.76 -20.62
CA LYS C 47 -9.99 -11.33 -20.33
C LYS C 47 -11.15 -11.01 -19.41
N GLY C 48 -12.06 -11.95 -19.17
CA GLY C 48 -13.19 -11.67 -18.30
C GLY C 48 -13.83 -12.88 -17.67
N LEU C 49 -14.25 -12.75 -16.41
CA LEU C 49 -14.99 -13.78 -15.70
C LEU C 49 -16.47 -13.43 -15.65
N VAL C 50 -17.32 -14.42 -15.89
CA VAL C 50 -18.74 -14.29 -15.64
C VAL C 50 -19.02 -15.03 -14.34
N LEU C 51 -19.27 -14.27 -13.28
CA LEU C 51 -19.34 -14.78 -11.92
C LEU C 51 -20.78 -14.75 -11.42
N GLY C 52 -21.18 -15.82 -10.73
CA GLY C 52 -22.42 -15.80 -9.99
C GLY C 52 -23.57 -16.50 -10.68
N PRO C 53 -24.81 -16.14 -10.30
CA PRO C 53 -25.19 -15.12 -9.32
C PRO C 53 -24.75 -15.43 -7.89
N ILE C 54 -24.60 -14.40 -7.05
CA ILE C 54 -24.12 -14.59 -5.69
C ILE C 54 -24.99 -13.82 -4.71
N HIS C 55 -26.10 -13.27 -5.18
CA HIS C 55 -26.93 -12.43 -4.34
C HIS C 55 -27.88 -13.27 -3.50
N LYS C 56 -28.45 -12.64 -2.47
CA LYS C 56 -29.45 -13.31 -1.64
C LYS C 56 -30.71 -13.56 -2.45
N ASN C 57 -31.11 -14.82 -2.53
CA ASN C 57 -32.29 -15.22 -3.31
C ASN C 57 -32.99 -16.36 -2.57
N GLN C 58 -34.00 -16.01 -1.77
CA GLN C 58 -34.92 -17.01 -1.25
C GLN C 58 -35.81 -17.46 -2.40
N LYS C 59 -35.70 -18.73 -2.78
CA LYS C 59 -36.24 -19.17 -4.06
C LYS C 59 -37.75 -18.95 -4.13
N ASP C 60 -38.20 -18.43 -5.27
CA ASP C 60 -39.61 -18.18 -5.55
C ASP C 60 -40.22 -17.18 -4.56
N ASP C 61 -39.39 -16.32 -3.95
CA ASP C 61 -39.84 -15.29 -3.02
C ASP C 61 -39.27 -13.96 -3.51
N VAL C 62 -40.12 -13.13 -4.11
CA VAL C 62 -39.66 -11.86 -4.66
C VAL C 62 -39.24 -10.91 -3.54
N ALA C 63 -40.06 -10.81 -2.49
CA ALA C 63 -39.77 -9.86 -1.42
C ALA C 63 -38.47 -10.20 -0.70
N GLN C 64 -38.15 -11.49 -0.57
CA GLN C 64 -36.94 -11.94 0.11
C GLN C 64 -35.80 -12.22 -0.86
N THR C 65 -35.72 -11.47 -1.94
CA THR C 65 -34.61 -11.57 -2.89
C THR C 65 -34.00 -10.17 -3.06
N ASP C 66 -32.71 -10.06 -2.80
CA ASP C 66 -32.01 -8.78 -2.77
C ASP C 66 -30.77 -8.91 -3.65
N LEU C 67 -30.82 -8.33 -4.86
CA LEU C 67 -29.67 -8.40 -5.75
C LEU C 67 -28.51 -7.54 -5.28
N LEU C 68 -28.70 -6.73 -4.24
CA LEU C 68 -27.68 -5.81 -3.75
C LEU C 68 -26.92 -6.37 -2.56
N GLN C 69 -27.22 -7.59 -2.13
CA GLN C 69 -26.58 -8.19 -0.97
C GLN C 69 -26.03 -9.55 -1.35
N ILE C 70 -24.79 -9.82 -0.98
CA ILE C 70 -24.14 -11.08 -1.31
C ILE C 70 -24.57 -12.14 -0.31
N ASP C 71 -24.96 -13.31 -0.82
CA ASP C 71 -25.25 -14.45 0.03
C ASP C 71 -24.03 -14.74 0.91
N PRO C 72 -24.18 -14.77 2.24
CA PRO C 72 -23.01 -14.95 3.11
C PRO C 72 -22.23 -16.23 2.85
N ASN C 73 -22.86 -17.27 2.28
CA ASN C 73 -22.15 -18.49 1.95
C ASN C 73 -21.11 -18.30 0.86
N PHE C 74 -21.12 -17.16 0.16
CA PHE C 74 -20.14 -16.88 -0.88
C PHE C 74 -19.07 -15.90 -0.46
N GLY C 75 -19.22 -15.24 0.69
CA GLY C 75 -18.28 -14.28 1.19
C GLY C 75 -18.97 -12.97 1.52
N SER C 76 -18.16 -11.94 1.74
CA SER C 76 -18.64 -10.63 2.13
C SER C 76 -18.42 -9.62 1.01
N LYS C 77 -18.93 -8.41 1.23
CA LYS C 77 -18.68 -7.33 0.29
C LYS C 77 -17.21 -6.98 0.22
N GLU C 78 -16.49 -7.09 1.34
CA GLU C 78 -15.06 -6.83 1.34
C GLU C 78 -14.31 -7.91 0.56
N ASP C 79 -14.78 -9.17 0.63
CA ASP C 79 -14.24 -10.20 -0.23
C ASP C 79 -14.45 -9.86 -1.69
N PHE C 80 -15.63 -9.30 -2.01
CA PHE C 80 -15.92 -8.92 -3.39
C PHE C 80 -15.01 -7.79 -3.86
N ASP C 81 -14.77 -6.79 -3.00
CA ASP C 81 -13.86 -5.71 -3.36
C ASP C 81 -12.43 -6.22 -3.55
N SER C 82 -11.99 -7.11 -2.66
CA SER C 82 -10.64 -7.68 -2.80
C SER C 82 -10.50 -8.46 -4.10
N LEU C 83 -11.54 -9.21 -4.49
CA LEU C 83 -11.49 -9.94 -5.75
C LEU C 83 -11.42 -8.99 -6.93
N LEU C 84 -12.14 -7.87 -6.86
CA LEU C 84 -12.10 -6.91 -7.96
C LEU C 84 -10.72 -6.28 -8.10
N GLN C 85 -10.06 -5.98 -6.98
CA GLN C 85 -8.75 -5.35 -7.05
C GLN C 85 -7.69 -6.33 -7.53
N SER C 86 -7.73 -7.57 -7.05
CA SER C 86 -6.79 -8.59 -7.51
C SER C 86 -6.96 -8.88 -8.99
N ALA C 87 -8.22 -8.90 -9.46
CA ALA C 87 -8.46 -9.12 -10.89
C ALA C 87 -7.97 -7.95 -11.73
N LYS C 88 -8.11 -6.72 -11.21
CA LYS C 88 -7.69 -5.55 -11.96
C LYS C 88 -6.17 -5.51 -12.12
N LYS C 89 -5.44 -5.93 -11.09
CA LYS C 89 -3.99 -6.02 -11.19
C LYS C 89 -3.53 -7.09 -12.18
N LYS C 90 -4.40 -8.04 -12.52
CA LYS C 90 -4.04 -9.12 -13.44
C LYS C 90 -4.72 -8.96 -14.80
N SER C 91 -5.27 -7.77 -15.08
CA SER C 91 -5.87 -7.45 -16.39
C SER C 91 -7.05 -8.36 -16.71
N ILE C 92 -7.72 -8.86 -15.68
CA ILE C 92 -8.92 -9.68 -15.81
C ILE C 92 -10.10 -8.88 -15.29
N ARG C 93 -11.17 -8.81 -16.06
CA ARG C 93 -12.36 -8.08 -15.66
C ARG C 93 -13.43 -9.04 -15.15
N VAL C 94 -14.37 -8.49 -14.38
CA VAL C 94 -15.35 -9.29 -13.65
C VAL C 94 -16.75 -8.92 -14.14
N ILE C 95 -17.49 -9.92 -14.60
CA ILE C 95 -18.88 -9.77 -15.00
C ILE C 95 -19.75 -10.47 -13.96
N LEU C 96 -20.78 -9.76 -13.47
CA LEU C 96 -21.66 -10.27 -12.43
C LEU C 96 -22.97 -10.75 -13.05
N ASP C 97 -23.31 -12.00 -12.80
CA ASP C 97 -24.59 -12.55 -13.26
C ASP C 97 -25.69 -12.10 -12.31
N LEU C 98 -26.72 -11.46 -12.85
CA LEU C 98 -27.78 -10.88 -12.04
C LEU C 98 -29.13 -11.56 -12.24
N THR C 99 -29.13 -12.79 -12.76
CA THR C 99 -30.38 -13.53 -12.96
C THR C 99 -31.08 -13.67 -11.62
N PRO C 100 -32.30 -13.13 -11.47
CA PRO C 100 -32.88 -12.91 -10.13
C PRO C 100 -33.13 -14.18 -9.33
N ASN C 101 -33.97 -15.07 -9.86
CA ASN C 101 -34.41 -16.27 -9.15
C ASN C 101 -33.59 -17.48 -9.58
N TYR C 102 -32.28 -17.39 -9.37
CA TYR C 102 -31.37 -18.43 -9.85
C TYR C 102 -31.39 -19.70 -9.01
N ARG C 103 -32.13 -19.72 -7.90
CA ARG C 103 -32.29 -20.92 -7.10
C ARG C 103 -33.66 -21.59 -7.29
N GLY C 104 -34.53 -21.00 -8.11
CA GLY C 104 -35.82 -21.57 -8.43
C GLY C 104 -35.87 -22.15 -9.83
N GLU C 105 -37.06 -22.64 -10.18
CA GLU C 105 -37.23 -23.27 -11.48
C GLU C 105 -37.40 -22.25 -12.60
N ASN C 106 -38.08 -21.14 -12.32
CA ASN C 106 -38.18 -20.03 -13.24
C ASN C 106 -37.18 -18.96 -12.84
N SER C 107 -36.23 -18.68 -13.71
CA SER C 107 -35.14 -17.77 -13.38
C SER C 107 -35.60 -16.34 -13.16
N TRP C 108 -36.76 -15.96 -13.71
CA TRP C 108 -37.27 -14.60 -13.61
C TRP C 108 -38.57 -14.52 -12.80
N PHE C 109 -38.82 -15.53 -11.94
CA PHE C 109 -40.08 -15.66 -11.22
C PHE C 109 -41.25 -15.80 -12.19
N SER C 110 -42.45 -16.02 -11.66
CA SER C 110 -43.65 -16.10 -12.48
C SER C 110 -44.59 -14.94 -12.25
N THR C 111 -44.24 -14.01 -11.35
CA THR C 111 -45.09 -12.89 -11.00
C THR C 111 -44.27 -11.62 -10.91
N GLN C 112 -44.96 -10.48 -10.92
CA GLN C 112 -44.39 -9.17 -10.61
C GLN C 112 -43.21 -8.84 -11.53
N VAL C 113 -43.50 -8.81 -12.83
CA VAL C 113 -42.46 -8.55 -13.83
C VAL C 113 -41.84 -7.18 -13.61
N ASP C 114 -42.66 -6.18 -13.27
CA ASP C 114 -42.13 -4.83 -13.08
C ASP C 114 -41.25 -4.74 -11.84
N THR C 115 -41.66 -5.41 -10.75
CA THR C 115 -40.83 -5.42 -9.55
C THR C 115 -39.51 -6.14 -9.79
N VAL C 116 -39.55 -7.27 -10.50
CA VAL C 116 -38.33 -8.02 -10.80
C VAL C 116 -37.40 -7.19 -11.69
N ALA C 117 -37.96 -6.55 -12.73
CA ALA C 117 -37.15 -5.74 -13.62
C ALA C 117 -36.51 -4.56 -12.89
N THR C 118 -37.22 -3.98 -11.91
CA THR C 118 -36.64 -2.90 -11.11
C THR C 118 -35.47 -3.40 -10.28
N LYS C 119 -35.58 -4.60 -9.72
CA LYS C 119 -34.47 -5.19 -8.96
C LYS C 119 -33.22 -5.29 -9.83
N VAL C 120 -33.37 -5.78 -11.07
CA VAL C 120 -32.23 -5.90 -11.97
C VAL C 120 -31.69 -4.52 -12.34
N LYS C 121 -32.59 -3.59 -12.68
CA LYS C 121 -32.18 -2.26 -13.07
C LYS C 121 -31.39 -1.57 -11.96
N ASP C 122 -31.90 -1.65 -10.73
CA ASP C 122 -31.19 -1.04 -9.60
C ASP C 122 -29.89 -1.76 -9.30
N ALA C 123 -29.84 -3.08 -9.50
CA ALA C 123 -28.60 -3.81 -9.27
C ALA C 123 -27.53 -3.41 -10.28
N LEU C 124 -27.96 -3.12 -11.52
CA LEU C 124 -27.03 -2.63 -12.53
C LEU C 124 -26.28 -1.39 -12.04
N GLU C 125 -27.03 -0.37 -11.61
CA GLU C 125 -26.40 0.88 -11.19
C GLU C 125 -25.63 0.71 -9.88
N PHE C 126 -26.14 -0.10 -8.96
CA PHE C 126 -25.46 -0.34 -7.69
C PHE C 126 -24.09 -0.96 -7.92
N TRP C 127 -24.05 -2.08 -8.66
CA TRP C 127 -22.80 -2.79 -8.86
C TRP C 127 -21.87 -2.08 -9.86
N LEU C 128 -22.41 -1.23 -10.73
CA LEU C 128 -21.54 -0.37 -11.54
C LEU C 128 -20.78 0.60 -10.66
N GLN C 129 -21.45 1.19 -9.66
CA GLN C 129 -20.76 2.05 -8.71
C GLN C 129 -19.74 1.27 -7.88
N ALA C 130 -19.99 -0.02 -7.65
CA ALA C 130 -19.06 -0.84 -6.88
C ALA C 130 -17.81 -1.20 -7.67
N GLY C 131 -17.83 -1.02 -8.99
CA GLY C 131 -16.64 -1.23 -9.80
C GLY C 131 -16.63 -2.47 -10.67
N VAL C 132 -17.76 -3.14 -10.88
CA VAL C 132 -17.77 -4.30 -11.76
C VAL C 132 -17.76 -3.81 -13.21
N ASP C 133 -17.28 -4.67 -14.10
CA ASP C 133 -17.06 -4.30 -15.49
C ASP C 133 -18.21 -4.70 -16.41
N GLY C 134 -19.12 -5.54 -15.96
CA GLY C 134 -20.22 -5.96 -16.81
C GLY C 134 -21.20 -6.83 -16.07
N PHE C 135 -22.25 -7.23 -16.78
CA PHE C 135 -23.33 -8.02 -16.21
C PHE C 135 -23.81 -9.05 -17.23
N GLN C 136 -24.35 -10.15 -16.72
CA GLN C 136 -24.97 -11.18 -17.54
C GLN C 136 -26.35 -11.51 -16.99
N VAL C 137 -27.31 -11.68 -17.88
CA VAL C 137 -28.65 -12.13 -17.53
C VAL C 137 -29.01 -13.28 -18.46
N ARG C 138 -29.33 -14.43 -17.87
CA ARG C 138 -29.62 -15.65 -18.61
C ARG C 138 -31.13 -15.96 -18.61
N ASP C 139 -31.48 -16.98 -19.39
CA ASP C 139 -32.87 -17.45 -19.51
C ASP C 139 -33.80 -16.31 -19.92
N ILE C 140 -33.36 -15.54 -20.91
CA ILE C 140 -34.11 -14.38 -21.38
C ILE C 140 -35.47 -14.78 -21.93
N GLU C 141 -35.60 -16.00 -22.44
CA GLU C 141 -36.88 -16.43 -23.00
C GLU C 141 -38.01 -16.41 -21.98
N ASN C 142 -37.68 -16.54 -20.70
CA ASN C 142 -38.67 -16.51 -19.63
C ASN C 142 -38.98 -15.09 -19.15
N LEU C 143 -38.48 -14.07 -19.84
CA LEU C 143 -38.65 -12.68 -19.43
C LEU C 143 -39.62 -12.00 -20.39
N LYS C 144 -40.74 -11.53 -19.85
CA LYS C 144 -41.74 -10.85 -20.67
C LYS C 144 -41.20 -9.52 -21.17
N ASP C 145 -41.44 -9.24 -22.45
CA ASP C 145 -40.95 -8.01 -23.10
C ASP C 145 -39.45 -7.87 -22.95
N ALA C 146 -38.73 -8.96 -23.21
CA ALA C 146 -37.28 -8.98 -23.00
C ALA C 146 -36.55 -7.98 -23.88
N SER C 147 -36.99 -7.82 -25.13
CA SER C 147 -36.31 -6.88 -26.03
C SER C 147 -36.34 -5.46 -25.48
N SER C 148 -37.47 -5.05 -24.89
CA SER C 148 -37.54 -3.73 -24.31
C SER C 148 -36.66 -3.60 -23.07
N PHE C 149 -36.73 -4.60 -22.18
CA PHE C 149 -35.92 -4.55 -20.96
C PHE C 149 -34.43 -4.61 -21.28
N LEU C 150 -34.04 -5.44 -22.25
CA LEU C 150 -32.63 -5.54 -22.62
C LEU C 150 -32.12 -4.21 -23.16
N ALA C 151 -32.97 -3.49 -23.90
CA ALA C 151 -32.58 -2.17 -24.40
C ALA C 151 -32.42 -1.18 -23.24
N GLU C 152 -33.35 -1.19 -22.28
CA GLU C 152 -33.24 -0.31 -21.13
C GLU C 152 -32.01 -0.63 -20.30
N TRP C 153 -31.71 -1.91 -20.11
CA TRP C 153 -30.55 -2.31 -19.32
C TRP C 153 -29.24 -2.00 -20.04
N GLN C 154 -29.23 -2.18 -21.37
CA GLN C 154 -28.05 -1.82 -22.15
C GLN C 154 -27.77 -0.33 -22.08
N ASN C 155 -28.84 0.48 -22.14
CA ASN C 155 -28.68 1.94 -22.05
C ASN C 155 -28.05 2.34 -20.73
N ILE C 156 -28.48 1.72 -19.63
CA ILE C 156 -27.92 2.05 -18.32
C ILE C 156 -26.48 1.60 -18.21
N THR C 157 -26.20 0.36 -18.62
CA THR C 157 -24.84 -0.17 -18.54
C THR C 157 -23.89 0.66 -19.41
N LYS C 158 -24.31 1.00 -20.63
CA LYS C 158 -23.47 1.73 -21.55
C LYS C 158 -23.50 3.24 -21.30
N GLY C 159 -24.55 3.73 -20.63
CA GLY C 159 -24.57 5.12 -20.23
C GLY C 159 -23.70 5.41 -19.03
N PHE C 160 -23.44 4.40 -18.19
CA PHE C 160 -22.48 4.58 -17.11
C PHE C 160 -21.06 4.76 -17.66
N SER C 161 -20.70 3.95 -18.66
CA SER C 161 -19.37 4.03 -19.27
C SER C 161 -19.38 3.15 -20.51
N GLU C 162 -18.70 3.62 -21.56
CA GLU C 162 -18.61 2.86 -22.80
C GLU C 162 -17.88 1.54 -22.61
N ASP C 163 -17.06 1.43 -21.56
CA ASP C 163 -16.25 0.24 -21.30
C ASP C 163 -16.96 -0.77 -20.39
N ARG C 164 -18.29 -0.76 -20.35
CA ARG C 164 -19.05 -1.71 -19.54
C ARG C 164 -19.89 -2.58 -20.46
N LEU C 165 -20.03 -3.86 -20.11
CA LEU C 165 -20.64 -4.85 -20.98
C LEU C 165 -21.93 -5.39 -20.38
N LEU C 166 -22.87 -5.73 -21.25
CA LEU C 166 -24.07 -6.45 -20.86
C LEU C 166 -24.19 -7.70 -21.72
N ILE C 167 -24.35 -8.85 -21.07
CA ILE C 167 -24.47 -10.13 -21.76
C ILE C 167 -25.86 -10.67 -21.49
N ALA C 168 -26.60 -10.96 -22.55
CA ALA C 168 -27.89 -11.62 -22.44
C ALA C 168 -27.75 -13.05 -22.94
N GLY C 169 -28.48 -13.96 -22.29
CA GLY C 169 -28.42 -15.36 -22.64
C GLY C 169 -29.80 -15.93 -22.88
N THR C 170 -29.90 -16.79 -23.89
CA THR C 170 -31.15 -17.46 -24.22
C THR C 170 -30.86 -18.89 -24.62
N ASN C 171 -31.84 -19.77 -24.41
CA ASN C 171 -31.75 -21.15 -24.84
C ASN C 171 -32.22 -21.33 -26.28
N SER C 172 -32.59 -20.25 -26.96
CA SER C 172 -33.10 -20.34 -28.31
C SER C 172 -31.99 -20.64 -29.31
N SER C 173 -32.33 -21.38 -30.36
CA SER C 173 -31.44 -21.63 -31.48
C SER C 173 -31.96 -21.05 -32.79
N ASP C 174 -33.15 -20.45 -32.77
CA ASP C 174 -33.74 -19.87 -33.97
C ASP C 174 -33.16 -18.49 -34.23
N LEU C 175 -33.08 -18.13 -35.51
CA LEU C 175 -32.41 -16.92 -35.92
C LEU C 175 -33.29 -15.67 -35.82
N GLN C 176 -34.61 -15.84 -35.84
CA GLN C 176 -35.49 -14.69 -35.92
C GLN C 176 -35.96 -14.17 -34.56
N GLN C 177 -35.83 -14.96 -33.49
CA GLN C 177 -35.94 -14.36 -32.16
C GLN C 177 -34.62 -13.80 -31.65
N ILE C 178 -33.49 -14.30 -32.18
CA ILE C 178 -32.21 -13.68 -31.84
C ILE C 178 -32.11 -12.33 -32.51
N LEU C 179 -32.47 -12.27 -33.80
CA LEU C 179 -32.44 -11.00 -34.51
C LEU C 179 -33.48 -10.03 -33.96
N SER C 180 -34.62 -10.55 -33.49
CA SER C 180 -35.66 -9.69 -32.93
C SER C 180 -35.26 -9.13 -31.58
N LEU C 181 -34.47 -9.87 -30.80
CA LEU C 181 -33.93 -9.31 -29.56
C LEU C 181 -32.89 -8.25 -29.86
N LEU C 182 -32.12 -8.43 -30.93
CA LEU C 182 -31.08 -7.50 -31.33
C LEU C 182 -31.57 -6.37 -32.23
N GLU C 183 -32.81 -6.45 -32.72
CA GLU C 183 -33.31 -5.49 -33.71
C GLU C 183 -33.08 -4.05 -33.27
N SER C 184 -33.61 -3.68 -32.11
CA SER C 184 -33.53 -2.32 -31.62
C SER C 184 -32.33 -2.08 -30.70
N ASN C 185 -31.56 -3.11 -30.38
CA ASN C 185 -30.44 -2.99 -29.46
C ASN C 185 -29.10 -3.02 -30.21
N LYS C 186 -28.82 -4.07 -30.96
CA LYS C 186 -27.75 -4.15 -31.95
C LYS C 186 -26.35 -3.95 -31.38
N ASP C 187 -26.21 -3.79 -30.06
CA ASP C 187 -24.90 -3.80 -29.43
C ASP C 187 -24.85 -4.76 -28.24
N LEU C 188 -25.97 -5.36 -27.87
CA LEU C 188 -25.99 -6.33 -26.78
C LEU C 188 -25.24 -7.59 -27.18
N LEU C 189 -24.31 -8.01 -26.33
CA LEU C 189 -23.64 -9.29 -26.50
C LEU C 189 -24.58 -10.41 -26.06
N LEU C 190 -24.93 -11.30 -26.99
CA LEU C 190 -25.93 -12.32 -26.74
C LEU C 190 -25.33 -13.71 -26.94
N THR C 191 -25.62 -14.62 -26.01
CA THR C 191 -25.22 -16.01 -26.10
C THR C 191 -26.47 -16.87 -26.28
N SER C 192 -26.36 -17.91 -27.10
CA SER C 192 -27.52 -18.70 -27.48
C SER C 192 -27.09 -20.10 -27.87
N SER C 193 -28.08 -20.94 -28.14
CA SER C 193 -27.88 -22.28 -28.68
C SER C 193 -27.84 -22.28 -30.20
N TYR C 194 -27.38 -21.18 -30.82
CA TYR C 194 -27.41 -21.05 -32.27
C TYR C 194 -26.53 -22.10 -32.94
N LEU C 195 -25.40 -22.44 -32.33
CA LEU C 195 -24.48 -23.44 -32.87
C LEU C 195 -24.57 -24.76 -32.12
N SER C 196 -25.62 -24.97 -31.32
CA SER C 196 -25.66 -26.11 -30.41
C SER C 196 -25.71 -27.43 -31.18
N ASP C 197 -26.30 -27.44 -32.37
CA ASP C 197 -26.42 -28.67 -33.15
C ASP C 197 -25.05 -29.05 -33.70
N SER C 198 -24.50 -30.17 -33.23
CA SER C 198 -23.20 -30.65 -33.69
C SER C 198 -23.29 -31.15 -35.13
N THR C 205 -22.83 -25.61 -40.50
CA THR C 205 -22.12 -24.74 -39.56
C THR C 205 -21.54 -23.52 -40.25
N LYS C 206 -20.92 -23.75 -41.41
CA LYS C 206 -20.35 -22.64 -42.19
C LYS C 206 -21.43 -21.64 -42.57
N SER C 207 -22.57 -22.12 -43.04
CA SER C 207 -23.65 -21.20 -43.41
C SER C 207 -24.23 -20.51 -42.18
N LEU C 208 -24.33 -21.23 -41.05
CA LEU C 208 -24.83 -20.62 -39.82
C LEU C 208 -24.01 -19.40 -39.44
N VAL C 209 -22.68 -19.50 -39.56
CA VAL C 209 -21.82 -18.36 -39.24
C VAL C 209 -22.01 -17.27 -40.27
N THR C 210 -22.00 -17.62 -41.56
CA THR C 210 -22.12 -16.60 -42.61
C THR C 210 -23.51 -15.98 -42.62
N GLN C 211 -24.55 -16.79 -42.38
CA GLN C 211 -25.91 -16.24 -42.37
C GLN C 211 -26.10 -15.26 -41.22
N TYR C 212 -25.55 -15.58 -40.05
CA TYR C 212 -25.69 -14.67 -38.91
C TYR C 212 -24.94 -13.37 -39.15
N LEU C 213 -23.74 -13.44 -39.73
CA LEU C 213 -22.94 -12.25 -39.97
C LEU C 213 -23.51 -11.40 -41.09
N ASN C 214 -24.25 -12.00 -42.03
CA ASN C 214 -24.87 -11.20 -43.08
C ASN C 214 -26.19 -10.60 -42.63
N ALA C 215 -26.89 -11.27 -41.71
CA ALA C 215 -28.13 -10.71 -41.16
C ALA C 215 -27.86 -9.62 -40.13
N THR C 216 -26.71 -9.65 -39.46
CA THR C 216 -26.35 -8.67 -38.46
C THR C 216 -25.42 -7.58 -39.00
N GLY C 217 -25.12 -7.60 -40.30
CA GLY C 217 -24.24 -6.61 -40.88
C GLY C 217 -22.82 -6.68 -40.35
N ASN C 218 -22.34 -7.87 -40.00
CA ASN C 218 -20.98 -8.08 -39.51
C ASN C 218 -20.69 -7.22 -38.27
N ARG C 219 -21.70 -7.05 -37.43
CA ARG C 219 -21.48 -6.39 -36.15
C ARG C 219 -20.80 -7.34 -35.17
N TRP C 220 -20.19 -6.75 -34.14
CA TRP C 220 -19.53 -7.54 -33.12
C TRP C 220 -20.56 -8.35 -32.33
N CYS C 221 -20.31 -9.65 -32.20
CA CYS C 221 -21.23 -10.55 -31.53
C CYS C 221 -20.44 -11.52 -30.67
N SER C 222 -21.15 -12.42 -30.00
CA SER C 222 -20.52 -13.47 -29.22
C SER C 222 -20.53 -14.77 -30.01
N TRP C 223 -19.58 -15.65 -29.69
CA TRP C 223 -19.50 -16.97 -30.29
C TRP C 223 -19.40 -18.00 -29.17
N SER C 224 -20.33 -18.95 -29.18
CA SER C 224 -20.39 -19.99 -28.16
C SER C 224 -21.40 -21.03 -28.63
N LEU C 225 -21.43 -22.15 -27.92
CA LEU C 225 -22.40 -23.20 -28.19
C LEU C 225 -23.59 -23.17 -27.24
N SER C 226 -23.53 -22.37 -26.19
CA SER C 226 -24.60 -22.32 -25.19
C SER C 226 -24.47 -21.04 -24.39
N GLN C 227 -25.51 -20.76 -23.61
CA GLN C 227 -25.51 -19.62 -22.70
C GLN C 227 -24.87 -19.93 -21.36
N ALA C 228 -24.64 -21.21 -21.04
CA ALA C 228 -24.08 -21.57 -19.74
C ALA C 228 -23.44 -22.96 -19.76
N ARG C 229 -23.83 -23.79 -20.72
CA ARG C 229 -23.48 -25.20 -20.69
C ARG C 229 -22.07 -25.44 -21.24
N LEU C 230 -21.54 -26.62 -20.95
CA LEU C 230 -20.21 -27.01 -21.40
C LEU C 230 -20.25 -27.43 -22.87
N LEU C 231 -19.07 -27.35 -23.51
CA LEU C 231 -18.95 -27.79 -24.90
C LEU C 231 -19.28 -29.27 -25.05
N THR C 232 -18.94 -30.09 -24.06
CA THR C 232 -19.23 -31.52 -24.12
C THR C 232 -20.72 -31.82 -23.97
N SER C 233 -21.55 -30.83 -23.62
CA SER C 233 -22.98 -31.04 -23.59
C SER C 233 -23.57 -31.21 -24.99
N PHE C 234 -22.83 -30.84 -26.03
CA PHE C 234 -23.30 -30.94 -27.41
C PHE C 234 -22.31 -31.60 -28.36
N LEU C 235 -21.02 -31.65 -28.02
CA LEU C 235 -20.02 -32.19 -28.92
C LEU C 235 -19.41 -33.48 -28.38
N PRO C 236 -19.15 -34.45 -29.24
CA PRO C 236 -18.30 -35.58 -28.84
C PRO C 236 -16.84 -35.16 -28.81
N ALA C 237 -16.03 -36.03 -28.19
CA ALA C 237 -14.61 -35.71 -28.01
C ALA C 237 -13.90 -35.47 -29.33
N GLN C 238 -14.36 -36.12 -30.40
CA GLN C 238 -13.69 -36.00 -31.69
C GLN C 238 -13.74 -34.59 -32.26
N LEU C 239 -14.69 -33.77 -31.83
CA LEU C 239 -14.88 -32.43 -32.38
C LEU C 239 -14.44 -31.32 -31.44
N LEU C 240 -13.94 -31.63 -30.25
CA LEU C 240 -13.62 -30.61 -29.27
C LEU C 240 -12.51 -29.69 -29.78
N ARG C 241 -11.39 -30.26 -30.24
CA ARG C 241 -10.27 -29.45 -30.69
C ARG C 241 -10.66 -28.62 -31.91
N LEU C 242 -11.48 -29.20 -32.79
CA LEU C 242 -11.92 -28.48 -33.99
C LEU C 242 -12.72 -27.23 -33.61
N TYR C 243 -13.67 -27.37 -32.69
CA TYR C 243 -14.51 -26.24 -32.32
C TYR C 243 -13.76 -25.19 -31.53
N GLN C 244 -12.77 -25.59 -30.73
CA GLN C 244 -11.96 -24.60 -30.03
C GLN C 244 -11.13 -23.78 -31.01
N LEU C 245 -10.66 -24.39 -32.10
CA LEU C 245 -9.97 -23.62 -33.12
C LEU C 245 -10.91 -22.63 -33.80
N MET C 246 -12.16 -23.03 -34.03
CA MET C 246 -13.13 -22.13 -34.67
C MET C 246 -13.52 -20.99 -33.75
N LEU C 247 -13.88 -21.30 -32.50
CA LEU C 247 -14.38 -20.27 -31.59
C LEU C 247 -13.32 -19.23 -31.27
N PHE C 248 -12.05 -19.63 -31.18
CA PHE C 248 -10.97 -18.68 -30.93
C PHE C 248 -10.60 -17.87 -32.16
N THR C 249 -11.13 -18.21 -33.34
CA THR C 249 -10.81 -17.51 -34.57
C THR C 249 -12.05 -16.98 -35.27
N LEU C 250 -13.18 -16.95 -34.62
CA LEU C 250 -14.30 -16.30 -35.29
C LEU C 250 -14.34 -14.82 -34.95
N PRO C 251 -14.94 -13.99 -35.83
CA PRO C 251 -15.02 -12.55 -35.53
C PRO C 251 -16.01 -12.25 -34.42
N GLY C 252 -15.50 -12.01 -33.22
CA GLY C 252 -16.35 -11.70 -32.09
C GLY C 252 -15.71 -12.16 -30.79
N THR C 253 -16.53 -12.20 -29.75
CA THR C 253 -16.07 -12.57 -28.41
C THR C 253 -16.39 -14.03 -28.17
N PRO C 254 -15.39 -14.89 -27.97
CA PRO C 254 -15.67 -16.30 -27.62
C PRO C 254 -15.96 -16.42 -26.14
N VAL C 255 -17.03 -17.15 -25.82
CA VAL C 255 -17.47 -17.34 -24.45
C VAL C 255 -17.44 -18.83 -24.14
N PHE C 256 -16.76 -19.20 -23.05
CA PHE C 256 -16.64 -20.57 -22.60
C PHE C 256 -17.16 -20.69 -21.17
N SER C 257 -17.34 -21.93 -20.73
CA SER C 257 -17.67 -22.25 -19.36
C SER C 257 -16.51 -22.98 -18.72
N TYR C 258 -16.39 -22.87 -17.40
CA TYR C 258 -15.28 -23.49 -16.70
C TYR C 258 -15.25 -24.98 -16.97
N GLY C 259 -14.06 -25.49 -17.29
CA GLY C 259 -13.89 -26.88 -17.67
C GLY C 259 -13.78 -27.11 -19.15
N ASP C 260 -14.26 -26.16 -19.98
CA ASP C 260 -14.15 -26.31 -21.42
C ASP C 260 -12.69 -26.46 -21.85
N GLU C 261 -11.76 -25.83 -21.13
CA GLU C 261 -10.36 -25.90 -21.48
C GLU C 261 -9.76 -27.29 -21.30
N ILE C 262 -10.35 -28.14 -20.46
CA ILE C 262 -9.87 -29.50 -20.28
C ILE C 262 -10.86 -30.52 -20.82
N GLY C 263 -11.83 -30.08 -21.63
CA GLY C 263 -12.83 -30.99 -22.14
C GLY C 263 -13.64 -31.66 -21.05
N LEU C 264 -13.98 -30.92 -20.01
CA LEU C 264 -14.73 -31.46 -18.88
C LEU C 264 -16.05 -32.05 -19.36
N ASP C 265 -16.29 -33.31 -19.04
CA ASP C 265 -17.48 -34.03 -19.45
C ASP C 265 -18.23 -34.47 -18.21
N ALA C 266 -19.41 -33.88 -17.98
CA ALA C 266 -20.18 -34.21 -16.78
C ALA C 266 -20.66 -35.65 -16.78
N ALA C 267 -20.86 -36.24 -17.97
CA ALA C 267 -21.29 -37.63 -18.03
C ALA C 267 -20.22 -38.59 -17.52
N ALA C 268 -18.94 -38.19 -17.62
CA ALA C 268 -17.85 -39.04 -17.15
C ALA C 268 -17.82 -39.19 -15.63
N LEU C 269 -18.58 -38.38 -14.89
CA LEU C 269 -18.62 -38.43 -13.44
C LEU C 269 -20.03 -38.80 -13.01
N PRO C 270 -20.29 -40.07 -12.66
CA PRO C 270 -21.66 -40.52 -12.42
C PRO C 270 -22.35 -39.72 -11.32
N GLY C 271 -23.54 -39.22 -11.64
CA GLY C 271 -24.35 -38.49 -10.68
C GLY C 271 -24.18 -36.98 -10.70
N GLN C 272 -23.10 -36.48 -11.27
CA GLN C 272 -22.83 -35.04 -11.23
C GLN C 272 -23.88 -34.27 -12.03
N PRO C 273 -24.22 -33.06 -11.61
CA PRO C 273 -25.17 -32.25 -12.38
C PRO C 273 -24.55 -31.78 -13.69
N MET C 274 -25.34 -31.86 -14.76
CA MET C 274 -24.86 -31.40 -16.06
C MET C 274 -24.52 -29.92 -16.02
N GLU C 275 -25.18 -29.15 -15.16
CA GLU C 275 -24.99 -27.70 -15.12
C GLU C 275 -23.71 -27.32 -14.38
N ALA C 276 -23.43 -27.98 -13.26
CA ALA C 276 -22.32 -27.60 -12.38
C ALA C 276 -21.52 -28.83 -11.98
N PRO C 277 -20.75 -29.40 -12.90
CA PRO C 277 -19.90 -30.55 -12.57
C PRO C 277 -18.63 -30.10 -11.85
N VAL C 278 -18.07 -31.02 -11.06
CA VAL C 278 -16.88 -30.72 -10.29
C VAL C 278 -15.71 -30.47 -11.23
N MET C 279 -14.95 -29.40 -10.96
CA MET C 279 -13.77 -29.08 -11.74
C MET C 279 -12.62 -29.98 -11.31
N LEU C 280 -11.97 -30.61 -12.29
CA LEU C 280 -10.94 -31.62 -12.03
C LEU C 280 -9.56 -30.97 -12.09
N TRP C 281 -9.03 -30.59 -10.93
CA TRP C 281 -7.69 -30.03 -10.87
C TRP C 281 -6.63 -31.11 -10.83
N ASP C 282 -6.80 -32.09 -9.94
CA ASP C 282 -5.88 -33.21 -9.81
C ASP C 282 -6.69 -34.43 -9.36
N GLU C 283 -6.01 -35.45 -8.86
CA GLU C 283 -6.68 -36.69 -8.49
C GLU C 283 -7.48 -36.59 -7.20
N SER C 284 -7.36 -35.50 -6.45
CA SER C 284 -8.13 -35.31 -5.22
C SER C 284 -9.36 -34.42 -5.43
N SER C 285 -9.64 -34.02 -6.66
CA SER C 285 -10.75 -33.11 -6.92
C SER C 285 -12.11 -33.80 -6.83
N PHE C 286 -12.16 -35.10 -7.15
CA PHE C 286 -13.40 -35.87 -7.14
C PHE C 286 -13.21 -37.10 -6.26
N PRO C 287 -13.27 -36.92 -4.93
CA PRO C 287 -13.05 -38.05 -4.02
C PRO C 287 -14.24 -38.99 -3.91
N ASP C 288 -15.38 -38.67 -4.52
CA ASP C 288 -16.54 -39.55 -4.44
C ASP C 288 -16.26 -40.90 -5.10
N ILE C 289 -15.77 -40.86 -6.34
CA ILE C 289 -15.42 -42.07 -7.08
C ILE C 289 -13.99 -41.92 -7.59
N PRO C 290 -12.99 -42.32 -6.80
CA PRO C 290 -11.59 -42.08 -7.21
C PRO C 290 -11.22 -42.70 -8.55
N GLY C 291 -11.75 -43.88 -8.86
CA GLY C 291 -11.43 -44.53 -10.13
C GLY C 291 -11.99 -43.82 -11.34
N ALA C 292 -12.97 -42.92 -11.13
CA ALA C 292 -13.65 -42.28 -12.25
C ALA C 292 -12.78 -41.27 -12.97
N VAL C 293 -11.74 -40.74 -12.32
CA VAL C 293 -10.93 -39.66 -12.88
C VAL C 293 -9.52 -40.16 -13.10
N SER C 294 -9.04 -40.03 -14.33
CA SER C 294 -7.66 -40.35 -14.68
C SER C 294 -6.86 -39.05 -14.85
N ALA C 295 -5.54 -39.20 -14.95
CA ALA C 295 -4.66 -38.03 -15.00
C ALA C 295 -4.93 -37.17 -16.23
N ASN C 296 -5.26 -37.80 -17.35
CA ASN C 296 -5.51 -37.04 -18.58
C ASN C 296 -6.78 -36.19 -18.50
N MET C 297 -7.62 -36.40 -17.48
CA MET C 297 -8.84 -35.63 -17.32
C MET C 297 -8.66 -34.38 -16.46
N THR C 298 -7.50 -34.20 -15.84
CA THR C 298 -7.27 -33.13 -14.87
C THR C 298 -6.42 -32.02 -15.47
N VAL C 299 -6.43 -30.88 -14.79
CA VAL C 299 -5.58 -29.76 -15.17
C VAL C 299 -4.11 -30.10 -14.96
N LYS C 300 -3.79 -30.77 -13.84
CA LYS C 300 -2.42 -31.14 -13.56
C LYS C 300 -1.86 -32.07 -14.63
N GLY C 301 -2.65 -33.06 -15.05
CA GLY C 301 -2.17 -33.99 -16.07
C GLY C 301 -2.10 -33.37 -17.44
N GLN C 302 -3.08 -32.53 -17.79
CA GLN C 302 -3.11 -31.91 -19.10
C GLN C 302 -2.11 -30.77 -19.24
N SER C 303 -1.69 -30.16 -18.13
CA SER C 303 -0.71 -29.08 -18.21
C SER C 303 0.67 -29.57 -18.62
N GLU C 304 0.96 -30.86 -18.41
CA GLU C 304 2.24 -31.45 -18.78
C GLU C 304 2.21 -32.10 -20.16
N ASP C 305 1.11 -32.02 -20.88
CA ASP C 305 0.96 -32.68 -22.18
C ASP C 305 0.77 -31.63 -23.27
N PRO C 306 1.71 -31.48 -24.21
CA PRO C 306 1.51 -30.52 -25.30
C PRO C 306 0.34 -30.85 -26.20
N GLY C 307 0.02 -32.14 -26.38
CA GLY C 307 -1.12 -32.51 -27.18
C GLY C 307 -2.46 -32.40 -26.50
N SER C 308 -2.47 -32.07 -25.21
CA SER C 308 -3.70 -32.03 -24.44
C SER C 308 -4.60 -30.87 -24.89
N LEU C 309 -5.89 -30.98 -24.55
CA LEU C 309 -6.84 -29.93 -24.88
C LEU C 309 -6.53 -28.64 -24.15
N LEU C 310 -5.93 -28.73 -22.95
CA LEU C 310 -5.58 -27.53 -22.20
C LEU C 310 -4.46 -26.76 -22.89
N SER C 311 -3.46 -27.46 -23.43
CA SER C 311 -2.36 -26.80 -24.11
C SER C 311 -2.84 -26.13 -25.39
N LEU C 312 -3.78 -26.77 -26.10
CA LEU C 312 -4.34 -26.15 -27.30
C LEU C 312 -5.16 -24.92 -26.95
N PHE C 313 -5.94 -24.99 -25.86
CA PHE C 313 -6.70 -23.84 -25.42
C PHE C 313 -5.78 -22.65 -25.11
N ARG C 314 -4.66 -22.92 -24.43
CA ARG C 314 -3.73 -21.86 -24.07
C ARG C 314 -3.06 -21.27 -25.31
N ARG C 315 -2.70 -22.12 -26.28
CA ARG C 315 -2.08 -21.62 -27.51
C ARG C 315 -3.05 -20.76 -28.30
N LEU C 316 -4.29 -21.23 -28.46
CA LEU C 316 -5.29 -20.47 -29.21
C LEU C 316 -5.66 -19.19 -28.48
N SER C 317 -5.74 -19.25 -27.14
CA SER C 317 -6.07 -18.05 -26.37
C SER C 317 -4.96 -17.01 -26.46
N ASP C 318 -3.70 -17.47 -26.47
CA ASP C 318 -2.59 -16.55 -26.65
C ASP C 318 -2.65 -15.87 -28.01
N GLN C 319 -2.95 -16.63 -29.06
CA GLN C 319 -3.05 -16.06 -30.41
C GLN C 319 -4.23 -15.13 -30.54
N ARG C 320 -5.34 -15.42 -29.85
CA ARG C 320 -6.54 -14.61 -29.99
C ARG C 320 -6.39 -13.24 -29.33
N SER C 321 -5.59 -13.15 -28.28
CA SER C 321 -5.47 -11.93 -27.50
C SER C 321 -4.28 -11.05 -27.91
N LYS C 322 -3.46 -11.49 -28.87
CA LYS C 322 -2.28 -10.72 -29.24
C LYS C 322 -2.21 -10.37 -30.72
N GLU C 323 -2.72 -11.23 -31.61
CA GLU C 323 -2.63 -10.98 -33.05
C GLU C 323 -3.78 -10.06 -33.47
N ARG C 324 -3.42 -8.92 -34.07
CA ARG C 324 -4.41 -7.88 -34.35
C ARG C 324 -5.38 -8.27 -35.45
N SER C 325 -5.05 -9.28 -36.26
CA SER C 325 -6.02 -9.78 -37.23
C SER C 325 -7.16 -10.52 -36.55
N LEU C 326 -6.88 -11.15 -35.41
CA LEU C 326 -7.90 -11.86 -34.65
C LEU C 326 -8.64 -10.96 -33.66
N LEU C 327 -8.08 -9.78 -33.35
CA LEU C 327 -8.73 -8.89 -32.40
C LEU C 327 -9.80 -8.03 -33.06
N HIS C 328 -9.70 -7.79 -34.36
CA HIS C 328 -10.68 -7.03 -35.11
C HIS C 328 -11.47 -7.96 -36.02
N GLY C 329 -12.76 -7.65 -36.19
CA GLY C 329 -13.67 -8.55 -36.87
C GLY C 329 -13.82 -8.34 -38.36
N ASP C 330 -12.77 -8.61 -39.13
CA ASP C 330 -12.84 -8.62 -40.59
C ASP C 330 -12.64 -10.05 -41.05
N PHE C 331 -13.64 -10.58 -41.77
CA PHE C 331 -13.77 -12.01 -41.96
C PHE C 331 -14.41 -12.28 -43.32
N HIS C 332 -13.82 -13.20 -44.07
CA HIS C 332 -14.38 -13.65 -45.35
C HIS C 332 -14.24 -15.15 -45.45
N ALA C 333 -15.36 -15.83 -45.70
CA ALA C 333 -15.38 -17.28 -45.85
C ALA C 333 -15.72 -17.63 -47.29
N PHE C 334 -14.78 -18.27 -47.96
CA PHE C 334 -14.96 -18.70 -49.34
C PHE C 334 -15.31 -20.18 -49.40
N SER C 335 -16.09 -20.56 -50.41
CA SER C 335 -16.44 -21.96 -50.60
C SER C 335 -15.19 -22.74 -51.00
N ALA C 336 -14.94 -23.84 -50.29
CA ALA C 336 -13.71 -24.59 -50.52
C ALA C 336 -13.89 -26.10 -50.36
N GLY C 337 -15.13 -26.60 -50.41
CA GLY C 337 -15.38 -28.02 -50.34
C GLY C 337 -16.76 -28.33 -49.80
N PRO C 338 -17.11 -29.61 -49.75
CA PRO C 338 -18.44 -30.00 -49.27
C PRO C 338 -18.57 -29.88 -47.75
N GLY C 339 -17.62 -30.46 -47.03
CA GLY C 339 -17.67 -30.46 -45.57
C GLY C 339 -16.61 -29.58 -44.93
N LEU C 340 -16.07 -28.63 -45.69
CA LEU C 340 -15.01 -27.75 -45.22
C LEU C 340 -15.56 -26.39 -44.83
N PHE C 341 -14.95 -25.82 -43.78
CA PHE C 341 -15.16 -24.43 -43.39
C PHE C 341 -13.79 -23.75 -43.40
N SER C 342 -13.58 -22.88 -44.39
CA SER C 342 -12.34 -22.16 -44.56
C SER C 342 -12.63 -20.66 -44.60
N TYR C 343 -11.78 -19.88 -43.95
CA TYR C 343 -11.97 -18.43 -43.96
C TYR C 343 -10.65 -17.74 -43.70
N ILE C 344 -10.63 -16.45 -44.01
CA ILE C 344 -9.46 -15.59 -43.86
C ILE C 344 -9.78 -14.52 -42.83
N ARG C 345 -8.77 -14.11 -42.07
CA ARG C 345 -8.90 -13.04 -41.10
C ARG C 345 -7.77 -12.04 -41.31
N HIS C 346 -8.12 -10.77 -41.40
CA HIS C 346 -7.16 -9.75 -41.78
C HIS C 346 -7.53 -8.43 -41.12
N TRP C 347 -6.53 -7.56 -40.96
CA TRP C 347 -6.74 -6.22 -40.44
C TRP C 347 -5.63 -5.32 -40.97
N ASP C 348 -6.00 -4.35 -41.81
CA ASP C 348 -5.04 -3.42 -42.41
C ASP C 348 -3.93 -4.16 -43.13
N GLN C 349 -2.72 -4.17 -42.56
CA GLN C 349 -1.62 -4.90 -43.18
C GLN C 349 -0.83 -5.70 -42.15
N ASN C 350 -1.50 -6.21 -41.12
CA ASN C 350 -0.85 -7.06 -40.14
C ASN C 350 -0.77 -8.50 -40.66
N GLU C 351 -0.28 -9.40 -39.82
CA GLU C 351 -0.19 -10.81 -40.18
C GLU C 351 -1.57 -11.39 -40.44
N ARG C 352 -1.71 -12.12 -41.54
CA ARG C 352 -2.99 -12.73 -41.88
C ARG C 352 -3.03 -14.18 -41.42
N PHE C 353 -4.24 -14.67 -41.17
CA PHE C 353 -4.48 -15.99 -40.63
C PHE C 353 -5.55 -16.71 -41.45
N LEU C 354 -5.24 -17.94 -41.84
CA LEU C 354 -6.16 -18.79 -42.59
C LEU C 354 -6.56 -19.98 -41.72
N VAL C 355 -7.87 -20.20 -41.61
CA VAL C 355 -8.42 -21.28 -40.80
C VAL C 355 -9.12 -22.27 -41.73
N VAL C 356 -8.76 -23.54 -41.65
CA VAL C 356 -9.36 -24.60 -42.45
C VAL C 356 -9.84 -25.69 -41.50
N LEU C 357 -11.14 -25.97 -41.51
CA LEU C 357 -11.76 -26.90 -40.59
C LEU C 357 -12.46 -28.01 -41.35
N ASN C 358 -12.12 -29.26 -41.04
CA ASN C 358 -12.75 -30.44 -41.63
C ASN C 358 -13.62 -31.09 -40.56
N PHE C 359 -14.93 -30.90 -40.65
CA PHE C 359 -15.86 -31.47 -39.68
C PHE C 359 -16.20 -32.93 -39.95
N GLY C 360 -15.86 -33.46 -41.13
CA GLY C 360 -16.27 -34.80 -41.49
C GLY C 360 -15.25 -35.87 -41.12
N ASP C 361 -15.68 -37.12 -41.26
CA ASP C 361 -14.86 -38.29 -40.94
C ASP C 361 -14.12 -38.85 -42.15
N VAL C 362 -14.00 -38.07 -43.22
CA VAL C 362 -13.30 -38.48 -44.43
C VAL C 362 -12.27 -37.42 -44.78
N GLY C 363 -11.18 -37.86 -45.41
CA GLY C 363 -10.17 -36.93 -45.89
C GLY C 363 -10.76 -36.04 -46.98
N LEU C 364 -10.60 -34.74 -46.83
CA LEU C 364 -11.26 -33.76 -47.69
C LEU C 364 -10.24 -32.77 -48.23
N SER C 365 -10.45 -32.32 -49.46
CA SER C 365 -9.52 -31.46 -50.17
C SER C 365 -9.91 -30.00 -50.05
N ALA C 366 -8.91 -29.14 -49.97
CA ALA C 366 -9.13 -27.69 -49.92
C ALA C 366 -9.43 -27.13 -51.31
N LEU C 379 -4.53 -15.07 -51.56
CA LEU C 379 -3.59 -15.87 -50.78
C LEU C 379 -2.38 -16.28 -51.63
N PRO C 380 -1.20 -16.23 -51.02
CA PRO C 380 0.01 -16.70 -51.72
C PRO C 380 -0.01 -18.21 -51.91
N ALA C 381 0.96 -18.69 -52.68
CA ALA C 381 1.03 -20.13 -52.94
C ALA C 381 1.43 -20.92 -51.70
N LYS C 382 2.40 -20.42 -50.93
CA LYS C 382 2.87 -21.12 -49.75
C LYS C 382 2.69 -20.25 -48.52
N ALA C 383 2.12 -20.82 -47.46
CA ALA C 383 1.92 -20.13 -46.20
C ALA C 383 2.45 -20.98 -45.05
N ASP C 384 2.72 -20.30 -43.93
CA ASP C 384 3.32 -20.94 -42.76
C ASP C 384 2.24 -21.51 -41.83
N LEU C 385 2.40 -22.78 -41.46
CA LEU C 385 1.44 -23.46 -40.61
C LEU C 385 1.74 -23.12 -39.14
N LEU C 386 0.78 -22.49 -38.46
CA LEU C 386 0.97 -22.18 -37.05
C LEU C 386 0.79 -23.43 -36.20
N LEU C 387 -0.36 -24.10 -36.33
CA LEU C 387 -0.61 -25.33 -35.58
C LEU C 387 -1.70 -26.12 -36.29
N SER C 388 -1.87 -27.37 -35.86
CA SER C 388 -2.97 -28.22 -36.30
C SER C 388 -3.63 -28.84 -35.07
N THR C 389 -4.91 -29.17 -35.21
CA THR C 389 -5.63 -29.83 -34.12
C THR C 389 -5.23 -31.29 -33.95
N GLN C 390 -4.39 -31.82 -34.83
CA GLN C 390 -3.94 -33.21 -34.77
C GLN C 390 -2.43 -33.24 -34.96
N PRO C 391 -1.75 -34.20 -34.33
CA PRO C 391 -0.30 -34.27 -34.43
C PRO C 391 0.16 -34.85 -35.77
N GLY C 392 1.46 -34.78 -35.99
CA GLY C 392 2.07 -35.32 -37.19
C GLY C 392 2.36 -34.35 -38.30
N ARG C 393 2.47 -33.05 -38.00
CA ARG C 393 2.80 -32.04 -39.01
C ARG C 393 3.91 -31.14 -38.48
N GLU C 394 4.48 -30.36 -39.38
CA GLU C 394 5.59 -29.46 -39.09
C GLU C 394 5.05 -28.06 -38.85
N GLU C 395 4.83 -27.71 -37.59
CA GLU C 395 4.40 -26.36 -37.23
C GLU C 395 5.61 -25.45 -37.24
N GLY C 396 5.53 -24.38 -38.03
CA GLY C 396 6.67 -23.52 -38.28
C GLY C 396 7.43 -23.83 -39.55
N SER C 397 6.80 -24.55 -40.49
CA SER C 397 7.40 -24.90 -41.76
C SER C 397 6.31 -24.67 -42.81
N PRO C 398 6.60 -23.98 -43.90
CA PRO C 398 5.55 -23.56 -44.83
C PRO C 398 4.88 -24.74 -45.52
N LEU C 399 3.57 -24.64 -45.69
CA LEU C 399 2.78 -25.55 -46.49
C LEU C 399 2.24 -24.81 -47.72
N GLU C 400 1.47 -25.52 -48.53
CA GLU C 400 0.91 -24.95 -49.75
C GLU C 400 -0.59 -25.11 -49.76
N LEU C 401 -1.28 -24.22 -50.45
CA LEU C 401 -2.73 -24.12 -50.39
C LEU C 401 -3.41 -24.70 -51.62
N GLU C 402 -2.68 -25.49 -52.40
CA GLU C 402 -3.25 -26.24 -53.51
C GLU C 402 -3.11 -27.74 -53.35
N ARG C 403 -2.04 -28.20 -52.68
CA ARG C 403 -1.89 -29.60 -52.32
C ARG C 403 -2.27 -29.85 -50.86
N LEU C 404 -3.08 -28.97 -50.27
CA LEU C 404 -3.57 -29.18 -48.91
C LEU C 404 -4.60 -30.29 -48.86
N LYS C 405 -4.37 -31.26 -47.98
CA LYS C 405 -5.26 -32.39 -47.78
C LYS C 405 -5.39 -32.60 -46.28
N LEU C 406 -6.62 -32.61 -45.80
CA LEU C 406 -6.89 -32.67 -44.38
C LEU C 406 -7.37 -34.06 -43.96
N GLU C 407 -6.83 -34.54 -42.83
CA GLU C 407 -7.26 -35.78 -42.22
C GLU C 407 -8.65 -35.58 -41.60
N PRO C 408 -9.35 -36.67 -41.26
CA PRO C 408 -10.66 -36.52 -40.62
C PRO C 408 -10.58 -35.73 -39.33
N HIS C 409 -11.52 -34.80 -39.16
CA HIS C 409 -11.65 -33.98 -37.96
C HIS C 409 -10.44 -33.08 -37.72
N GLU C 410 -9.66 -32.78 -38.75
CA GLU C 410 -8.47 -31.97 -38.59
C GLU C 410 -8.79 -30.49 -38.83
N GLY C 411 -8.15 -29.65 -38.06
CA GLY C 411 -8.22 -28.21 -38.27
C GLY C 411 -6.84 -27.62 -38.35
N LEU C 412 -6.68 -26.65 -39.25
CA LEU C 412 -5.40 -26.00 -39.49
C LEU C 412 -5.51 -24.51 -39.24
N LEU C 413 -4.46 -23.94 -38.65
CA LEU C 413 -4.33 -22.49 -38.49
C LEU C 413 -3.01 -22.08 -39.12
N LEU C 414 -3.07 -21.22 -40.14
CA LEU C 414 -1.90 -20.83 -40.89
C LEU C 414 -1.75 -19.31 -40.89
N ARG C 415 -0.52 -18.84 -40.98
CA ARG C 415 -0.19 -17.42 -40.99
C ARG C 415 0.58 -17.08 -42.26
N PHE C 416 0.43 -15.84 -42.72
CA PHE C 416 1.22 -15.36 -43.85
C PHE C 416 1.16 -13.85 -43.91
N PRO C 417 2.28 -13.16 -44.19
CA PRO C 417 2.37 -11.70 -44.23
C PRO C 417 1.95 -11.12 -45.58
N GLN D 6 3.79 -30.34 38.64
CA GLN D 6 4.87 -29.72 39.40
C GLN D 6 4.49 -28.32 39.86
N LYS D 7 5.45 -27.63 40.48
CA LYS D 7 5.21 -26.25 40.91
C LYS D 7 4.93 -25.37 39.70
N TRP D 8 4.07 -24.37 39.90
CA TRP D 8 3.65 -23.55 38.76
C TRP D 8 4.79 -22.70 38.22
N TRP D 9 5.64 -22.17 39.11
CA TRP D 9 6.76 -21.35 38.65
C TRP D 9 7.88 -22.17 38.02
N HIS D 10 7.76 -23.50 38.00
CA HIS D 10 8.68 -24.34 37.25
C HIS D 10 8.28 -24.48 35.78
N THR D 11 7.06 -24.08 35.42
CA THR D 11 6.47 -24.42 34.13
C THR D 11 6.64 -23.32 33.09
N GLY D 12 7.44 -22.31 33.36
CA GLY D 12 7.64 -21.26 32.37
C GLY D 12 8.31 -20.04 32.98
N ALA D 13 8.24 -18.94 32.24
CA ALA D 13 8.93 -17.71 32.60
C ALA D 13 8.02 -16.81 33.43
N LEU D 14 8.65 -15.97 34.25
CA LEU D 14 7.95 -14.93 34.99
C LEU D 14 8.14 -13.59 34.29
N TYR D 15 7.17 -12.71 34.47
CA TYR D 15 7.07 -11.45 33.72
C TYR D 15 6.83 -10.32 34.72
N ARG D 16 7.82 -9.44 34.87
CA ARG D 16 7.77 -8.39 35.89
C ARG D 16 7.20 -7.11 35.29
N ILE D 17 6.15 -6.60 35.91
CA ILE D 17 5.56 -5.31 35.52
C ILE D 17 5.74 -4.34 36.67
N GLY D 18 6.85 -3.59 36.65
CA GLY D 18 7.15 -2.69 37.75
C GLY D 18 6.33 -1.41 37.75
N ASP D 19 5.91 -0.96 36.57
CA ASP D 19 5.13 0.27 36.45
C ASP D 19 3.89 -0.01 35.63
N LEU D 20 2.72 0.25 36.21
CA LEU D 20 1.47 -0.01 35.52
C LEU D 20 1.19 1.04 34.45
N GLN D 21 1.55 2.30 34.72
CA GLN D 21 1.25 3.36 33.78
C GLN D 21 2.17 3.33 32.56
N ALA D 22 3.43 2.95 32.75
CA ALA D 22 4.34 2.82 31.61
C ALA D 22 3.98 1.61 30.76
N PHE D 23 3.53 0.52 31.40
CA PHE D 23 3.18 -0.69 30.66
C PHE D 23 1.90 -0.52 29.86
N GLN D 24 0.95 0.27 30.35
CA GLN D 24 -0.38 0.33 29.76
C GLN D 24 -0.71 1.67 29.11
N GLY D 25 -0.19 2.78 29.61
CA GLY D 25 -0.52 4.07 29.03
C GLY D 25 -1.03 5.08 30.04
N HIS D 26 -0.99 6.36 29.69
CA HIS D 26 -1.45 7.40 30.60
C HIS D 26 -2.93 7.21 30.91
N GLY D 27 -3.25 7.16 32.20
CA GLY D 27 -4.62 7.00 32.66
C GLY D 27 -5.07 5.56 32.75
N ALA D 28 -4.54 4.67 31.90
CA ALA D 28 -4.86 3.26 31.92
C ALA D 28 -4.00 2.46 32.90
N GLY D 29 -3.17 3.13 33.71
CA GLY D 29 -2.28 2.41 34.62
C GLY D 29 -2.97 1.94 35.87
N ASN D 30 -3.96 1.07 35.71
CA ASN D 30 -4.74 0.53 36.82
C ASN D 30 -4.91 -0.97 36.64
N LEU D 31 -5.48 -1.62 37.65
CA LEU D 31 -5.67 -3.06 37.60
C LEU D 31 -6.65 -3.46 36.50
N ALA D 32 -7.66 -2.63 36.24
CA ALA D 32 -8.59 -2.93 35.16
C ALA D 32 -7.87 -2.94 33.81
N GLY D 33 -6.88 -2.05 33.64
CA GLY D 33 -6.14 -2.04 32.39
C GLY D 33 -5.24 -3.25 32.24
N LEU D 34 -4.68 -3.72 33.35
CA LEU D 34 -3.87 -4.95 33.30
C LEU D 34 -4.71 -6.15 32.90
N LYS D 35 -6.01 -6.15 33.24
CA LYS D 35 -6.88 -7.24 32.83
C LYS D 35 -6.98 -7.32 31.31
N GLY D 36 -6.96 -6.17 30.63
CA GLY D 36 -7.04 -6.13 29.19
C GLY D 36 -5.77 -6.50 28.47
N ARG D 37 -4.67 -6.70 29.20
CA ARG D 37 -3.41 -7.13 28.61
C ARG D 37 -3.11 -8.60 28.88
N LEU D 38 -4.00 -9.30 29.58
CA LEU D 38 -3.77 -10.72 29.85
C LEU D 38 -3.76 -11.56 28.58
N ASP D 39 -4.55 -11.17 27.57
CA ASP D 39 -4.52 -11.89 26.31
C ASP D 39 -3.15 -11.79 25.65
N TYR D 40 -2.57 -10.59 25.65
CA TYR D 40 -1.22 -10.43 25.12
C TYR D 40 -0.21 -11.26 25.91
N LEU D 41 -0.32 -11.24 27.25
CA LEU D 41 0.60 -12.02 28.07
C LEU D 41 0.41 -13.52 27.87
N SER D 42 -0.80 -13.95 27.49
CA SER D 42 -0.97 -15.35 27.09
C SER D 42 -0.19 -15.66 25.83
N SER D 43 -0.18 -14.72 24.87
CA SER D 43 0.58 -14.92 23.64
C SER D 43 2.08 -15.02 23.89
N LEU D 44 2.57 -14.47 25.01
CA LEU D 44 3.96 -14.67 25.40
C LEU D 44 4.16 -15.99 26.11
N LYS D 45 3.08 -16.67 26.49
CA LYS D 45 3.11 -17.99 27.14
C LYS D 45 3.83 -17.94 28.48
N VAL D 46 3.77 -16.80 29.14
CA VAL D 46 4.34 -16.66 30.47
C VAL D 46 3.38 -17.28 31.50
N LYS D 47 3.94 -17.78 32.59
CA LYS D 47 3.16 -18.45 33.62
C LYS D 47 2.87 -17.57 34.83
N GLY D 48 3.55 -16.43 34.96
CA GLY D 48 3.33 -15.57 36.11
C GLY D 48 3.67 -14.11 35.92
N LEU D 49 2.87 -13.24 36.54
CA LEU D 49 3.13 -11.80 36.54
C LEU D 49 3.68 -11.39 37.90
N VAL D 50 4.69 -10.53 37.88
CA VAL D 50 5.18 -9.87 39.09
C VAL D 50 4.62 -8.44 39.06
N LEU D 51 3.64 -8.18 39.91
CA LEU D 51 2.86 -6.95 39.87
C LEU D 51 3.20 -6.06 41.06
N GLY D 52 3.34 -4.77 40.80
CA GLY D 52 3.40 -3.79 41.86
C GLY D 52 4.79 -3.30 42.20
N PRO D 53 4.97 -2.77 43.42
CA PRO D 53 3.97 -2.64 44.49
C PRO D 53 2.81 -1.70 44.16
N ILE D 54 1.66 -1.90 44.81
CA ILE D 54 0.47 -1.11 44.52
C ILE D 54 -0.18 -0.63 45.82
N HIS D 55 0.48 -0.85 46.94
CA HIS D 55 -0.13 -0.52 48.22
C HIS D 55 0.06 0.95 48.55
N LYS D 56 -0.72 1.43 49.53
CA LYS D 56 -0.60 2.80 50.00
C LYS D 56 0.75 2.98 50.68
N ASN D 57 1.55 3.92 50.18
CA ASN D 57 2.87 4.18 50.72
C ASN D 57 3.15 5.67 50.65
N GLN D 58 2.88 6.37 51.75
CA GLN D 58 3.37 7.73 51.90
C GLN D 58 4.88 7.67 52.13
N LYS D 59 5.66 8.21 51.18
CA LYS D 59 7.07 7.91 51.13
C LYS D 59 7.79 8.35 52.41
N ASP D 60 8.66 7.47 52.91
CA ASP D 60 9.46 7.71 54.11
C ASP D 60 8.61 7.95 55.35
N ASP D 61 7.37 7.43 55.35
CA ASP D 61 6.47 7.53 56.49
C ASP D 61 6.00 6.12 56.83
N VAL D 62 6.55 5.55 57.91
CA VAL D 62 6.22 4.18 58.27
C VAL D 62 4.78 4.08 58.75
N ALA D 63 4.37 5.01 59.62
CA ALA D 63 3.03 4.94 60.19
C ALA D 63 1.94 5.08 59.14
N GLN D 64 2.20 5.88 58.10
CA GLN D 64 1.25 6.11 57.02
C GLN D 64 1.51 5.22 55.81
N THR D 65 2.00 4.01 56.02
CA THR D 65 2.21 3.03 54.96
C THR D 65 1.45 1.76 55.33
N ASP D 66 0.56 1.32 54.44
CA ASP D 66 -0.35 0.21 54.70
C ASP D 66 -0.23 -0.77 53.54
N LEU D 67 0.47 -1.89 53.76
CA LEU D 67 0.62 -2.88 52.71
C LEU D 67 -0.68 -3.64 52.43
N LEU D 68 -1.71 -3.46 53.26
CA LEU D 68 -2.97 -4.18 53.13
C LEU D 68 -4.02 -3.39 52.37
N GLN D 69 -3.70 -2.19 51.91
CA GLN D 69 -4.63 -1.33 51.20
C GLN D 69 -4.01 -0.90 49.88
N ILE D 70 -4.78 -1.01 48.80
CA ILE D 70 -4.30 -0.65 47.47
C ILE D 70 -4.43 0.85 47.29
N ASP D 71 -3.37 1.47 46.79
CA ASP D 71 -3.40 2.88 46.40
C ASP D 71 -4.53 3.08 45.39
N PRO D 72 -5.49 3.98 45.66
CA PRO D 72 -6.64 4.13 44.76
C PRO D 72 -6.27 4.48 43.32
N ASN D 73 -5.11 5.08 43.09
CA ASN D 73 -4.68 5.40 41.73
C ASN D 73 -4.46 4.16 40.87
N PHE D 74 -4.41 2.98 41.49
CA PHE D 74 -4.22 1.73 40.77
C PHE D 74 -5.48 0.90 40.64
N GLY D 75 -6.55 1.27 41.34
CA GLY D 75 -7.80 0.55 41.32
C GLY D 75 -8.24 0.18 42.72
N SER D 76 -9.24 -0.69 42.80
CA SER D 76 -9.81 -1.13 44.06
C SER D 76 -9.45 -2.59 44.32
N LYS D 77 -9.81 -3.04 45.52
CA LYS D 77 -9.61 -4.45 45.85
C LYS D 77 -10.48 -5.35 44.98
N GLU D 78 -11.68 -4.87 44.61
CA GLU D 78 -12.53 -5.63 43.71
C GLU D 78 -11.93 -5.71 42.31
N ASP D 79 -11.26 -4.65 41.86
CA ASP D 79 -10.48 -4.73 40.63
C ASP D 79 -9.39 -5.79 40.76
N PHE D 80 -8.75 -5.86 41.94
CA PHE D 80 -7.71 -6.86 42.16
C PHE D 80 -8.27 -8.26 42.14
N ASP D 81 -9.46 -8.47 42.73
CA ASP D 81 -10.08 -9.79 42.66
C ASP D 81 -10.45 -10.15 41.23
N SER D 82 -10.97 -9.19 40.46
CA SER D 82 -11.30 -9.45 39.07
C SER D 82 -10.05 -9.82 38.28
N LEU D 83 -8.92 -9.16 38.57
CA LEU D 83 -7.67 -9.50 37.90
C LEU D 83 -7.23 -10.91 38.24
N LEU D 84 -7.41 -11.33 39.50
CA LEU D 84 -7.05 -12.68 39.90
C LEU D 84 -7.91 -13.73 39.21
N GLN D 85 -9.21 -13.44 39.05
CA GLN D 85 -10.10 -14.41 38.43
C GLN D 85 -9.83 -14.51 36.93
N SER D 86 -9.60 -13.38 36.26
CA SER D 86 -9.26 -13.40 34.85
C SER D 86 -7.92 -14.09 34.61
N ALA D 87 -6.95 -13.88 35.51
CA ALA D 87 -5.65 -14.52 35.37
C ALA D 87 -5.75 -16.02 35.60
N LYS D 88 -6.48 -16.44 36.64
CA LYS D 88 -6.65 -17.87 36.88
C LYS D 88 -7.37 -18.55 35.72
N LYS D 89 -8.28 -17.84 35.06
CA LYS D 89 -8.98 -18.38 33.91
C LYS D 89 -8.08 -18.55 32.69
N LYS D 90 -6.95 -17.85 32.65
CA LYS D 90 -6.01 -17.92 31.54
C LYS D 90 -4.71 -18.62 31.92
N SER D 91 -4.70 -19.33 33.06
CA SER D 91 -3.54 -20.12 33.51
C SER D 91 -2.32 -19.25 33.77
N ILE D 92 -2.53 -17.98 34.12
CA ILE D 92 -1.47 -17.06 34.49
C ILE D 92 -1.62 -16.72 35.97
N ARG D 93 -0.53 -16.81 36.72
CA ARG D 93 -0.56 -16.53 38.15
C ARG D 93 -0.02 -15.12 38.43
N VAL D 94 -0.37 -14.62 39.62
CA VAL D 94 -0.10 -13.23 39.99
C VAL D 94 0.81 -13.21 41.21
N ILE D 95 1.93 -12.52 41.10
CA ILE D 95 2.87 -12.29 42.18
C ILE D 95 2.78 -10.83 42.58
N LEU D 96 2.65 -10.56 43.88
CA LEU D 96 2.51 -9.21 44.40
C LEU D 96 3.84 -8.76 45.00
N ASP D 97 4.36 -7.63 44.50
CA ASP D 97 5.57 -7.04 45.06
C ASP D 97 5.21 -6.27 46.32
N LEU D 98 5.85 -6.61 47.44
CA LEU D 98 5.53 -6.04 48.74
C LEU D 98 6.63 -5.17 49.30
N THR D 99 7.53 -4.69 48.45
CA THR D 99 8.61 -3.81 48.90
C THR D 99 8.01 -2.58 49.58
N PRO D 100 8.29 -2.35 50.87
CA PRO D 100 7.48 -1.39 51.65
C PRO D 100 7.54 0.05 51.17
N ASN D 101 8.74 0.62 51.16
CA ASN D 101 8.91 2.04 50.84
C ASN D 101 9.33 2.22 49.38
N TYR D 102 8.47 1.76 48.48
CA TYR D 102 8.79 1.77 47.07
C TYR D 102 8.67 3.14 46.42
N ARG D 103 8.20 4.16 47.14
CA ARG D 103 8.16 5.52 46.62
C ARG D 103 9.23 6.41 47.21
N GLY D 104 10.07 5.90 48.11
CA GLY D 104 11.21 6.61 48.64
C GLY D 104 12.50 6.03 48.07
N GLU D 105 13.61 6.61 48.52
CA GLU D 105 14.89 6.15 47.99
C GLU D 105 15.37 4.88 48.68
N ASN D 106 15.10 4.71 49.96
CA ASN D 106 15.40 3.48 50.66
C ASN D 106 14.14 2.62 50.67
N SER D 107 14.22 1.46 50.02
CA SER D 107 13.04 0.61 49.82
C SER D 107 12.51 0.04 51.12
N TRP D 108 13.34 -0.07 52.16
CA TRP D 108 12.92 -0.66 53.42
C TRP D 108 12.91 0.35 54.56
N PHE D 109 12.81 1.64 54.24
CA PHE D 109 12.93 2.72 55.21
C PHE D 109 14.30 2.71 55.86
N SER D 110 14.59 3.69 56.70
CA SER D 110 15.84 3.74 57.45
C SER D 110 15.63 3.55 58.95
N THR D 111 14.38 3.38 59.39
CA THR D 111 14.07 3.25 60.81
C THR D 111 13.07 2.11 61.01
N GLN D 112 12.95 1.67 62.26
CA GLN D 112 11.90 0.76 62.70
C GLN D 112 11.90 -0.54 61.89
N VAL D 113 13.02 -1.24 61.93
CA VAL D 113 13.18 -2.47 61.15
C VAL D 113 12.14 -3.51 61.56
N ASP D 114 11.86 -3.61 62.86
CA ASP D 114 10.91 -4.62 63.33
C ASP D 114 9.49 -4.29 62.90
N THR D 115 9.11 -3.01 62.96
CA THR D 115 7.78 -2.61 62.51
C THR D 115 7.62 -2.84 61.01
N VAL D 116 8.65 -2.50 60.22
CA VAL D 116 8.58 -2.70 58.79
C VAL D 116 8.50 -4.19 58.46
N ALA D 117 9.31 -5.01 59.13
CA ALA D 117 9.27 -6.45 58.88
C ALA D 117 7.93 -7.05 59.26
N THR D 118 7.29 -6.51 60.32
CA THR D 118 5.96 -6.98 60.70
C THR D 118 4.93 -6.62 59.62
N LYS D 119 5.05 -5.43 59.03
CA LYS D 119 4.16 -5.04 57.93
C LYS D 119 4.24 -6.04 56.79
N VAL D 120 5.46 -6.44 56.40
CA VAL D 120 5.62 -7.40 55.32
C VAL D 120 5.05 -8.76 55.73
N LYS D 121 5.38 -9.21 56.95
CA LYS D 121 4.90 -10.50 57.42
C LYS D 121 3.37 -10.56 57.42
N ASP D 122 2.73 -9.51 57.95
CA ASP D 122 1.27 -9.47 57.95
C ASP D 122 0.71 -9.35 56.53
N ALA D 123 1.41 -8.63 55.64
CA ALA D 123 0.95 -8.51 54.26
C ALA D 123 1.02 -9.85 53.54
N LEU D 124 2.04 -10.66 53.86
CA LEU D 124 2.12 -12.01 53.30
C LEU D 124 0.86 -12.81 53.60
N GLU D 125 0.49 -12.89 54.88
CA GLU D 125 -0.65 -13.71 55.28
C GLU D 125 -1.96 -13.12 54.80
N PHE D 126 -2.09 -11.79 54.81
CA PHE D 126 -3.31 -11.13 54.34
C PHE D 126 -3.57 -11.45 52.88
N TRP D 127 -2.57 -11.21 52.02
CA TRP D 127 -2.76 -11.40 50.59
C TRP D 127 -2.75 -12.87 50.17
N LEU D 128 -2.17 -13.76 50.99
CA LEU D 128 -2.32 -15.18 50.74
C LEU D 128 -3.77 -15.61 50.90
N GLN D 129 -4.45 -15.07 51.93
CA GLN D 129 -5.88 -15.34 52.10
C GLN D 129 -6.69 -14.74 50.96
N ALA D 130 -6.22 -13.65 50.37
CA ALA D 130 -6.94 -13.00 49.27
C ALA D 130 -6.82 -13.76 47.96
N GLY D 131 -5.89 -14.71 47.86
CA GLY D 131 -5.78 -15.56 46.70
C GLY D 131 -4.62 -15.29 45.77
N VAL D 132 -3.63 -14.51 46.18
CA VAL D 132 -2.47 -14.30 45.32
C VAL D 132 -1.56 -15.53 45.40
N ASP D 133 -0.75 -15.70 44.36
CA ASP D 133 0.04 -16.92 44.21
C ASP D 133 1.47 -16.79 44.72
N GLY D 134 1.95 -15.56 44.94
CA GLY D 134 3.32 -15.39 45.40
C GLY D 134 3.62 -13.94 45.68
N PHE D 135 4.85 -13.70 46.14
CA PHE D 135 5.27 -12.37 46.53
C PHE D 135 6.72 -12.15 46.11
N GLN D 136 7.06 -10.87 45.91
CA GLN D 136 8.42 -10.46 45.61
C GLN D 136 8.84 -9.33 46.54
N VAL D 137 10.07 -9.39 47.03
CA VAL D 137 10.66 -8.32 47.82
C VAL D 137 12.02 -8.00 47.22
N ARG D 138 12.21 -6.76 46.82
CA ARG D 138 13.42 -6.30 46.15
C ARG D 138 14.31 -5.50 47.09
N ASP D 139 15.51 -5.17 46.60
CA ASP D 139 16.47 -4.36 47.34
C ASP D 139 16.77 -4.97 48.71
N ILE D 140 16.97 -6.29 48.71
CA ILE D 140 17.21 -7.04 49.93
C ILE D 140 18.46 -6.56 50.66
N GLU D 141 19.44 -6.04 49.92
CA GLU D 141 20.69 -5.58 50.56
C GLU D 141 20.45 -4.47 51.57
N ASN D 142 19.36 -3.71 51.43
CA ASN D 142 19.02 -2.65 52.37
C ASN D 142 18.23 -3.13 53.57
N LEU D 143 18.07 -4.45 53.74
CA LEU D 143 17.28 -5.02 54.82
C LEU D 143 18.20 -5.67 55.84
N LYS D 144 18.14 -5.18 57.07
CA LYS D 144 18.96 -5.73 58.14
C LYS D 144 18.53 -7.16 58.46
N ASP D 145 19.51 -8.05 58.64
CA ASP D 145 19.26 -9.46 58.92
C ASP D 145 18.33 -10.08 57.88
N ALA D 146 18.64 -9.81 56.61
CA ALA D 146 17.78 -10.25 55.53
C ALA D 146 17.66 -11.77 55.47
N SER D 147 18.76 -12.48 55.75
CA SER D 147 18.71 -13.93 55.71
C SER D 147 17.70 -14.49 56.70
N SER D 148 17.63 -13.90 57.90
CA SER D 148 16.66 -14.35 58.89
C SER D 148 15.23 -14.03 58.46
N PHE D 149 15.01 -12.80 58.01
CA PHE D 149 13.66 -12.39 57.59
C PHE D 149 13.19 -13.18 56.37
N LEU D 150 14.09 -13.41 55.41
CA LEU D 150 13.71 -14.18 54.23
C LEU D 150 13.32 -15.60 54.59
N ALA D 151 14.00 -16.18 55.60
CA ALA D 151 13.64 -17.50 56.08
C ALA D 151 12.26 -17.50 56.74
N GLU D 152 11.99 -16.50 57.58
CA GLU D 152 10.69 -16.40 58.21
C GLU D 152 9.58 -16.19 57.19
N TRP D 153 9.82 -15.36 56.18
CA TRP D 153 8.81 -15.10 55.17
C TRP D 153 8.60 -16.29 54.26
N GLN D 154 9.68 -17.02 53.95
CA GLN D 154 9.55 -18.24 53.14
C GLN D 154 8.75 -19.29 53.91
N ASN D 155 8.99 -19.41 55.21
CA ASN D 155 8.25 -20.37 56.02
C ASN D 155 6.76 -20.07 56.00
N ILE D 156 6.39 -18.79 56.10
CA ILE D 156 4.99 -18.40 56.11
C ILE D 156 4.37 -18.62 54.73
N THR D 157 5.04 -18.16 53.68
CA THR D 157 4.51 -18.28 52.33
C THR D 157 4.31 -19.75 51.95
N LYS D 158 5.31 -20.58 52.23
CA LYS D 158 5.28 -21.98 51.83
C LYS D 158 4.51 -22.84 52.84
N GLY D 159 4.35 -22.36 54.08
CA GLY D 159 3.49 -23.05 55.04
C GLY D 159 2.02 -22.85 54.79
N PHE D 160 1.65 -21.75 54.11
CA PHE D 160 0.26 -21.58 53.68
C PHE D 160 -0.10 -22.63 52.64
N SER D 161 0.78 -22.87 51.68
CA SER D 161 0.57 -23.85 50.62
C SER D 161 1.87 -24.05 49.87
N GLU D 162 2.13 -25.30 49.47
CA GLU D 162 3.33 -25.59 48.70
C GLU D 162 3.34 -24.90 47.35
N ASP D 163 2.16 -24.50 46.85
CA ASP D 163 2.02 -23.87 45.55
C ASP D 163 2.14 -22.35 45.62
N ARG D 164 2.80 -21.81 46.63
CA ARG D 164 3.03 -20.38 46.77
C ARG D 164 4.53 -20.09 46.69
N LEU D 165 4.88 -18.96 46.06
CA LEU D 165 6.26 -18.62 45.76
C LEU D 165 6.66 -17.35 46.50
N LEU D 166 7.93 -17.28 46.88
CA LEU D 166 8.52 -16.06 47.39
C LEU D 166 9.77 -15.74 46.58
N ILE D 167 9.83 -14.51 46.07
CA ILE D 167 10.96 -14.06 45.26
C ILE D 167 11.66 -12.95 46.02
N ALA D 168 12.95 -13.12 46.26
CA ALA D 168 13.77 -12.07 46.84
C ALA D 168 14.69 -11.52 45.76
N GLY D 169 14.93 -10.22 45.81
CA GLY D 169 15.77 -9.57 44.82
C GLY D 169 16.86 -8.75 45.45
N THR D 170 18.05 -8.80 44.84
CA THR D 170 19.19 -8.04 45.32
C THR D 170 19.96 -7.49 44.13
N ASN D 171 20.69 -6.41 44.37
CA ASN D 171 21.55 -5.82 43.35
C ASN D 171 22.96 -6.42 43.36
N SER D 172 23.22 -7.37 44.26
CA SER D 172 24.55 -7.94 44.41
C SER D 172 24.90 -8.85 43.22
N SER D 173 26.18 -8.88 42.88
CA SER D 173 26.72 -9.79 41.89
C SER D 173 27.72 -10.77 42.50
N ASP D 174 28.01 -10.63 43.79
CA ASP D 174 28.94 -11.49 44.51
C ASP D 174 28.26 -12.80 44.88
N LEU D 175 29.07 -13.86 44.96
CA LEU D 175 28.54 -15.21 45.09
C LEU D 175 28.20 -15.59 46.53
N GLN D 176 28.84 -14.96 47.52
CA GLN D 176 28.62 -15.40 48.90
C GLN D 176 27.36 -14.78 49.51
N GLN D 177 27.16 -13.47 49.36
CA GLN D 177 25.91 -12.91 49.87
C GLN D 177 24.69 -13.56 49.21
N ILE D 178 24.86 -14.09 48.00
CA ILE D 178 23.79 -14.90 47.42
C ILE D 178 23.71 -16.23 48.13
N LEU D 179 24.86 -16.89 48.32
CA LEU D 179 24.89 -18.16 49.01
C LEU D 179 24.56 -18.00 50.49
N SER D 180 24.95 -16.88 51.10
CA SER D 180 24.65 -16.66 52.51
C SER D 180 23.17 -16.38 52.74
N LEU D 181 22.51 -15.74 51.78
CA LEU D 181 21.06 -15.57 51.87
C LEU D 181 20.34 -16.90 51.66
N LEU D 182 20.88 -17.75 50.79
CA LEU D 182 20.29 -19.04 50.49
C LEU D 182 20.76 -20.14 51.44
N GLU D 183 21.70 -19.83 52.34
CA GLU D 183 22.33 -20.86 53.17
C GLU D 183 21.29 -21.62 53.99
N SER D 184 20.49 -20.89 54.76
CA SER D 184 19.43 -21.51 55.58
C SER D 184 18.11 -21.63 54.85
N ASN D 185 18.01 -21.13 53.61
CA ASN D 185 16.76 -21.20 52.84
C ASN D 185 16.88 -22.26 51.75
N LYS D 186 17.63 -21.95 50.69
CA LYS D 186 17.92 -22.89 49.61
C LYS D 186 16.70 -23.28 48.79
N ASP D 187 15.51 -22.90 49.22
CA ASP D 187 14.32 -23.01 48.37
C ASP D 187 13.77 -21.67 47.94
N LEU D 188 14.33 -20.57 48.47
CA LEU D 188 13.93 -19.23 48.06
C LEU D 188 14.37 -18.96 46.63
N LEU D 189 13.43 -18.49 45.80
CA LEU D 189 13.77 -18.03 44.46
C LEU D 189 14.37 -16.62 44.56
N LEU D 190 15.61 -16.48 44.13
CA LEU D 190 16.36 -15.24 44.28
C LEU D 190 16.79 -14.72 42.92
N THR D 191 16.63 -13.41 42.72
CA THR D 191 17.08 -12.73 41.51
C THR D 191 18.19 -11.76 41.89
N SER D 192 19.19 -11.64 41.02
CA SER D 192 20.38 -10.87 41.36
C SER D 192 21.06 -10.38 40.09
N SER D 193 22.10 -9.56 40.27
CA SER D 193 22.97 -9.12 39.19
C SER D 193 24.12 -10.08 38.96
N TYR D 194 23.92 -11.37 39.21
CA TYR D 194 24.99 -12.34 39.10
C TYR D 194 25.53 -12.44 37.68
N LEU D 195 24.64 -12.32 36.69
CA LEU D 195 25.02 -12.40 35.28
C LEU D 195 25.04 -11.02 34.61
N SER D 196 25.04 -9.93 35.38
CA SER D 196 24.82 -8.61 34.81
C SER D 196 25.96 -8.21 33.87
N ASP D 197 27.19 -8.63 34.16
CA ASP D 197 28.32 -8.26 33.32
C ASP D 197 28.26 -9.08 32.03
N SER D 198 28.06 -8.40 30.90
CA SER D 198 27.97 -9.07 29.61
C SER D 198 29.31 -9.66 29.17
N THR D 205 30.96 -16.56 31.49
CA THR D 205 29.52 -16.77 31.64
C THR D 205 29.21 -18.22 31.97
N LYS D 206 29.87 -19.12 31.22
CA LYS D 206 29.68 -20.55 31.44
C LYS D 206 30.07 -20.95 32.86
N SER D 207 31.20 -20.42 33.35
CA SER D 207 31.63 -20.75 34.71
C SER D 207 30.67 -20.17 35.74
N LEU D 208 30.12 -18.99 35.45
CA LEU D 208 29.13 -18.39 36.35
C LEU D 208 27.93 -19.32 36.54
N VAL D 209 27.44 -19.90 35.45
CA VAL D 209 26.31 -20.81 35.53
C VAL D 209 26.73 -22.11 36.22
N THR D 210 27.86 -22.68 35.79
CA THR D 210 28.28 -23.97 36.34
C THR D 210 28.70 -23.85 37.80
N GLN D 211 29.38 -22.76 38.17
CA GLN D 211 29.78 -22.59 39.56
C GLN D 211 28.58 -22.43 40.49
N TYR D 212 27.55 -21.71 40.04
CA TYR D 212 26.37 -21.53 40.87
C TYR D 212 25.62 -22.85 41.05
N LEU D 213 25.51 -23.64 39.99
CA LEU D 213 24.78 -24.91 40.11
C LEU D 213 25.56 -25.93 40.91
N ASN D 214 26.89 -25.83 40.92
CA ASN D 214 27.70 -26.74 41.72
C ASN D 214 27.81 -26.28 43.17
N ALA D 215 27.76 -24.97 43.42
CA ALA D 215 27.75 -24.48 44.80
C ALA D 215 26.40 -24.66 45.46
N THR D 216 25.32 -24.69 44.68
CA THR D 216 23.98 -24.87 45.19
C THR D 216 23.49 -26.30 45.06
N GLY D 217 24.33 -27.22 44.59
CA GLY D 217 23.92 -28.60 44.43
C GLY D 217 22.84 -28.82 43.39
N ASN D 218 22.81 -28.00 42.34
CA ASN D 218 21.83 -28.11 41.26
C ASN D 218 20.39 -28.02 41.79
N ARG D 219 20.18 -27.14 42.75
CA ARG D 219 18.82 -26.87 43.21
C ARG D 219 18.12 -25.91 42.27
N TRP D 220 16.79 -25.91 42.31
CA TRP D 220 16.01 -25.03 41.47
C TRP D 220 16.26 -23.58 41.86
N CYS D 221 16.57 -22.75 40.87
CA CYS D 221 16.92 -21.35 41.09
C CYS D 221 16.28 -20.50 40.01
N SER D 222 16.51 -19.20 40.07
CA SER D 222 16.07 -18.27 39.05
C SER D 222 17.23 -17.91 38.14
N TRP D 223 16.88 -17.52 36.91
CA TRP D 223 17.86 -17.06 35.93
C TRP D 223 17.39 -15.72 35.38
N SER D 224 18.25 -14.71 35.50
CA SER D 224 17.95 -13.36 35.04
C SER D 224 19.24 -12.55 35.10
N LEU D 225 19.19 -11.37 34.51
CA LEU D 225 20.32 -10.45 34.55
C LEU D 225 20.17 -9.36 35.60
N SER D 226 18.99 -9.24 36.22
CA SER D 226 18.75 -8.20 37.21
C SER D 226 17.53 -8.59 38.03
N GLN D 227 17.31 -7.84 39.10
CA GLN D 227 16.13 -8.03 39.94
C GLN D 227 14.93 -7.25 39.42
N ALA D 228 15.13 -6.30 38.49
CA ALA D 228 14.01 -5.50 38.00
C ALA D 228 14.29 -4.86 36.63
N ARG D 229 15.56 -4.68 36.29
CA ARG D 229 15.89 -3.87 35.12
C ARG D 229 15.82 -4.69 33.84
N LEU D 230 15.81 -3.98 32.72
CA LEU D 230 15.70 -4.58 31.39
C LEU D 230 17.02 -5.20 30.96
N LEU D 231 16.92 -6.15 30.03
CA LEU D 231 18.11 -6.78 29.46
C LEU D 231 18.99 -5.78 28.73
N THR D 232 18.39 -4.78 28.09
CA THR D 232 19.18 -3.78 27.38
C THR D 232 19.93 -2.85 28.33
N SER D 233 19.66 -2.92 29.63
CA SER D 233 20.45 -2.16 30.60
C SER D 233 21.85 -2.72 30.76
N PHE D 234 22.10 -3.94 30.30
CA PHE D 234 23.41 -4.59 30.42
C PHE D 234 23.92 -5.18 29.11
N LEU D 235 23.06 -5.47 28.14
CA LEU D 235 23.48 -6.11 26.91
C LEU D 235 23.34 -5.18 25.73
N PRO D 236 24.28 -5.20 24.79
CA PRO D 236 24.05 -4.55 23.50
C PRO D 236 23.12 -5.39 22.65
N ALA D 237 22.61 -4.77 21.57
CA ALA D 237 21.62 -5.44 20.73
C ALA D 237 22.15 -6.74 20.16
N GLN D 238 23.46 -6.84 19.93
CA GLN D 238 24.06 -8.02 19.31
C GLN D 238 23.90 -9.28 20.16
N LEU D 239 23.69 -9.13 21.47
CA LEU D 239 23.63 -10.28 22.37
C LEU D 239 22.22 -10.59 22.87
N LEU D 240 21.20 -9.84 22.45
CA LEU D 240 19.86 -10.03 22.98
C LEU D 240 19.31 -11.41 22.63
N ARG D 241 19.37 -11.79 21.36
CA ARG D 241 18.83 -13.08 20.94
C ARG D 241 19.60 -14.22 21.57
N LEU D 242 20.92 -14.07 21.71
CA LEU D 242 21.74 -15.10 22.32
C LEU D 242 21.32 -15.34 23.78
N TYR D 243 21.15 -14.26 24.55
CA TYR D 243 20.82 -14.41 25.97
C TYR D 243 19.40 -14.93 26.18
N GLN D 244 18.47 -14.58 25.30
CA GLN D 244 17.12 -15.11 25.42
C GLN D 244 17.10 -16.62 25.16
N LEU D 245 17.94 -17.10 24.25
CA LEU D 245 18.06 -18.54 24.05
C LEU D 245 18.63 -19.22 25.29
N MET D 246 19.58 -18.58 25.97
CA MET D 246 20.17 -19.17 27.15
C MET D 246 19.18 -19.19 28.32
N LEU D 247 18.53 -18.05 28.58
CA LEU D 247 17.66 -17.94 29.74
C LEU D 247 16.45 -18.87 29.63
N PHE D 248 15.93 -19.07 28.41
CA PHE D 248 14.81 -19.98 28.22
C PHE D 248 15.23 -21.44 28.24
N THR D 249 16.54 -21.72 28.26
CA THR D 249 17.05 -23.08 28.26
C THR D 249 17.96 -23.37 29.44
N LEU D 250 18.01 -22.51 30.44
CA LEU D 250 18.78 -22.88 31.61
C LEU D 250 17.91 -23.61 32.61
N PRO D 251 18.51 -24.47 33.46
CA PRO D 251 17.71 -25.18 34.47
C PRO D 251 17.24 -24.27 35.58
N GLY D 252 15.99 -23.85 35.53
CA GLY D 252 15.43 -22.98 36.54
C GLY D 252 14.33 -22.12 35.95
N THR D 253 13.97 -21.09 36.72
CA THR D 253 12.90 -20.18 36.32
C THR D 253 13.48 -18.94 35.68
N PRO D 254 13.19 -18.68 34.40
CA PRO D 254 13.65 -17.42 33.78
C PRO D 254 12.71 -16.27 34.15
N VAL D 255 13.31 -15.15 34.55
CA VAL D 255 12.55 -13.98 34.99
C VAL D 255 12.89 -12.81 34.06
N PHE D 256 11.87 -12.18 33.50
CA PHE D 256 12.02 -11.05 32.60
C PHE D 256 11.24 -9.85 33.14
N SER D 257 11.53 -8.69 32.55
CA SER D 257 10.78 -7.47 32.78
C SER D 257 10.04 -7.07 31.51
N TYR D 258 8.94 -6.34 31.67
CA TYR D 258 8.13 -5.95 30.53
C TYR D 258 8.99 -5.16 29.54
N GLY D 259 8.86 -5.50 28.26
CA GLY D 259 9.66 -4.90 27.22
C GLY D 259 10.84 -5.74 26.76
N ASP D 260 11.29 -6.69 27.59
CA ASP D 260 12.38 -7.58 27.20
C ASP D 260 12.05 -8.36 25.94
N GLU D 261 10.77 -8.71 25.73
CA GLU D 261 10.38 -9.49 24.56
C GLU D 261 10.55 -8.72 23.26
N ILE D 262 10.54 -7.39 23.31
CA ILE D 262 10.74 -6.57 22.12
C ILE D 262 12.08 -5.83 22.16
N GLY D 263 12.97 -6.22 23.07
CA GLY D 263 14.24 -5.52 23.19
C GLY D 263 14.08 -4.06 23.55
N LEU D 264 13.14 -3.74 24.44
CA LEU D 264 12.89 -2.36 24.82
C LEU D 264 14.16 -1.72 25.37
N ASP D 265 14.55 -0.59 24.78
CA ASP D 265 15.76 0.13 25.15
C ASP D 265 15.36 1.52 25.63
N ALA D 266 15.51 1.77 26.93
CA ALA D 266 15.13 3.06 27.48
C ALA D 266 15.97 4.20 26.93
N ALA D 267 17.22 3.92 26.56
CA ALA D 267 18.07 4.96 25.99
C ALA D 267 17.55 5.42 24.63
N ALA D 268 16.83 4.55 23.92
CA ALA D 268 16.28 4.91 22.61
C ALA D 268 15.18 5.96 22.71
N LEU D 269 14.67 6.23 23.91
CA LEU D 269 13.60 7.21 24.11
C LEU D 269 14.13 8.33 25.00
N PRO D 270 14.49 9.48 24.43
CA PRO D 270 15.15 10.53 25.21
C PRO D 270 14.32 10.98 26.41
N GLY D 271 14.95 10.95 27.59
CA GLY D 271 14.32 11.42 28.80
C GLY D 271 13.63 10.36 29.64
N GLN D 272 13.31 9.21 29.07
CA GLN D 272 12.56 8.20 29.79
C GLN D 272 13.38 7.64 30.95
N PRO D 273 12.71 7.27 32.06
CA PRO D 273 13.43 6.66 33.18
C PRO D 273 13.89 5.25 32.81
N MET D 274 15.13 4.92 33.21
CA MET D 274 15.68 3.61 32.90
C MET D 274 14.88 2.48 33.54
N GLU D 275 14.27 2.73 34.70
CA GLU D 275 13.56 1.65 35.38
C GLU D 275 12.18 1.41 34.78
N ALA D 276 11.47 2.46 34.38
CA ALA D 276 10.07 2.34 33.93
C ALA D 276 9.88 3.08 32.60
N PRO D 277 10.44 2.55 31.52
CA PRO D 277 10.21 3.16 30.20
C PRO D 277 8.85 2.76 29.62
N VAL D 278 8.35 3.62 28.73
CA VAL D 278 7.06 3.40 28.10
C VAL D 278 7.10 2.16 27.23
N MET D 279 6.09 1.31 27.38
CA MET D 279 5.98 0.11 26.55
C MET D 279 5.47 0.50 25.15
N LEU D 280 6.16 0.03 24.13
CA LEU D 280 5.89 0.43 22.75
C LEU D 280 5.00 -0.61 22.09
N TRP D 281 3.69 -0.35 22.08
CA TRP D 281 2.75 -1.25 21.42
C TRP D 281 2.66 -0.94 19.93
N ASP D 282 2.48 0.33 19.59
CA ASP D 282 2.39 0.76 18.20
C ASP D 282 2.97 2.16 18.10
N GLU D 283 2.67 2.85 17.00
CA GLU D 283 3.25 4.18 16.77
C GLU D 283 2.63 5.27 17.63
N SER D 284 1.54 4.97 18.35
CA SER D 284 0.90 5.94 19.23
C SER D 284 1.30 5.77 20.69
N SER D 285 2.22 4.84 20.99
CA SER D 285 2.58 4.57 22.37
C SER D 285 3.47 5.65 22.98
N PHE D 286 4.28 6.32 22.16
CA PHE D 286 5.19 7.36 22.63
C PHE D 286 4.94 8.63 21.83
N PRO D 287 3.87 9.36 22.16
CA PRO D 287 3.55 10.57 21.40
C PRO D 287 4.42 11.78 21.72
N ASP D 288 5.30 11.69 22.72
CA ASP D 288 6.16 12.82 23.04
C ASP D 288 7.10 13.14 21.89
N ILE D 289 7.81 12.13 21.39
CA ILE D 289 8.73 12.28 20.28
C ILE D 289 8.35 11.25 19.22
N PRO D 290 7.44 11.58 18.31
CA PRO D 290 6.96 10.57 17.35
C PRO D 290 8.06 9.97 16.50
N GLY D 291 9.07 10.76 16.11
CA GLY D 291 10.14 10.24 15.29
C GLY D 291 11.05 9.25 16.00
N ALA D 292 10.98 9.20 17.34
CA ALA D 292 11.89 8.36 18.10
C ALA D 292 11.58 6.87 17.96
N VAL D 293 10.36 6.51 17.61
CA VAL D 293 9.92 5.11 17.58
C VAL D 293 9.58 4.71 16.15
N SER D 294 10.22 3.65 15.66
CA SER D 294 9.92 3.04 14.38
C SER D 294 9.14 1.75 14.59
N ALA D 295 8.63 1.20 13.48
CA ALA D 295 7.76 0.02 13.56
C ALA D 295 8.49 -1.20 14.12
N ASN D 296 9.78 -1.35 13.81
CA ASN D 296 10.54 -2.49 14.32
C ASN D 296 10.73 -2.46 15.83
N MET D 297 10.43 -1.33 16.48
CA MET D 297 10.57 -1.21 17.93
C MET D 297 9.29 -1.58 18.68
N THR D 298 8.18 -1.77 17.99
CA THR D 298 6.89 -1.95 18.63
C THR D 298 6.44 -3.40 18.61
N VAL D 299 5.44 -3.69 19.44
CA VAL D 299 4.85 -5.03 19.46
C VAL D 299 4.10 -5.29 18.16
N LYS D 300 3.37 -4.30 17.65
CA LYS D 300 2.62 -4.47 16.42
C LYS D 300 3.53 -4.81 15.24
N GLY D 301 4.65 -4.09 15.12
CA GLY D 301 5.55 -4.33 14.00
C GLY D 301 6.32 -5.64 14.15
N GLN D 302 6.74 -5.95 15.37
CA GLN D 302 7.50 -7.17 15.60
C GLN D 302 6.62 -8.42 15.57
N SER D 303 5.33 -8.28 15.82
CA SER D 303 4.42 -9.43 15.78
C SER D 303 4.22 -9.96 14.37
N GLU D 304 4.48 -9.14 13.35
CA GLU D 304 4.35 -9.55 11.96
C GLU D 304 5.69 -9.97 11.35
N ASP D 305 6.76 -10.01 12.14
CA ASP D 305 8.09 -10.32 11.64
C ASP D 305 8.58 -11.62 12.25
N PRO D 306 8.79 -12.68 11.47
CA PRO D 306 9.33 -13.92 12.04
C PRO D 306 10.75 -13.77 12.58
N GLY D 307 11.55 -12.88 11.99
CA GLY D 307 12.89 -12.61 12.47
C GLY D 307 13.00 -11.69 13.66
N SER D 308 11.87 -11.14 14.11
CA SER D 308 11.86 -10.18 15.20
C SER D 308 12.21 -10.85 16.53
N LEU D 309 12.61 -10.01 17.49
CA LEU D 309 12.92 -10.50 18.83
C LEU D 309 11.68 -11.03 19.53
N LEU D 310 10.50 -10.47 19.23
CA LEU D 310 9.27 -10.95 19.84
C LEU D 310 8.92 -12.36 19.36
N SER D 311 9.12 -12.62 18.07
CA SER D 311 8.83 -13.95 17.54
C SER D 311 9.77 -15.00 18.13
N LEU D 312 11.03 -14.62 18.34
CA LEU D 312 11.96 -15.54 18.99
C LEU D 312 11.58 -15.79 20.44
N PHE D 313 11.15 -14.74 21.14
CA PHE D 313 10.69 -14.90 22.52
C PHE D 313 9.51 -15.85 22.60
N ARG D 314 8.56 -15.71 21.67
CA ARG D 314 7.37 -16.57 21.67
C ARG D 314 7.73 -18.01 21.35
N ARG D 315 8.64 -18.23 20.41
CA ARG D 315 9.05 -19.59 20.08
C ARG D 315 9.77 -20.25 21.25
N LEU D 316 10.70 -19.53 21.88
CA LEU D 316 11.43 -20.08 23.01
C LEU D 316 10.52 -20.27 24.21
N SER D 317 9.58 -19.35 24.43
CA SER D 317 8.66 -19.48 25.56
C SER D 317 7.72 -20.66 25.39
N ASP D 318 7.26 -20.90 24.15
CA ASP D 318 6.43 -22.07 23.89
C ASP D 318 7.21 -23.36 24.15
N GLN D 319 8.47 -23.41 23.71
CA GLN D 319 9.28 -24.60 23.92
C GLN D 319 9.62 -24.82 25.38
N ARG D 320 9.80 -23.73 26.14
CA ARG D 320 10.17 -23.86 27.55
C ARG D 320 9.02 -24.40 28.40
N SER D 321 7.79 -24.11 28.01
CA SER D 321 6.62 -24.49 28.80
C SER D 321 5.98 -25.80 28.35
N LYS D 322 6.49 -26.44 27.30
CA LYS D 322 5.88 -27.65 26.80
C LYS D 322 6.82 -28.85 26.75
N GLU D 323 8.12 -28.64 26.51
CA GLU D 323 9.07 -29.73 26.41
C GLU D 323 9.54 -30.11 27.82
N ARG D 324 9.32 -31.37 28.20
CA ARG D 324 9.60 -31.81 29.56
C ARG D 324 11.09 -31.81 29.89
N SER D 325 11.96 -31.85 28.88
CA SER D 325 13.38 -31.73 29.16
C SER D 325 13.74 -30.34 29.66
N LEU D 326 12.99 -29.33 29.23
CA LEU D 326 13.20 -27.96 29.66
C LEU D 326 12.44 -27.61 30.93
N LEU D 327 11.46 -28.42 31.33
CA LEU D 327 10.70 -28.15 32.54
C LEU D 327 11.38 -28.69 33.79
N HIS D 328 12.20 -29.74 33.65
CA HIS D 328 12.94 -30.31 34.77
C HIS D 328 14.42 -29.99 34.62
N GLY D 329 15.08 -29.80 35.77
CA GLY D 329 16.44 -29.31 35.80
C GLY D 329 17.52 -30.36 35.77
N ASP D 330 17.67 -31.06 34.66
CA ASP D 330 18.78 -31.97 34.43
C ASP D 330 19.66 -31.37 33.35
N PHE D 331 20.93 -31.10 33.70
CA PHE D 331 21.75 -30.20 32.90
C PHE D 331 23.21 -30.62 33.01
N HIS D 332 23.89 -30.73 31.88
CA HIS D 332 25.31 -31.01 31.84
C HIS D 332 25.95 -30.15 30.78
N ALA D 333 26.98 -29.39 31.16
CA ALA D 333 27.69 -28.50 30.26
C ALA D 333 29.12 -29.00 30.07
N PHE D 334 29.46 -29.38 28.83
CA PHE D 334 30.79 -29.85 28.48
C PHE D 334 31.60 -28.76 27.81
N SER D 335 32.92 -28.80 28.04
CA SER D 335 33.83 -27.87 27.39
C SER D 335 33.93 -28.15 25.89
N ALA D 336 33.77 -27.10 25.08
CA ALA D 336 33.73 -27.31 23.63
C ALA D 336 34.33 -26.17 22.82
N GLY D 337 35.15 -25.30 23.42
CA GLY D 337 35.79 -24.24 22.68
C GLY D 337 36.18 -23.06 23.54
N PRO D 338 36.80 -22.05 22.92
CA PRO D 338 37.27 -20.89 23.69
C PRO D 338 36.15 -19.97 24.13
N GLY D 339 35.29 -19.57 23.19
CA GLY D 339 34.21 -18.66 23.49
C GLY D 339 32.84 -19.30 23.46
N LEU D 340 32.79 -20.62 23.59
CA LEU D 340 31.54 -21.36 23.49
C LEU D 340 30.95 -21.71 24.86
N PHE D 341 29.63 -21.66 24.93
CA PHE D 341 28.85 -22.21 26.04
C PHE D 341 27.89 -23.21 25.43
N SER D 342 28.17 -24.50 25.64
CA SER D 342 27.35 -25.57 25.11
C SER D 342 26.93 -26.50 26.24
N TYR D 343 25.69 -26.97 26.19
CA TYR D 343 25.20 -27.87 27.22
C TYR D 343 24.06 -28.70 26.67
N ILE D 344 23.74 -29.77 27.40
CA ILE D 344 22.69 -30.71 27.04
C ILE D 344 21.61 -30.66 28.12
N ARG D 345 20.36 -30.84 27.70
CA ARG D 345 19.23 -30.88 28.62
C ARG D 345 18.39 -32.11 28.32
N HIS D 346 18.05 -32.87 29.37
CA HIS D 346 17.40 -34.16 29.21
C HIS D 346 16.50 -34.43 30.42
N TRP D 347 15.53 -35.31 30.21
CA TRP D 347 14.67 -35.77 31.30
C TRP D 347 14.15 -37.15 30.96
N ASP D 348 14.56 -38.15 31.74
CA ASP D 348 14.17 -39.55 31.55
C ASP D 348 14.54 -39.94 30.12
N GLN D 349 13.61 -40.41 29.30
CA GLN D 349 13.91 -40.64 27.89
C GLN D 349 12.92 -39.87 27.02
N ASN D 350 12.81 -38.56 27.26
CA ASN D 350 12.06 -37.68 26.38
C ASN D 350 13.01 -37.05 25.37
N GLU D 351 12.49 -36.12 24.57
CA GLU D 351 13.32 -35.43 23.59
C GLU D 351 14.39 -34.63 24.32
N ARG D 352 15.64 -34.79 23.91
CA ARG D 352 16.73 -34.03 24.51
C ARG D 352 17.06 -32.82 23.65
N PHE D 353 17.63 -31.80 24.29
CA PHE D 353 17.89 -30.52 23.63
C PHE D 353 19.33 -30.11 23.84
N LEU D 354 19.99 -29.71 22.77
CA LEU D 354 21.37 -29.25 22.81
C LEU D 354 21.42 -27.75 22.48
N VAL D 355 22.07 -26.98 23.34
CA VAL D 355 22.19 -25.53 23.19
C VAL D 355 23.65 -25.20 22.96
N VAL D 356 23.93 -24.46 21.88
CA VAL D 356 25.28 -24.03 21.54
C VAL D 356 25.25 -22.53 21.37
N LEU D 357 26.03 -21.82 22.19
CA LEU D 357 26.02 -20.36 22.24
C LEU D 357 27.42 -19.85 21.96
N ASN D 358 27.55 -18.97 20.96
CA ASN D 358 28.82 -18.34 20.62
C ASN D 358 28.74 -16.87 21.02
N PHE D 359 29.40 -16.52 22.13
CA PHE D 359 29.40 -15.15 22.60
C PHE D 359 30.43 -14.26 21.92
N GLY D 360 31.34 -14.83 21.12
CA GLY D 360 32.43 -14.07 20.55
C GLY D 360 32.12 -13.51 19.17
N ASP D 361 33.02 -12.64 18.70
CA ASP D 361 32.89 -11.94 17.42
C ASP D 361 33.62 -12.64 16.27
N VAL D 362 33.98 -13.91 16.43
CA VAL D 362 34.69 -14.66 15.40
C VAL D 362 33.94 -15.95 15.13
N GLY D 363 34.01 -16.42 13.89
CA GLY D 363 33.44 -17.71 13.56
C GLY D 363 34.21 -18.79 14.29
N LEU D 364 33.49 -19.61 15.05
CA LEU D 364 34.11 -20.57 15.96
C LEU D 364 33.50 -21.95 15.78
N SER D 365 34.32 -22.97 15.96
CA SER D 365 33.93 -24.35 15.74
C SER D 365 33.50 -24.99 17.06
N ALA D 366 32.51 -25.86 16.97
CA ALA D 366 32.01 -26.59 18.14
C ALA D 366 32.95 -27.74 18.51
N LEU D 379 26.19 -38.07 22.47
CA LEU D 379 25.42 -37.39 21.43
C LEU D 379 25.48 -38.16 20.11
N PRO D 380 24.35 -38.23 19.41
CA PRO D 380 24.34 -38.89 18.10
C PRO D 380 25.10 -38.07 17.07
N ALA D 381 25.32 -38.69 15.90
CA ALA D 381 26.04 -38.00 14.83
C ALA D 381 25.21 -36.90 14.20
N LYS D 382 23.92 -37.14 13.98
CA LYS D 382 23.04 -36.17 13.35
C LYS D 382 21.88 -35.84 14.27
N ALA D 383 21.61 -34.55 14.46
CA ALA D 383 20.50 -34.07 15.26
C ALA D 383 19.73 -33.02 14.47
N ASP D 384 18.46 -32.82 14.86
CA ASP D 384 17.58 -31.91 14.17
C ASP D 384 17.69 -30.51 14.77
N LEU D 385 17.91 -29.52 13.90
CA LEU D 385 18.07 -28.14 14.35
C LEU D 385 16.69 -27.50 14.54
N LEU D 386 16.39 -27.08 15.77
CA LEU D 386 15.12 -26.42 16.03
C LEU D 386 15.11 -25.00 15.49
N LEU D 387 16.07 -24.18 15.91
CA LEU D 387 16.16 -22.80 15.44
C LEU D 387 17.57 -22.28 15.67
N SER D 388 17.84 -21.13 15.06
CA SER D 388 19.06 -20.39 15.29
C SER D 388 18.70 -18.95 15.59
N THR D 389 19.56 -18.27 16.35
CA THR D 389 19.31 -16.86 16.63
C THR D 389 19.60 -15.97 15.42
N GLN D 390 20.09 -16.54 14.33
CA GLN D 390 20.40 -15.82 13.10
C GLN D 390 19.84 -16.58 11.91
N PRO D 391 19.41 -15.86 10.88
CA PRO D 391 18.80 -16.52 9.71
C PRO D 391 19.85 -17.18 8.81
N GLY D 392 19.34 -17.92 7.84
CA GLY D 392 20.18 -18.58 6.86
C GLY D 392 20.44 -20.05 7.10
N ARG D 393 19.58 -20.74 7.85
CA ARG D 393 19.73 -22.16 8.12
C ARG D 393 18.42 -22.89 7.86
N GLU D 394 18.50 -24.21 7.80
CA GLU D 394 17.35 -25.07 7.52
C GLU D 394 16.81 -25.55 8.86
N GLU D 395 15.82 -24.83 9.38
CA GLU D 395 15.18 -25.24 10.63
C GLU D 395 14.18 -26.35 10.35
N GLY D 396 14.35 -27.48 11.02
CA GLY D 396 13.59 -28.68 10.73
C GLY D 396 14.28 -29.65 9.79
N SER D 397 15.60 -29.55 9.64
CA SER D 397 16.38 -30.43 8.78
C SER D 397 17.65 -30.78 9.55
N PRO D 398 18.02 -32.06 9.61
CA PRO D 398 19.10 -32.48 10.50
C PRO D 398 20.46 -31.91 10.10
N LEU D 399 21.23 -31.52 11.11
CA LEU D 399 22.63 -31.13 10.99
C LEU D 399 23.49 -32.17 11.69
N GLU D 400 24.80 -31.93 11.72
CA GLU D 400 25.75 -32.85 12.34
C GLU D 400 26.54 -32.12 13.42
N LEU D 401 27.02 -32.88 14.40
CA LEU D 401 27.57 -32.31 15.63
C LEU D 401 29.09 -32.39 15.66
N GLU D 402 29.73 -32.51 14.51
CA GLU D 402 31.18 -32.43 14.38
C GLU D 402 31.61 -31.33 13.42
N ARG D 403 30.90 -31.16 12.31
CA ARG D 403 31.12 -30.09 11.36
C ARG D 403 30.55 -28.76 11.83
N LEU D 404 30.04 -28.70 13.05
CA LEU D 404 29.21 -27.57 13.46
C LEU D 404 30.09 -26.34 13.63
N LYS D 405 29.72 -25.26 12.94
CA LYS D 405 30.48 -24.01 12.94
C LYS D 405 29.52 -22.85 13.11
N LEU D 406 29.78 -22.01 14.10
CA LEU D 406 28.87 -20.93 14.46
C LEU D 406 29.39 -19.59 13.95
N GLU D 407 28.49 -18.80 13.40
CA GLU D 407 28.79 -17.42 13.04
C GLU D 407 28.93 -16.60 14.32
N PRO D 408 29.50 -15.39 14.23
CA PRO D 408 29.61 -14.55 15.43
C PRO D 408 28.25 -14.26 16.04
N HIS D 409 28.18 -14.39 17.38
CA HIS D 409 26.98 -14.11 18.17
C HIS D 409 25.81 -15.01 17.83
N GLU D 410 26.08 -16.18 17.25
CA GLU D 410 25.02 -17.11 16.88
C GLU D 410 24.74 -18.09 18.01
N GLY D 411 23.47 -18.42 18.19
CA GLY D 411 23.09 -19.45 19.13
C GLY D 411 22.23 -20.48 18.44
N LEU D 412 22.44 -21.74 18.81
CA LEU D 412 21.74 -22.87 18.20
C LEU D 412 20.97 -23.66 19.25
N LEU D 413 19.77 -24.09 18.88
CA LEU D 413 18.96 -25.00 19.68
C LEU D 413 18.62 -26.21 18.83
N LEU D 414 19.00 -27.40 19.28
CA LEU D 414 18.87 -28.61 18.49
C LEU D 414 18.08 -29.68 19.23
N ARG D 415 17.43 -30.56 18.45
CA ARG D 415 16.63 -31.67 18.96
C ARG D 415 17.18 -32.99 18.47
N PHE D 416 17.00 -34.01 19.29
CA PHE D 416 17.28 -35.39 18.94
C PHE D 416 16.66 -36.33 19.98
N PRO D 417 16.03 -37.43 19.54
CA PRO D 417 15.36 -38.37 20.46
C PRO D 417 16.33 -39.38 21.08
N VAL E 2 40.57 -10.10 -13.07
CA VAL E 2 40.87 -9.62 -11.72
C VAL E 2 39.94 -8.48 -11.34
N GLN E 3 38.92 -8.80 -10.54
CA GLN E 3 37.89 -7.82 -10.20
C GLN E 3 37.21 -8.24 -8.91
N LEU E 4 36.43 -7.30 -8.36
CA LEU E 4 35.57 -7.55 -7.20
C LEU E 4 34.15 -7.19 -7.58
N VAL E 5 33.22 -8.13 -7.39
CA VAL E 5 31.83 -7.95 -7.78
C VAL E 5 30.96 -8.09 -6.53
N GLN E 6 30.18 -7.07 -6.24
CA GLN E 6 29.34 -7.04 -5.05
C GLN E 6 27.90 -7.39 -5.39
N SER E 7 27.12 -7.67 -4.34
CA SER E 7 25.71 -8.01 -4.50
C SER E 7 24.89 -6.78 -4.89
N GLY E 8 23.63 -7.02 -5.21
CA GLY E 8 22.78 -5.97 -5.71
C GLY E 8 22.32 -5.01 -4.63
N ALA E 9 21.71 -3.92 -5.08
CA ALA E 9 21.21 -2.89 -4.16
C ALA E 9 20.09 -3.45 -3.29
N GLU E 10 19.99 -2.91 -2.08
CA GLU E 10 19.02 -3.41 -1.11
C GLU E 10 18.34 -2.23 -0.42
N VAL E 11 17.07 -2.42 -0.08
CA VAL E 11 16.28 -1.44 0.65
C VAL E 11 15.82 -2.09 1.95
N LYS E 12 16.02 -1.37 3.05
CA LYS E 12 15.73 -1.93 4.38
C LYS E 12 15.03 -0.87 5.22
N LYS E 13 14.32 -1.35 6.23
CA LYS E 13 13.58 -0.60 7.22
C LYS E 13 14.44 -0.37 8.46
N PRO E 14 14.17 0.71 9.21
CA PRO E 14 14.94 0.96 10.44
C PRO E 14 14.91 -0.22 11.40
N GLY E 15 16.08 -0.58 11.92
CA GLY E 15 16.22 -1.68 12.83
C GLY E 15 16.55 -3.01 12.19
N ALA E 16 16.50 -3.11 10.86
CA ALA E 16 16.80 -4.35 10.17
C ALA E 16 18.32 -4.52 10.00
N SER E 17 18.71 -5.62 9.38
CA SER E 17 20.10 -5.91 9.08
C SER E 17 20.27 -6.07 7.57
N VAL E 18 21.47 -5.80 7.09
CA VAL E 18 21.83 -5.96 5.69
C VAL E 18 23.15 -6.72 5.59
N LYS E 19 23.25 -7.63 4.64
CA LYS E 19 24.45 -8.42 4.42
C LYS E 19 24.87 -8.28 2.96
N VAL E 20 26.00 -7.61 2.73
CA VAL E 20 26.52 -7.37 1.40
C VAL E 20 27.66 -8.35 1.13
N SER E 21 27.65 -8.97 -0.05
CA SER E 21 28.69 -9.89 -0.46
C SER E 21 29.68 -9.22 -1.39
N CYS E 22 30.86 -9.84 -1.52
CA CYS E 22 31.94 -9.28 -2.34
C CYS E 22 32.77 -10.46 -2.84
N LYS E 23 32.56 -10.83 -4.10
CA LYS E 23 33.23 -11.99 -4.69
C LYS E 23 34.50 -11.55 -5.41
N ALA E 24 35.59 -12.25 -5.14
CA ALA E 24 36.89 -11.94 -5.72
C ALA E 24 37.20 -12.89 -6.86
N SER E 25 37.95 -12.40 -7.85
CA SER E 25 38.33 -13.20 -8.99
C SER E 25 39.67 -12.70 -9.53
N GLY E 26 40.48 -13.63 -10.04
CA GLY E 26 41.68 -13.27 -10.75
C GLY E 26 42.96 -13.24 -9.93
N TYR E 27 42.90 -13.50 -8.64
CA TYR E 27 44.09 -13.43 -7.80
C TYR E 27 43.93 -14.38 -6.61
N THR E 28 45.03 -14.60 -5.90
CA THR E 28 45.02 -15.45 -4.72
C THR E 28 44.24 -14.75 -3.61
N PHE E 29 43.07 -15.31 -3.27
CA PHE E 29 42.12 -14.63 -2.38
C PHE E 29 42.69 -14.46 -0.98
N THR E 30 43.33 -15.48 -0.44
CA THR E 30 43.80 -15.47 0.95
C THR E 30 45.07 -14.65 1.16
N SER E 31 45.55 -13.94 0.16
CA SER E 31 46.81 -13.20 0.27
C SER E 31 46.61 -11.69 0.41
N TYR E 32 45.40 -11.19 0.20
CA TYR E 32 45.14 -9.76 0.22
C TYR E 32 44.06 -9.47 1.24
N TYR E 33 44.33 -8.52 2.13
CA TYR E 33 43.33 -8.06 3.08
C TYR E 33 42.17 -7.40 2.34
N MET E 34 40.98 -7.46 2.94
CA MET E 34 39.77 -6.91 2.33
C MET E 34 39.17 -5.89 3.27
N HIS E 35 39.05 -4.65 2.79
CA HIS E 35 38.51 -3.54 3.56
C HIS E 35 37.13 -3.17 3.04
N TRP E 36 36.41 -2.38 3.84
CA TRP E 36 35.08 -1.89 3.48
C TRP E 36 35.03 -0.38 3.69
N VAL E 37 34.54 0.34 2.68
CA VAL E 37 34.42 1.80 2.73
C VAL E 37 33.03 2.16 2.23
N ARG E 38 32.35 3.03 2.97
CA ARG E 38 31.02 3.48 2.60
C ARG E 38 31.02 4.96 2.31
N GLN E 39 30.05 5.40 1.51
CA GLN E 39 29.96 6.78 1.06
C GLN E 39 28.48 7.18 1.04
N ALA E 40 28.11 8.10 1.92
CA ALA E 40 26.75 8.63 1.89
C ALA E 40 26.55 9.48 0.63
N PRO E 41 25.33 9.54 0.11
CA PRO E 41 25.08 10.31 -1.12
C PRO E 41 25.53 11.76 -0.98
N GLY E 42 26.39 12.20 -1.90
CA GLY E 42 26.92 13.54 -1.86
C GLY E 42 27.91 13.83 -0.75
N GLN E 43 28.36 12.80 -0.04
CA GLN E 43 29.26 12.96 1.10
C GLN E 43 30.60 12.29 0.82
N GLY E 44 31.46 12.31 1.83
CA GLY E 44 32.79 11.76 1.72
C GLY E 44 32.85 10.27 1.97
N LEU E 45 34.07 9.76 2.07
CA LEU E 45 34.33 8.35 2.26
C LEU E 45 34.62 8.05 3.73
N GLU E 46 34.17 6.90 4.21
CA GLU E 46 34.33 6.49 5.60
C GLU E 46 34.75 5.02 5.65
N TRP E 47 35.87 4.76 6.30
CA TRP E 47 36.40 3.40 6.40
C TRP E 47 35.70 2.65 7.53
N MET E 48 35.21 1.46 7.24
CA MET E 48 34.46 0.69 8.22
C MET E 48 35.30 -0.33 8.97
N GLY E 49 36.16 -1.07 8.28
CA GLY E 49 36.94 -2.10 8.94
C GLY E 49 37.68 -2.95 7.93
N ILE E 50 38.32 -3.99 8.47
CA ILE E 50 39.24 -4.83 7.71
C ILE E 50 39.04 -6.28 8.14
N ILE E 51 39.05 -7.19 7.17
CA ILE E 51 39.08 -8.63 7.43
C ILE E 51 40.24 -9.24 6.65
N ASN E 52 40.96 -10.15 7.32
CA ASN E 52 42.05 -10.88 6.69
C ASN E 52 41.55 -12.24 6.26
N PRO E 53 41.52 -12.55 4.95
CA PRO E 53 40.96 -13.83 4.51
C PRO E 53 41.75 -15.04 4.99
N SER E 54 43.02 -14.88 5.35
CA SER E 54 43.83 -16.00 5.85
C SER E 54 43.75 -16.01 7.37
N GLY E 55 42.68 -16.62 7.89
CA GLY E 55 42.44 -16.74 9.31
C GLY E 55 41.12 -16.13 9.75
N GLY E 56 40.68 -15.07 9.09
CA GLY E 56 39.42 -14.43 9.40
C GLY E 56 39.46 -13.34 10.45
N SER E 57 40.64 -12.98 10.95
CA SER E 57 40.72 -11.94 11.97
C SER E 57 40.27 -10.61 11.40
N THR E 58 39.57 -9.83 12.22
CA THR E 58 38.98 -8.57 11.80
C THR E 58 39.47 -7.43 12.69
N SER E 59 39.16 -6.21 12.26
CA SER E 59 39.37 -5.03 13.09
C SER E 59 38.43 -3.94 12.59
N TYR E 60 37.53 -3.49 13.45
CA TYR E 60 36.50 -2.55 13.05
C TYR E 60 36.77 -1.18 13.66
N ALA E 61 36.37 -0.14 12.94
CA ALA E 61 36.37 1.19 13.51
C ALA E 61 35.42 1.26 14.71
N GLN E 62 35.78 2.09 15.69
CA GLN E 62 34.98 2.17 16.91
C GLN E 62 33.55 2.61 16.61
N LYS E 63 33.36 3.45 15.59
CA LYS E 63 32.04 3.93 15.22
C LYS E 63 31.09 2.78 14.89
N PHE E 64 31.63 1.66 14.39
CA PHE E 64 30.82 0.53 13.99
C PHE E 64 30.97 -0.69 14.90
N GLN E 65 31.78 -0.60 15.96
CA GLN E 65 31.92 -1.72 16.89
C GLN E 65 30.58 -2.02 17.55
N GLY E 66 30.12 -3.26 17.42
CA GLY E 66 28.84 -3.68 17.94
C GLY E 66 27.76 -3.86 16.89
N ARG E 67 27.93 -3.27 15.71
CA ARG E 67 26.94 -3.40 14.64
C ARG E 67 27.45 -4.06 13.38
N VAL E 68 28.77 -4.06 13.13
CA VAL E 68 29.34 -4.59 11.90
C VAL E 68 29.94 -5.96 12.17
N THR E 69 29.78 -6.87 11.22
CA THR E 69 30.38 -8.20 11.29
C THR E 69 30.91 -8.56 9.91
N MET E 70 32.20 -8.84 9.81
CA MET E 70 32.84 -9.24 8.56
C MET E 70 33.23 -10.71 8.63
N THR E 71 32.82 -11.47 7.62
CA THR E 71 33.13 -12.90 7.52
C THR E 71 33.67 -13.20 6.13
N ARG E 72 34.15 -14.42 5.96
CA ARG E 72 34.75 -14.84 4.70
C ARG E 72 34.39 -16.29 4.42
N ASP E 73 34.32 -16.61 3.13
CA ASP E 73 34.20 -17.99 2.66
C ASP E 73 35.31 -18.24 1.66
N THR E 74 36.32 -19.02 2.07
CA THR E 74 37.47 -19.24 1.19
C THR E 74 37.15 -20.16 0.02
N SER E 75 36.14 -21.03 0.17
CA SER E 75 35.75 -21.90 -0.94
C SER E 75 35.19 -21.10 -2.10
N THR E 76 34.33 -20.12 -1.82
CA THR E 76 33.73 -19.28 -2.84
C THR E 76 34.51 -18.00 -3.08
N SER E 77 35.56 -17.73 -2.29
CA SER E 77 36.36 -16.52 -2.41
C SER E 77 35.49 -15.27 -2.29
N THR E 78 34.68 -15.22 -1.24
CA THR E 78 33.72 -14.15 -1.04
C THR E 78 33.86 -13.58 0.36
N VAL E 79 33.80 -12.25 0.47
CA VAL E 79 33.79 -11.55 1.74
C VAL E 79 32.41 -10.98 1.97
N TYR E 80 31.91 -11.12 3.19
CA TYR E 80 30.60 -10.62 3.58
C TYR E 80 30.75 -9.54 4.63
N MET E 81 29.94 -8.49 4.51
CA MET E 81 29.85 -7.45 5.53
C MET E 81 28.38 -7.29 5.92
N GLU E 82 28.11 -7.32 7.23
CA GLU E 82 26.74 -7.25 7.75
C GLU E 82 26.64 -6.12 8.75
N LEU E 83 25.62 -5.26 8.57
CA LEU E 83 25.38 -4.12 9.44
C LEU E 83 23.98 -4.24 10.04
N SER E 84 23.91 -4.16 11.38
CA SER E 84 22.65 -4.31 12.10
C SER E 84 22.25 -2.98 12.73
N SER E 85 21.02 -2.94 13.25
CA SER E 85 20.43 -1.74 13.84
C SER E 85 20.52 -0.56 12.87
N LEU E 86 20.04 -0.79 11.65
CA LEU E 86 20.16 0.20 10.60
C LEU E 86 19.35 1.45 10.92
N ARG E 87 19.96 2.60 10.68
CA ARG E 87 19.28 3.89 10.80
C ARG E 87 19.45 4.69 9.52
N SER E 88 19.03 5.95 9.52
CA SER E 88 19.06 6.74 8.29
C SER E 88 20.48 7.08 7.87
N GLU E 89 21.38 7.27 8.85
CA GLU E 89 22.77 7.59 8.55
C GLU E 89 23.49 6.44 7.85
N ASP E 90 22.87 5.27 7.75
CA ASP E 90 23.49 4.12 7.12
C ASP E 90 23.12 4.00 5.64
N THR E 91 22.23 4.87 5.14
CA THR E 91 21.97 4.92 3.71
C THR E 91 23.22 5.43 2.99
N ALA E 92 23.81 4.58 2.17
CA ALA E 92 25.08 4.89 1.52
C ALA E 92 25.39 3.82 0.50
N VAL E 93 26.39 4.08 -0.32
CA VAL E 93 26.98 3.07 -1.20
C VAL E 93 28.11 2.40 -0.46
N TYR E 94 28.08 1.07 -0.40
CA TYR E 94 29.07 0.29 0.34
C TYR E 94 30.02 -0.37 -0.65
N TYR E 95 31.31 -0.08 -0.52
CA TYR E 95 32.34 -0.66 -1.36
C TYR E 95 33.18 -1.64 -0.56
N CYS E 96 33.58 -2.74 -1.20
CA CYS E 96 34.67 -3.57 -0.72
C CYS E 96 35.92 -3.24 -1.55
N ALA E 97 37.06 -3.15 -0.86
CA ALA E 97 38.29 -2.75 -1.52
C ALA E 97 39.43 -3.66 -1.08
N ARG E 98 40.30 -4.00 -2.03
CA ARG E 98 41.43 -4.87 -1.75
C ARG E 98 42.59 -4.05 -1.20
N GLY E 99 43.22 -4.55 -0.13
CA GLY E 99 44.37 -3.88 0.44
C GLY E 99 45.62 -4.12 -0.39
N TYR E 100 46.39 -3.05 -0.57
CA TYR E 100 47.63 -3.11 -1.32
C TYR E 100 48.64 -4.01 -0.60
N TYR E 101 49.46 -4.70 -1.39
CA TYR E 101 50.56 -5.51 -0.88
C TYR E 101 51.84 -5.02 -1.51
N ASP E 102 52.81 -4.62 -0.68
CA ASP E 102 54.11 -4.17 -1.16
C ASP E 102 54.99 -5.40 -1.36
N ILE E 103 55.18 -5.79 -2.62
CA ILE E 103 55.96 -6.98 -2.95
C ILE E 103 57.39 -6.85 -2.44
N LEU E 104 57.94 -5.63 -2.44
CA LEU E 104 59.32 -5.45 -2.01
C LEU E 104 59.50 -5.72 -0.52
N THR E 105 58.66 -5.11 0.32
CA THR E 105 58.82 -5.16 1.76
C THR E 105 57.89 -6.15 2.45
N GLY E 106 56.99 -6.81 1.72
CA GLY E 106 56.06 -7.74 2.34
C GLY E 106 55.11 -7.12 3.32
N SER E 107 54.87 -5.81 3.21
CA SER E 107 53.99 -5.07 4.09
C SER E 107 52.67 -4.77 3.39
N ARG E 108 51.64 -4.48 4.18
CA ARG E 108 50.29 -4.18 3.68
C ARG E 108 49.86 -2.81 4.20
N PRO E 109 50.37 -1.73 3.61
CA PRO E 109 49.82 -0.40 3.94
C PRO E 109 48.41 -0.29 3.41
N ILE E 110 47.57 0.44 4.15
CA ILE E 110 46.13 0.40 3.91
C ILE E 110 45.81 1.52 2.93
N PHE E 111 46.05 1.23 1.65
CA PHE E 111 45.44 1.97 0.56
C PHE E 111 45.01 0.95 -0.49
N PHE E 112 44.02 1.33 -1.28
CA PHE E 112 43.18 0.37 -2.00
C PHE E 112 43.39 0.50 -3.51
N ASP E 113 43.87 -0.59 -4.13
CA ASP E 113 44.13 -0.63 -5.55
C ASP E 113 42.98 -1.22 -6.37
N ILE E 114 42.22 -2.16 -5.80
CA ILE E 114 41.08 -2.78 -6.48
C ILE E 114 39.82 -2.47 -5.68
N TRP E 115 38.82 -1.91 -6.34
CA TRP E 115 37.56 -1.57 -5.71
C TRP E 115 36.43 -2.39 -6.31
N GLY E 116 35.38 -2.59 -5.51
CA GLY E 116 34.17 -3.22 -6.00
C GLY E 116 33.22 -2.23 -6.66
N GLN E 117 32.25 -2.77 -7.40
CA GLN E 117 31.25 -1.94 -8.06
C GLN E 117 30.54 -1.02 -7.07
N GLY E 118 30.30 -1.50 -5.86
CA GLY E 118 29.52 -0.79 -4.88
C GLY E 118 28.12 -1.38 -4.74
N THR E 119 27.53 -1.14 -3.57
CA THR E 119 26.18 -1.61 -3.27
C THR E 119 25.42 -0.50 -2.57
N MET E 120 24.33 -0.06 -3.18
CA MET E 120 23.49 0.98 -2.59
C MET E 120 22.54 0.36 -1.57
N VAL E 121 22.63 0.79 -0.33
CA VAL E 121 21.70 0.39 0.73
C VAL E 121 20.88 1.61 1.11
N THR E 122 19.56 1.49 1.01
CA THR E 122 18.64 2.57 1.34
C THR E 122 17.84 2.18 2.58
N VAL E 123 17.79 3.09 3.55
CA VAL E 123 17.04 2.87 4.79
C VAL E 123 15.95 3.93 4.88
N SER E 124 14.75 3.50 5.23
CA SER E 124 13.61 4.40 5.36
C SER E 124 13.85 5.46 6.43
N ASP F 1 42.07 10.27 16.50
CA ASP F 1 42.10 9.84 15.10
C ASP F 1 42.38 11.01 14.16
N ILE F 2 43.25 10.73 13.19
CA ILE F 2 43.77 11.76 12.28
C ILE F 2 42.64 12.33 11.43
N VAL F 3 42.56 13.65 11.37
CA VAL F 3 41.57 14.38 10.59
C VAL F 3 42.23 14.93 9.35
N MET F 4 41.59 14.74 8.19
CA MET F 4 42.10 15.20 6.90
C MET F 4 41.25 16.36 6.40
N THR F 5 41.90 17.48 6.09
CA THR F 5 41.21 18.69 5.63
C THR F 5 41.76 19.08 4.26
N GLN F 6 40.89 19.10 3.26
CA GLN F 6 41.25 19.47 1.91
C GLN F 6 40.88 20.93 1.63
N SER F 7 41.59 21.53 0.68
CA SER F 7 41.38 22.92 0.32
C SER F 7 41.76 23.15 -1.14
N PRO F 8 40.90 23.76 -1.96
CA PRO F 8 39.55 24.20 -1.56
C PRO F 8 38.53 23.06 -1.63
N ASP F 9 37.28 23.35 -1.29
CA ASP F 9 36.22 22.35 -1.42
C ASP F 9 35.77 22.19 -2.87
N SER F 10 35.92 23.24 -3.68
CA SER F 10 35.59 23.20 -5.09
C SER F 10 36.57 24.07 -5.85
N LEU F 11 36.93 23.64 -7.07
CA LEU F 11 37.96 24.32 -7.84
C LEU F 11 37.57 24.36 -9.31
N ALA F 12 37.56 25.57 -9.89
CA ALA F 12 37.27 25.78 -11.30
C ALA F 12 38.55 26.22 -12.01
N VAL F 13 38.95 25.48 -13.03
CA VAL F 13 40.19 25.73 -13.75
C VAL F 13 39.96 25.44 -15.23
N SER F 14 40.43 26.33 -16.09
CA SER F 14 40.24 26.14 -17.53
C SER F 14 41.14 25.02 -18.04
N LEU F 15 40.94 24.66 -19.31
CA LEU F 15 41.65 23.52 -19.88
C LEU F 15 43.11 23.88 -20.14
N GLY F 16 44.01 22.96 -19.80
CA GLY F 16 45.42 23.19 -20.00
C GLY F 16 46.04 24.14 -19.00
N GLU F 17 45.51 24.19 -17.78
CA GLU F 17 46.01 25.09 -16.75
C GLU F 17 46.38 24.27 -15.53
N ARG F 18 47.10 24.90 -14.60
CA ARG F 18 47.61 24.20 -13.43
C ARG F 18 46.52 24.13 -12.36
N ALA F 19 46.18 22.91 -11.94
CA ALA F 19 45.21 22.68 -10.90
C ALA F 19 45.93 22.22 -9.65
N THR F 20 45.60 22.82 -8.50
CA THR F 20 46.29 22.55 -7.25
C THR F 20 45.28 22.26 -6.15
N ILE F 21 45.35 21.06 -5.58
CA ILE F 21 44.52 20.67 -4.44
C ILE F 21 45.45 20.41 -3.25
N ASN F 22 45.08 20.94 -2.09
CA ASN F 22 45.88 20.81 -0.87
C ASN F 22 45.16 19.93 0.15
N CYS F 23 45.96 19.25 0.95
CA CYS F 23 45.45 18.32 1.96
C CYS F 23 46.30 18.49 3.21
N LYS F 24 45.66 18.78 4.34
CA LYS F 24 46.33 18.92 5.62
C LYS F 24 45.84 17.86 6.59
N SER F 25 46.75 17.32 7.39
CA SER F 25 46.42 16.29 8.37
C SER F 25 46.72 16.81 9.77
N SER F 26 45.83 16.49 10.71
CA SER F 26 46.00 16.94 12.09
C SER F 26 47.22 16.35 12.76
N GLN F 27 47.90 15.41 12.12
CA GLN F 27 49.02 14.69 12.71
C GLN F 27 49.97 14.30 11.60
N SER F 28 51.27 14.39 11.86
CA SER F 28 52.26 14.04 10.86
C SER F 28 52.12 12.56 10.46
N VAL F 29 52.07 12.32 9.16
CA VAL F 29 52.02 10.96 8.64
C VAL F 29 53.37 10.52 8.09
N LEU F 30 54.45 11.16 8.54
CA LEU F 30 55.80 10.79 8.13
C LEU F 30 56.34 9.73 9.07
N TYR F 31 56.59 8.53 8.55
CA TYR F 31 57.12 7.41 9.32
C TYR F 31 58.64 7.55 9.37
N SER F 32 59.18 7.80 10.56
CA SER F 32 60.61 8.04 10.69
C SER F 32 61.44 6.80 10.40
N SER F 33 60.82 5.62 10.39
CA SER F 33 61.58 4.39 10.18
C SER F 33 62.01 4.26 8.72
N ASN F 34 61.08 4.40 7.78
CA ASN F 34 61.40 4.28 6.35
C ASN F 34 61.34 5.62 5.63
N ASN F 35 61.13 6.72 6.35
CA ASN F 35 61.10 8.07 5.77
C ASN F 35 60.05 8.19 4.66
N LYS F 36 58.93 7.49 4.83
CA LYS F 36 57.84 7.55 3.86
C LYS F 36 56.64 8.26 4.46
N ASN F 37 55.89 8.95 3.61
CA ASN F 37 54.66 9.62 4.01
C ASN F 37 53.48 8.73 3.64
N TYR F 38 52.69 8.35 4.64
CA TYR F 38 51.60 7.39 4.44
C TYR F 38 50.35 8.17 4.03
N LEU F 39 50.36 8.60 2.76
CA LEU F 39 49.26 9.39 2.21
C LEU F 39 48.98 8.93 0.78
N ALA F 40 47.71 8.93 0.41
CA ALA F 40 47.29 8.50 -0.93
C ALA F 40 46.26 9.47 -1.50
N TRP F 41 46.19 9.51 -2.83
CA TRP F 41 45.25 10.36 -3.54
C TRP F 41 44.37 9.49 -4.43
N TYR F 42 43.06 9.75 -4.42
CA TYR F 42 42.11 9.00 -5.22
C TYR F 42 41.33 9.95 -6.13
N GLN F 43 40.84 9.41 -7.24
CA GLN F 43 39.98 10.13 -8.17
C GLN F 43 38.67 9.36 -8.30
N GLN F 44 37.54 10.07 -8.17
CA GLN F 44 36.22 9.43 -8.23
C GLN F 44 35.33 10.20 -9.19
N LYS F 45 34.86 9.53 -10.22
CA LYS F 45 33.87 10.02 -11.16
C LYS F 45 32.49 9.55 -10.76
N PRO F 46 31.44 10.26 -11.17
CA PRO F 46 30.08 9.87 -10.75
C PRO F 46 29.72 8.46 -11.18
N GLY F 47 29.12 7.71 -10.24
CA GLY F 47 28.66 6.36 -10.49
C GLY F 47 29.74 5.30 -10.48
N GLN F 48 30.95 5.65 -10.06
CA GLN F 48 32.12 4.79 -10.15
C GLN F 48 32.82 4.78 -8.80
N PRO F 49 33.59 3.74 -8.50
CA PRO F 49 34.38 3.73 -7.26
C PRO F 49 35.54 4.71 -7.35
N PRO F 50 36.17 5.06 -6.23
CA PRO F 50 37.40 5.84 -6.31
C PRO F 50 38.51 5.04 -6.97
N LYS F 51 39.42 5.75 -7.63
CA LYS F 51 40.54 5.15 -8.35
C LYS F 51 41.83 5.67 -7.76
N LEU F 52 42.74 4.75 -7.43
CA LEU F 52 43.99 5.14 -6.79
C LEU F 52 44.90 5.86 -7.78
N LEU F 53 45.24 7.11 -7.46
CA LEU F 53 46.13 7.93 -8.28
C LEU F 53 47.57 7.90 -7.75
N ILE F 54 47.76 8.33 -6.50
CA ILE F 54 49.08 8.49 -5.93
C ILE F 54 49.11 7.81 -4.57
N TYR F 55 50.25 7.20 -4.24
CA TYR F 55 50.51 6.69 -2.89
C TYR F 55 51.92 7.08 -2.49
N TRP F 56 52.24 6.85 -1.22
CA TRP F 56 53.48 7.34 -0.61
C TRP F 56 53.65 8.84 -0.84
N ALA F 57 52.52 9.56 -0.94
CA ALA F 57 52.46 11.00 -1.12
C ALA F 57 52.94 11.47 -2.48
N SER F 58 53.81 10.71 -3.14
CA SER F 58 54.38 11.16 -4.41
C SER F 58 54.64 10.06 -5.42
N THR F 59 54.38 8.79 -5.10
CA THR F 59 54.55 7.71 -6.06
C THR F 59 53.24 7.51 -6.82
N ARG F 60 53.33 7.51 -8.14
CA ARG F 60 52.16 7.46 -9.00
C ARG F 60 51.90 6.02 -9.44
N GLU F 61 50.63 5.61 -9.39
CA GLU F 61 50.27 4.27 -9.78
C GLU F 61 50.43 4.12 -11.28
N SER F 62 50.87 2.94 -11.72
CA SER F 62 51.04 2.68 -13.15
C SER F 62 49.73 2.85 -13.89
N GLY F 63 49.77 3.58 -14.99
CA GLY F 63 48.61 3.86 -15.80
C GLY F 63 48.09 5.27 -15.64
N VAL F 64 48.50 5.97 -14.60
CA VAL F 64 48.05 7.35 -14.37
C VAL F 64 48.93 8.28 -15.21
N PRO F 65 48.34 9.23 -15.95
CA PRO F 65 49.14 10.09 -16.82
C PRO F 65 50.20 10.86 -16.05
N ASP F 66 51.22 11.30 -16.79
CA ASP F 66 52.36 11.99 -16.20
C ASP F 66 51.98 13.36 -15.64
N ARG F 67 50.88 13.96 -16.10
CA ARG F 67 50.53 15.30 -15.64
C ARG F 67 50.19 15.31 -14.16
N PHE F 68 49.64 14.22 -13.63
CA PHE F 68 49.34 14.12 -12.21
C PHE F 68 50.63 13.95 -11.42
N SER F 69 50.78 14.71 -10.34
CA SER F 69 51.94 14.59 -9.48
C SER F 69 51.54 14.94 -8.06
N GLY F 70 52.18 14.27 -7.10
CA GLY F 70 51.92 14.50 -5.69
C GLY F 70 53.19 14.98 -5.01
N SER F 71 53.02 15.91 -4.07
CA SER F 71 54.15 16.49 -3.34
C SER F 71 53.74 16.72 -1.89
N GLY F 72 54.72 17.09 -1.09
CA GLY F 72 54.50 17.41 0.31
C GLY F 72 55.17 16.40 1.23
N SER F 73 55.10 16.70 2.52
CA SER F 73 55.68 15.86 3.56
C SER F 73 55.09 16.27 4.89
N GLY F 74 55.32 15.43 5.90
CA GLY F 74 54.85 15.71 7.24
C GLY F 74 53.35 15.83 7.37
N THR F 75 52.85 17.07 7.41
CA THR F 75 51.44 17.34 7.59
C THR F 75 50.80 18.08 6.43
N ASP F 76 51.56 18.44 5.39
CA ASP F 76 51.04 19.23 4.28
C ASP F 76 51.36 18.54 2.97
N PHE F 77 50.34 18.34 2.14
CA PHE F 77 50.49 17.60 0.89
C PHE F 77 49.69 18.29 -0.21
N THR F 78 50.14 18.11 -1.44
CA THR F 78 49.56 18.80 -2.60
C THR F 78 49.46 17.86 -3.78
N LEU F 79 48.28 17.80 -4.39
CA LEU F 79 48.07 17.12 -5.66
C LEU F 79 48.00 18.17 -6.76
N THR F 80 48.86 18.04 -7.77
CA THR F 80 48.98 19.03 -8.83
C THR F 80 48.74 18.39 -10.19
N ILE F 81 47.99 19.09 -11.04
CA ILE F 81 47.72 18.65 -12.40
C ILE F 81 48.28 19.70 -13.35
N SER F 82 49.25 19.29 -14.16
CA SER F 82 49.96 20.23 -15.04
C SER F 82 49.00 20.94 -16.00
N SER F 83 48.35 20.17 -16.87
CA SER F 83 47.45 20.73 -17.87
C SER F 83 46.12 19.98 -17.78
N LEU F 84 45.10 20.65 -17.26
CA LEU F 84 43.80 20.03 -17.06
C LEU F 84 43.20 19.59 -18.38
N GLN F 85 42.62 18.39 -18.40
CA GLN F 85 41.97 17.85 -19.58
C GLN F 85 40.51 17.52 -19.25
N ALA F 86 39.77 17.13 -20.29
CA ALA F 86 38.33 16.96 -20.16
C ALA F 86 37.97 15.80 -19.25
N GLU F 87 38.70 14.69 -19.34
CA GLU F 87 38.38 13.50 -18.57
C GLU F 87 38.85 13.59 -17.12
N ASP F 88 39.30 14.74 -16.66
CA ASP F 88 39.76 14.92 -15.29
C ASP F 88 38.70 15.51 -14.38
N VAL F 89 37.51 15.81 -14.90
CA VAL F 89 36.42 16.30 -14.05
C VAL F 89 36.00 15.17 -13.12
N ALA F 90 36.29 15.32 -11.83
CA ALA F 90 35.99 14.30 -10.83
C ALA F 90 36.17 14.94 -9.46
N VAL F 91 35.85 14.16 -8.43
CA VAL F 91 36.13 14.55 -7.04
C VAL F 91 37.41 13.84 -6.61
N TYR F 92 38.29 14.59 -5.95
CA TYR F 92 39.60 14.09 -5.57
C TYR F 92 39.70 14.03 -4.05
N TYR F 93 40.09 12.87 -3.53
CA TYR F 93 40.21 12.64 -2.10
C TYR F 93 41.66 12.32 -1.74
N CYS F 94 42.13 12.87 -0.63
CA CYS F 94 43.35 12.39 0.00
C CYS F 94 42.98 11.45 1.14
N GLN F 95 43.90 10.53 1.44
CA GLN F 95 43.63 9.52 2.47
C GLN F 95 44.93 9.23 3.22
N GLN F 96 44.88 9.29 4.54
CA GLN F 96 46.01 8.86 5.34
C GLN F 96 45.86 7.39 5.70
N TYR F 97 47.00 6.71 5.83
CA TYR F 97 47.03 5.35 6.36
C TYR F 97 48.20 5.17 7.32
N TYR F 98 48.58 6.25 8.02
CA TYR F 98 49.59 6.15 9.06
C TYR F 98 49.07 5.36 10.25
N ASN F 99 47.80 5.55 10.59
CA ASN F 99 47.19 4.86 11.71
C ASN F 99 45.74 4.55 11.39
N THR F 100 45.14 3.70 12.20
CA THR F 100 43.76 3.24 12.22
C THR F 100 42.96 4.05 13.24
N PRO F 101 41.74 4.50 12.91
CA PRO F 101 40.97 4.24 11.69
C PRO F 101 41.47 4.99 10.45
N ILE F 102 41.24 4.42 9.29
CA ILE F 102 41.59 5.08 8.04
C ILE F 102 40.61 6.21 7.78
N THR F 103 41.15 7.40 7.52
CA THR F 103 40.34 8.60 7.35
C THR F 103 40.65 9.25 6.00
N PHE F 104 39.60 9.82 5.39
CA PHE F 104 39.71 10.51 4.12
C PHE F 104 39.51 12.01 4.33
N GLY F 105 39.88 12.78 3.30
CA GLY F 105 39.49 14.17 3.24
C GLY F 105 38.05 14.32 2.82
N GLN F 106 37.52 15.52 3.00
CA GLN F 106 36.13 15.76 2.63
C GLN F 106 35.93 15.74 1.12
N GLY F 107 37.00 15.91 0.35
CA GLY F 107 36.89 15.84 -1.10
C GLY F 107 36.90 17.19 -1.78
N THR F 108 37.56 17.27 -2.93
CA THR F 108 37.61 18.48 -3.75
C THR F 108 37.01 18.16 -5.11
N ARG F 109 36.10 19.03 -5.57
CA ARG F 109 35.47 18.89 -6.87
C ARG F 109 36.22 19.74 -7.88
N LEU F 110 36.39 19.22 -9.10
CA LEU F 110 37.22 19.86 -10.12
C LEU F 110 36.40 19.97 -11.39
N GLU F 111 36.00 21.18 -11.74
CA GLU F 111 35.22 21.47 -12.93
C GLU F 111 35.98 22.45 -13.82
N ILE F 112 35.49 22.62 -15.05
CA ILE F 112 36.06 23.57 -15.98
C ILE F 112 35.47 24.96 -15.75
N VAL G 2 43.31 -2.57 -13.17
CA VAL G 2 44.44 -3.47 -13.39
C VAL G 2 44.28 -4.22 -14.72
N GLN G 3 45.02 -3.78 -15.73
CA GLN G 3 44.86 -4.32 -17.07
C GLN G 3 46.12 -4.07 -17.87
N LEU G 4 46.22 -4.76 -19.01
CA LEU G 4 47.28 -4.57 -19.99
C LEU G 4 46.64 -4.25 -21.33
N VAL G 5 47.06 -3.14 -21.94
CA VAL G 5 46.49 -2.67 -23.20
C VAL G 5 47.62 -2.58 -24.23
N GLN G 6 47.46 -3.30 -25.34
CA GLN G 6 48.47 -3.38 -26.38
C GLN G 6 48.13 -2.47 -27.55
N SER G 7 49.13 -2.26 -28.42
CA SER G 7 48.96 -1.44 -29.60
C SER G 7 48.09 -2.15 -30.65
N GLY G 8 47.75 -1.41 -31.69
CA GLY G 8 46.85 -1.91 -32.70
C GLY G 8 47.48 -2.92 -33.63
N ALA G 9 46.62 -3.55 -34.44
CA ALA G 9 47.08 -4.53 -35.41
C ALA G 9 47.97 -3.88 -36.46
N GLU G 10 48.91 -4.67 -36.99
CA GLU G 10 49.88 -4.17 -37.94
C GLU G 10 50.06 -5.16 -39.08
N VAL G 11 50.31 -4.62 -40.27
CA VAL G 11 50.58 -5.41 -41.47
C VAL G 11 51.97 -5.06 -41.96
N LYS G 12 52.78 -6.08 -42.22
CA LYS G 12 54.18 -5.89 -42.59
C LYS G 12 54.55 -6.84 -43.71
N LYS G 13 55.62 -6.47 -44.43
CA LYS G 13 56.22 -7.15 -45.56
C LYS G 13 57.32 -8.10 -45.09
N PRO G 14 57.60 -9.16 -45.84
CA PRO G 14 58.71 -10.06 -45.47
C PRO G 14 60.02 -9.30 -45.34
N GLY G 15 60.74 -9.57 -44.25
CA GLY G 15 62.00 -8.92 -43.97
C GLY G 15 61.89 -7.66 -43.14
N ALA G 16 60.68 -7.15 -42.88
CA ALA G 16 60.50 -5.95 -42.08
C ALA G 16 60.55 -6.29 -40.59
N SER G 17 60.40 -5.26 -39.76
CA SER G 17 60.35 -5.40 -38.32
C SER G 17 59.03 -4.86 -37.79
N VAL G 18 58.60 -5.38 -36.64
CA VAL G 18 57.39 -4.94 -35.98
C VAL G 18 57.70 -4.74 -34.50
N LYS G 19 57.15 -3.67 -33.91
CA LYS G 19 57.35 -3.35 -32.51
C LYS G 19 55.99 -3.20 -31.86
N VAL G 20 55.64 -4.12 -30.97
CA VAL G 20 54.36 -4.12 -30.28
C VAL G 20 54.56 -3.57 -28.87
N SER G 21 53.67 -2.67 -28.45
CA SER G 21 53.73 -2.10 -27.11
C SER G 21 52.69 -2.76 -26.20
N CYS G 22 52.91 -2.60 -24.89
CA CYS G 22 52.06 -3.24 -23.90
C CYS G 22 52.09 -2.34 -22.65
N LYS G 23 51.02 -1.56 -22.47
CA LYS G 23 50.95 -0.60 -21.37
C LYS G 23 50.23 -1.23 -20.18
N ALA G 24 50.84 -1.11 -19.01
CA ALA G 24 50.30 -1.70 -17.79
C ALA G 24 49.65 -0.63 -16.93
N SER G 25 48.63 -1.04 -16.19
CA SER G 25 47.89 -0.13 -15.31
C SER G 25 47.34 -0.91 -14.13
N GLY G 26 47.26 -0.23 -12.99
CA GLY G 26 46.57 -0.78 -11.83
C GLY G 26 47.45 -1.50 -10.83
N TYR G 27 48.75 -1.61 -11.07
CA TYR G 27 49.64 -2.34 -10.17
C TYR G 27 51.04 -1.77 -10.28
N THR G 28 51.90 -2.15 -9.34
CA THR G 28 53.30 -1.72 -9.38
C THR G 28 54.00 -2.39 -10.55
N PHE G 29 54.38 -1.59 -11.54
CA PHE G 29 54.87 -2.12 -12.81
C PHE G 29 56.17 -2.89 -12.66
N THR G 30 57.11 -2.37 -11.88
CA THR G 30 58.45 -2.96 -11.77
C THR G 30 58.49 -4.19 -10.87
N SER G 31 57.35 -4.69 -10.41
CA SER G 31 57.32 -5.81 -9.47
C SER G 31 56.93 -7.14 -10.13
N TYR G 32 56.44 -7.10 -11.36
CA TYR G 32 55.95 -8.30 -12.04
C TYR G 32 56.70 -8.48 -13.35
N TYR G 33 57.25 -9.68 -13.56
CA TYR G 33 57.89 -9.99 -14.82
C TYR G 33 56.85 -9.96 -15.94
N MET G 34 57.28 -9.64 -17.15
CA MET G 34 56.40 -9.50 -18.30
C MET G 34 56.83 -10.47 -19.39
N HIS G 35 55.94 -11.36 -19.78
CA HIS G 35 56.20 -12.38 -20.79
C HIS G 35 55.44 -12.06 -22.06
N TRP G 36 55.84 -12.74 -23.14
CA TRP G 36 55.19 -12.59 -24.45
C TRP G 36 54.86 -13.97 -25.00
N VAL G 37 53.62 -14.15 -25.46
CA VAL G 37 53.14 -15.40 -26.03
C VAL G 37 52.40 -15.08 -27.31
N ARG G 38 52.72 -15.81 -28.38
CA ARG G 38 52.09 -15.61 -29.67
C ARG G 38 51.31 -16.86 -30.08
N GLN G 39 50.32 -16.66 -30.94
CA GLN G 39 49.41 -17.73 -31.35
C GLN G 39 49.11 -17.56 -32.84
N ALA G 40 49.57 -18.50 -33.65
CA ALA G 40 49.23 -18.48 -35.07
C ALA G 40 47.73 -18.77 -35.24
N PRO G 41 47.11 -18.22 -36.30
CA PRO G 41 45.66 -18.40 -36.48
C PRO G 41 45.26 -19.87 -36.51
N GLY G 42 44.33 -20.22 -35.62
CA GLY G 42 43.87 -21.58 -35.50
C GLY G 42 44.86 -22.56 -34.91
N GLN G 43 45.96 -22.08 -34.36
CA GLN G 43 47.03 -22.92 -33.83
C GLN G 43 47.19 -22.68 -32.34
N GLY G 44 48.20 -23.31 -31.75
CA GLY G 44 48.43 -23.25 -30.32
C GLY G 44 49.21 -22.02 -29.89
N LEU G 45 49.56 -22.03 -28.60
CA LEU G 45 50.25 -20.92 -27.95
C LEU G 45 51.74 -21.22 -27.85
N GLU G 46 52.56 -20.19 -28.01
CA GLU G 46 54.01 -20.35 -27.98
C GLU G 46 54.66 -19.22 -27.20
N TRP G 47 55.48 -19.59 -26.22
CA TRP G 47 56.14 -18.62 -25.36
C TRP G 47 57.39 -18.08 -26.05
N MET G 48 57.52 -16.76 -26.11
CA MET G 48 58.62 -16.10 -26.81
C MET G 48 59.77 -15.73 -25.88
N GLY G 49 59.49 -15.18 -24.71
CA GLY G 49 60.55 -14.76 -23.82
C GLY G 49 60.00 -13.98 -22.65
N ILE G 50 60.92 -13.45 -21.85
CA ILE G 50 60.61 -12.80 -20.59
C ILE G 50 61.51 -11.58 -20.42
N ILE G 51 60.94 -10.49 -19.92
CA ILE G 51 61.71 -9.31 -19.52
C ILE G 51 61.31 -8.95 -18.09
N ASN G 52 62.32 -8.59 -17.28
CA ASN G 52 62.08 -8.15 -15.92
C ASN G 52 62.11 -6.63 -15.89
N PRO G 53 61.00 -5.96 -15.55
CA PRO G 53 60.98 -4.49 -15.60
C PRO G 53 61.93 -3.82 -14.61
N SER G 54 62.32 -4.52 -13.55
CA SER G 54 63.27 -3.94 -12.57
C SER G 54 64.68 -4.35 -12.97
N GLY G 55 65.26 -3.57 -13.88
CA GLY G 55 66.60 -3.80 -14.39
C GLY G 55 66.66 -4.01 -15.89
N GLY G 56 65.60 -4.59 -16.47
CA GLY G 56 65.53 -4.80 -17.90
C GLY G 56 66.13 -6.10 -18.40
N SER G 57 66.60 -6.97 -17.51
CA SER G 57 67.19 -8.22 -17.97
C SER G 57 66.13 -9.07 -18.66
N THR G 58 66.54 -9.75 -19.73
CA THR G 58 65.63 -10.52 -20.55
C THR G 58 66.12 -11.96 -20.65
N SER G 59 65.25 -12.81 -21.20
CA SER G 59 65.62 -14.18 -21.53
C SER G 59 64.66 -14.63 -22.61
N TYR G 60 65.18 -14.96 -23.78
CA TYR G 60 64.37 -15.29 -24.94
C TYR G 60 64.43 -16.79 -25.20
N ALA G 61 63.33 -17.32 -25.74
CA ALA G 61 63.37 -18.69 -26.22
C ALA G 61 64.42 -18.81 -27.32
N GLN G 62 65.10 -19.95 -27.35
CA GLN G 62 66.20 -20.14 -28.29
C GLN G 62 65.71 -19.99 -29.72
N LYS G 63 64.46 -20.35 -29.98
CA LYS G 63 63.87 -20.21 -31.30
C LYS G 63 63.93 -18.76 -31.81
N PHE G 64 63.87 -17.79 -30.92
CA PHE G 64 63.82 -16.38 -31.29
C PHE G 64 65.11 -15.62 -31.01
N GLN G 65 66.15 -16.28 -30.50
CA GLN G 65 67.41 -15.60 -30.24
C GLN G 65 68.00 -15.08 -31.55
N GLY G 66 68.24 -13.78 -31.60
CA GLY G 66 68.75 -13.13 -32.80
C GLY G 66 67.73 -12.28 -33.51
N ARG G 67 66.43 -12.50 -33.28
CA ARG G 67 65.39 -11.74 -33.93
C ARG G 67 64.49 -10.94 -32.98
N VAL G 68 64.39 -11.33 -31.72
CA VAL G 68 63.49 -10.69 -30.77
C VAL G 68 64.28 -9.77 -29.85
N THR G 69 63.68 -8.61 -29.53
CA THR G 69 64.27 -7.67 -28.58
C THR G 69 63.14 -7.14 -27.70
N MET G 70 63.28 -7.33 -26.39
CA MET G 70 62.31 -6.84 -25.42
C MET G 70 62.93 -5.71 -24.61
N THR G 71 62.23 -4.58 -24.55
CA THR G 71 62.66 -3.41 -23.81
C THR G 71 61.51 -2.92 -22.94
N ARG G 72 61.82 -1.97 -22.07
CA ARG G 72 60.84 -1.45 -21.13
C ARG G 72 61.05 0.06 -20.96
N ASP G 73 59.95 0.75 -20.64
CA ASP G 73 59.99 2.14 -20.25
C ASP G 73 59.26 2.26 -18.92
N THR G 74 60.02 2.47 -17.83
CA THR G 74 59.41 2.55 -16.51
C THR G 74 58.65 3.85 -16.30
N SER G 75 59.01 4.91 -17.04
CA SER G 75 58.29 6.17 -16.93
C SER G 75 56.85 6.03 -17.40
N THR G 76 56.65 5.36 -18.53
CA THR G 76 55.32 5.14 -19.10
C THR G 76 54.70 3.82 -18.69
N SER G 77 55.43 2.98 -17.94
CA SER G 77 54.96 1.65 -17.54
C SER G 77 54.54 0.82 -18.75
N THR G 78 55.43 0.75 -19.73
CA THR G 78 55.17 0.09 -20.99
C THR G 78 56.29 -0.90 -21.31
N VAL G 79 55.91 -2.08 -21.80
CA VAL G 79 56.84 -3.07 -22.28
C VAL G 79 56.74 -3.14 -23.79
N TYR G 80 57.89 -3.19 -24.47
CA TYR G 80 57.94 -3.27 -25.91
C TYR G 80 58.57 -4.60 -26.32
N MET G 81 58.02 -5.20 -27.37
CA MET G 81 58.59 -6.39 -27.97
C MET G 81 58.76 -6.14 -29.47
N GLU G 82 59.95 -6.43 -30.00
CA GLU G 82 60.27 -6.17 -31.39
C GLU G 82 60.78 -7.44 -32.04
N LEU G 83 60.21 -7.79 -33.19
CA LEU G 83 60.59 -8.96 -33.96
C LEU G 83 61.06 -8.52 -35.34
N SER G 84 62.26 -8.95 -35.72
CA SER G 84 62.87 -8.56 -36.98
C SER G 84 62.96 -9.76 -37.92
N SER G 85 63.32 -9.46 -39.17
CA SER G 85 63.40 -10.47 -40.23
C SER G 85 62.10 -11.26 -40.33
N LEU G 86 61.00 -10.52 -40.45
CA LEU G 86 59.68 -11.13 -40.43
C LEU G 86 59.47 -12.04 -41.64
N ARG G 87 58.90 -13.21 -41.40
CA ARG G 87 58.50 -14.13 -42.46
C ARG G 87 57.05 -14.52 -42.29
N SER G 88 56.58 -15.48 -43.10
CA SER G 88 55.16 -15.84 -43.05
C SER G 88 54.79 -16.56 -41.77
N GLU G 89 55.72 -17.34 -41.21
CA GLU G 89 55.46 -18.06 -39.98
C GLU G 89 55.24 -17.14 -38.78
N ASP G 90 55.49 -15.85 -38.93
CA ASP G 90 55.34 -14.89 -37.84
C ASP G 90 53.96 -14.23 -37.81
N THR G 91 53.11 -14.52 -38.78
CA THR G 91 51.72 -14.04 -38.73
C THR G 91 51.01 -14.71 -37.57
N ALA G 92 50.60 -13.92 -36.58
CA ALA G 92 50.02 -14.46 -35.35
C ALA G 92 49.48 -13.31 -34.52
N VAL G 93 48.71 -13.67 -33.49
CA VAL G 93 48.30 -12.73 -32.46
C VAL G 93 49.35 -12.76 -31.36
N TYR G 94 49.87 -11.59 -31.01
CA TYR G 94 50.93 -11.47 -30.01
C TYR G 94 50.34 -10.92 -28.73
N TYR G 95 50.48 -11.67 -27.64
CA TYR G 95 50.00 -11.29 -26.32
C TYR G 95 51.17 -10.95 -25.41
N CYS G 96 50.98 -9.93 -24.57
CA CYS G 96 51.82 -9.74 -23.40
C CYS G 96 51.06 -10.24 -22.18
N ALA G 97 51.77 -10.92 -21.29
CA ALA G 97 51.16 -11.54 -20.14
C ALA G 97 51.98 -11.24 -18.89
N ARG G 98 51.29 -10.99 -17.78
CA ARG G 98 51.95 -10.70 -16.52
C ARG G 98 52.29 -12.00 -15.80
N GLY G 99 53.52 -12.08 -15.30
CA GLY G 99 53.94 -13.25 -14.56
C GLY G 99 53.38 -13.23 -13.14
N TYR G 100 52.91 -14.40 -12.71
CA TYR G 100 52.36 -14.54 -11.37
C TYR G 100 53.43 -14.30 -10.30
N TYR G 101 53.00 -13.73 -9.18
CA TYR G 101 53.86 -13.54 -8.01
C TYR G 101 53.22 -14.25 -6.84
N ASP G 102 53.95 -15.19 -6.24
CA ASP G 102 53.46 -15.94 -5.09
C ASP G 102 53.79 -15.15 -3.82
N ILE G 103 52.77 -14.53 -3.23
CA ILE G 103 52.95 -13.68 -2.06
C ILE G 103 53.57 -14.46 -0.90
N LEU G 104 53.26 -15.74 -0.78
CA LEU G 104 53.74 -16.52 0.36
C LEU G 104 55.25 -16.74 0.27
N THR G 105 55.74 -17.22 -0.87
CA THR G 105 57.13 -17.62 -1.02
C THR G 105 57.99 -16.61 -1.76
N GLY G 106 57.42 -15.52 -2.24
CA GLY G 106 58.21 -14.53 -2.97
C GLY G 106 58.83 -15.05 -4.25
N SER G 107 58.27 -16.12 -4.82
CA SER G 107 58.77 -16.72 -6.04
C SER G 107 57.85 -16.34 -7.20
N ARG G 108 58.40 -16.43 -8.41
CA ARG G 108 57.67 -16.07 -9.64
C ARG G 108 57.62 -17.28 -10.57
N PRO G 109 56.74 -18.24 -10.30
CA PRO G 109 56.52 -19.31 -11.26
C PRO G 109 55.85 -18.76 -12.51
N ILE G 110 56.20 -19.34 -13.64
CA ILE G 110 55.86 -18.73 -14.94
C ILE G 110 54.51 -19.33 -15.36
N PHE G 111 53.45 -18.77 -14.77
CA PHE G 111 52.12 -18.87 -15.35
C PHE G 111 51.46 -17.50 -15.23
N PHE G 112 50.50 -17.26 -16.10
CA PHE G 112 50.09 -15.90 -16.43
C PHE G 112 48.66 -15.65 -15.96
N ASP G 113 48.50 -14.70 -15.04
CA ASP G 113 47.18 -14.36 -14.51
C ASP G 113 46.53 -13.19 -15.21
N ILE G 114 47.32 -12.23 -15.72
CA ILE G 114 46.80 -11.07 -16.42
C ILE G 114 47.31 -11.09 -17.85
N TRP G 115 46.39 -11.02 -18.81
CA TRP G 115 46.74 -11.05 -20.23
C TRP G 115 46.38 -9.72 -20.89
N GLY G 116 47.09 -9.41 -21.97
CA GLY G 116 46.75 -8.26 -22.78
C GLY G 116 45.71 -8.61 -23.83
N GLN G 117 45.11 -7.56 -24.42
CA GLN G 117 44.11 -7.75 -25.46
C GLN G 117 44.64 -8.61 -26.60
N GLY G 118 45.90 -8.45 -26.96
CA GLY G 118 46.48 -9.11 -28.10
C GLY G 118 46.67 -8.15 -29.27
N THR G 119 47.60 -8.50 -30.15
CA THR G 119 47.90 -7.69 -31.33
C THR G 119 48.10 -8.62 -32.51
N MET G 120 47.26 -8.47 -33.53
CA MET G 120 47.38 -9.27 -34.74
C MET G 120 48.43 -8.67 -35.67
N VAL G 121 49.46 -9.44 -35.99
CA VAL G 121 50.49 -9.05 -36.94
C VAL G 121 50.35 -9.97 -38.15
N THR G 122 50.16 -9.38 -39.33
CA THR G 122 50.01 -10.13 -40.56
C THR G 122 51.19 -9.83 -41.47
N VAL G 123 51.82 -10.90 -41.99
CA VAL G 123 52.97 -10.78 -42.88
C VAL G 123 52.61 -11.40 -44.22
N SER G 124 52.96 -10.72 -45.30
CA SER G 124 52.69 -11.20 -46.65
C SER G 124 53.39 -12.52 -46.93
N ASP H 1 63.71 -29.78 -24.39
CA ASP H 1 62.57 -28.99 -23.96
C ASP H 1 61.31 -29.85 -23.82
N ILE H 2 60.59 -29.61 -22.73
CA ILE H 2 59.44 -30.44 -22.36
C ILE H 2 58.33 -30.30 -23.41
N VAL H 3 57.82 -31.45 -23.85
CA VAL H 3 56.75 -31.51 -24.84
C VAL H 3 55.45 -31.87 -24.12
N MET H 4 54.39 -31.12 -24.43
CA MET H 4 53.08 -31.32 -23.82
C MET H 4 52.11 -31.89 -24.86
N THR H 5 51.48 -33.02 -24.53
CA THR H 5 50.56 -33.69 -25.43
C THR H 5 49.20 -33.83 -24.74
N GLN H 6 48.17 -33.23 -25.34
CA GLN H 6 46.82 -33.31 -24.83
C GLN H 6 46.02 -34.36 -25.57
N SER H 7 44.99 -34.88 -24.90
CA SER H 7 44.15 -35.92 -25.48
C SER H 7 42.75 -35.81 -24.88
N PRO H 8 41.69 -35.81 -25.71
CA PRO H 8 41.77 -35.83 -27.18
C PRO H 8 42.01 -34.45 -27.77
N ASP H 9 42.09 -34.37 -29.11
CA ASP H 9 42.20 -33.08 -29.76
C ASP H 9 40.87 -32.33 -29.81
N SER H 10 39.76 -33.07 -29.80
CA SER H 10 38.42 -32.50 -29.77
C SER H 10 37.52 -33.40 -28.93
N LEU H 11 36.58 -32.78 -28.22
CA LEU H 11 35.72 -33.51 -27.30
C LEU H 11 34.31 -32.97 -27.40
N ALA H 12 33.35 -33.86 -27.67
CA ALA H 12 31.94 -33.52 -27.75
C ALA H 12 31.22 -34.15 -26.56
N VAL H 13 30.55 -33.31 -25.77
CA VAL H 13 29.87 -33.75 -24.55
C VAL H 13 28.60 -32.93 -24.41
N SER H 14 27.48 -33.60 -24.13
CA SER H 14 26.22 -32.89 -23.96
C SER H 14 26.21 -32.13 -22.62
N LEU H 15 25.16 -31.34 -22.42
CA LEU H 15 25.09 -30.47 -21.26
C LEU H 15 24.82 -31.26 -19.98
N GLY H 16 25.53 -30.89 -18.92
CA GLY H 16 25.38 -31.54 -17.63
C GLY H 16 26.05 -32.88 -17.51
N GLU H 17 27.13 -33.12 -18.26
CA GLU H 17 27.85 -34.38 -18.24
C GLU H 17 29.32 -34.11 -17.92
N ARG H 18 30.04 -35.18 -17.62
CA ARG H 18 31.43 -35.08 -17.19
C ARG H 18 32.36 -34.96 -18.40
N ALA H 19 33.14 -33.88 -18.45
CA ALA H 19 34.12 -33.64 -19.50
C ALA H 19 35.51 -33.86 -18.94
N THR H 20 36.34 -34.64 -19.64
CA THR H 20 37.67 -35.01 -19.17
C THR H 20 38.70 -34.75 -20.26
N ILE H 21 39.66 -33.87 -19.97
CA ILE H 21 40.79 -33.59 -20.85
C ILE H 21 42.07 -34.05 -20.16
N ASN H 22 42.92 -34.74 -20.92
CA ASN H 22 44.16 -35.29 -20.40
C ASN H 22 45.36 -34.55 -21.00
N CYS H 23 46.44 -34.48 -20.22
CA CYS H 23 47.66 -33.78 -20.60
C CYS H 23 48.85 -34.61 -20.15
N LYS H 24 49.74 -34.94 -21.08
CA LYS H 24 50.96 -35.70 -20.80
C LYS H 24 52.18 -34.85 -21.09
N SER H 25 53.20 -34.98 -20.24
CA SER H 25 54.45 -34.25 -20.38
C SER H 25 55.58 -35.24 -20.58
N SER H 26 56.49 -34.91 -21.48
CA SER H 26 57.64 -35.76 -21.77
C SER H 26 58.61 -35.87 -20.61
N GLN H 27 58.40 -35.08 -19.55
CA GLN H 27 59.31 -35.03 -18.41
C GLN H 27 58.48 -34.68 -17.18
N SER H 28 58.82 -35.31 -16.06
CA SER H 28 58.10 -35.04 -14.82
C SER H 28 58.23 -33.57 -14.45
N VAL H 29 57.10 -32.95 -14.14
CA VAL H 29 57.08 -31.57 -13.69
C VAL H 29 56.87 -31.48 -12.18
N LEU H 30 57.17 -32.55 -11.46
CA LEU H 30 57.05 -32.58 -10.00
C LEU H 30 58.37 -32.11 -9.39
N TYR H 31 58.33 -30.99 -8.68
CA TYR H 31 59.50 -30.42 -8.01
C TYR H 31 59.66 -31.10 -6.66
N SER H 32 60.75 -31.86 -6.50
CA SER H 32 60.93 -32.63 -5.28
C SER H 32 61.18 -31.74 -4.06
N SER H 33 61.50 -30.46 -4.27
CA SER H 33 61.79 -29.59 -3.14
C SER H 33 60.52 -29.21 -2.38
N ASN H 34 59.50 -28.73 -3.09
CA ASN H 34 58.24 -28.34 -2.45
C ASN H 34 57.10 -29.29 -2.77
N ASN H 35 57.37 -30.40 -3.46
CA ASN H 35 56.36 -31.42 -3.75
C ASN H 35 55.18 -30.83 -4.52
N LYS H 36 55.46 -29.86 -5.39
CA LYS H 36 54.43 -29.23 -6.21
C LYS H 36 54.62 -29.64 -7.68
N ASN H 37 53.50 -29.71 -8.39
CA ASN H 37 53.52 -29.98 -9.83
C ASN H 37 53.39 -28.66 -10.57
N TYR H 38 54.37 -28.35 -11.41
CA TYR H 38 54.43 -27.06 -12.10
C TYR H 38 53.64 -27.17 -13.40
N LEU H 39 52.31 -27.16 -13.26
CA LEU H 39 51.41 -27.30 -14.40
C LEU H 39 50.23 -26.35 -14.21
N ALA H 40 49.74 -25.79 -15.31
CA ALA H 40 48.64 -24.85 -15.29
C ALA H 40 47.66 -25.18 -16.41
N TRP H 41 46.41 -24.79 -16.22
CA TRP H 41 45.35 -24.99 -17.20
C TRP H 41 44.73 -23.65 -17.56
N TYR H 42 44.54 -23.42 -18.85
CA TYR H 42 43.94 -22.18 -19.35
C TYR H 42 42.70 -22.49 -20.18
N GLN H 43 41.79 -21.52 -20.22
CA GLN H 43 40.59 -21.57 -21.06
C GLN H 43 40.62 -20.38 -22.00
N GLN H 44 40.39 -20.62 -23.28
CA GLN H 44 40.44 -19.57 -24.29
C GLN H 44 39.19 -19.64 -25.15
N LYS H 45 38.43 -18.57 -25.16
CA LYS H 45 37.28 -18.40 -26.04
C LYS H 45 37.70 -17.65 -27.28
N PRO H 46 36.98 -17.80 -28.39
CA PRO H 46 37.39 -17.13 -29.64
C PRO H 46 37.44 -15.63 -29.49
N GLY H 47 38.51 -15.03 -30.02
CA GLY H 47 38.70 -13.60 -29.99
C GLY H 47 39.20 -13.04 -28.68
N GLN H 48 39.57 -13.89 -27.74
CA GLN H 48 39.92 -13.50 -26.38
C GLN H 48 41.25 -14.12 -26.00
N PRO H 49 41.96 -13.55 -25.03
CA PRO H 49 43.19 -14.18 -24.53
C PRO H 49 42.85 -15.41 -23.71
N PRO H 50 43.82 -16.28 -23.44
CA PRO H 50 43.58 -17.38 -22.49
C PRO H 50 43.32 -16.86 -21.09
N LYS H 51 42.55 -17.64 -20.32
CA LYS H 51 42.19 -17.30 -18.95
C LYS H 51 42.71 -18.40 -18.03
N LEU H 52 43.41 -17.99 -16.97
CA LEU H 52 44.02 -18.95 -16.06
C LEU H 52 42.96 -19.65 -15.23
N LEU H 53 42.87 -20.98 -15.37
CA LEU H 53 41.92 -21.81 -14.62
C LEU H 53 42.55 -22.46 -13.40
N ILE H 54 43.59 -23.26 -13.61
CA ILE H 54 44.21 -24.07 -12.56
C ILE H 54 45.71 -23.84 -12.60
N TYR H 55 46.34 -23.84 -11.42
CA TYR H 55 47.79 -23.88 -11.32
C TYR H 55 48.18 -24.85 -10.22
N TRP H 56 49.48 -25.15 -10.13
CA TRP H 56 50.00 -26.22 -9.27
C TRP H 56 49.27 -27.54 -9.54
N ALA H 57 48.81 -27.72 -10.77
CA ALA H 57 48.11 -28.93 -11.25
C ALA H 57 46.73 -29.09 -10.64
N SER H 58 46.47 -28.53 -9.45
CA SER H 58 45.19 -28.75 -8.82
C SER H 58 44.65 -27.56 -8.03
N THR H 59 45.37 -26.44 -7.94
CA THR H 59 44.87 -25.26 -7.26
C THR H 59 44.11 -24.38 -8.24
N ARG H 60 42.89 -24.04 -7.89
CA ARG H 60 41.98 -23.30 -8.77
C ARG H 60 42.03 -21.81 -8.45
N GLU H 61 42.10 -21.00 -9.49
CA GLU H 61 42.17 -19.56 -9.30
C GLU H 61 40.84 -19.04 -8.78
N SER H 62 40.90 -18.05 -7.90
CA SER H 62 39.69 -17.46 -7.33
C SER H 62 38.82 -16.90 -8.43
N GLY H 63 37.54 -17.23 -8.40
CA GLY H 63 36.58 -16.81 -9.41
C GLY H 63 36.20 -17.89 -10.39
N VAL H 64 36.97 -18.97 -10.45
CA VAL H 64 36.66 -20.07 -11.36
C VAL H 64 35.64 -20.99 -10.68
N PRO H 65 34.57 -21.38 -11.37
CA PRO H 65 33.52 -22.19 -10.73
C PRO H 65 34.03 -23.49 -10.14
N ASP H 66 33.24 -24.04 -9.20
CA ASP H 66 33.60 -25.25 -8.49
C ASP H 66 33.63 -26.47 -9.40
N ARG H 67 32.90 -26.45 -10.51
CA ARG H 67 32.84 -27.61 -11.39
C ARG H 67 34.18 -27.91 -12.05
N PHE H 68 35.00 -26.90 -12.31
CA PHE H 68 36.34 -27.13 -12.83
C PHE H 68 37.25 -27.68 -11.74
N SER H 69 37.99 -28.74 -12.06
CA SER H 69 38.93 -29.31 -11.10
C SER H 69 40.09 -29.94 -11.86
N GLY H 70 41.26 -29.86 -11.25
CA GLY H 70 42.47 -30.44 -11.82
C GLY H 70 43.06 -31.50 -10.93
N SER H 71 43.61 -32.55 -11.53
CA SER H 71 44.18 -33.67 -10.81
C SER H 71 45.42 -34.17 -11.56
N GLY H 72 46.13 -35.09 -10.92
CA GLY H 72 47.30 -35.71 -11.52
C GLY H 72 48.58 -35.33 -10.81
N SER H 73 49.66 -35.96 -11.26
CA SER H 73 51.00 -35.73 -10.72
C SER H 73 52.01 -36.29 -11.70
N GLY H 74 53.28 -35.93 -11.50
CA GLY H 74 54.36 -36.42 -12.33
C GLY H 74 54.25 -36.02 -13.79
N THR H 75 53.80 -36.95 -14.63
CA THR H 75 53.69 -36.72 -16.06
C THR H 75 52.26 -36.82 -16.58
N ASP H 76 51.28 -37.09 -15.73
CA ASP H 76 49.90 -37.30 -16.15
C ASP H 76 48.99 -36.37 -15.36
N PHE H 77 48.19 -35.59 -16.09
CA PHE H 77 47.33 -34.59 -15.47
C PHE H 77 45.97 -34.60 -16.16
N THR H 78 44.94 -34.20 -15.42
CA THR H 78 43.57 -34.26 -15.90
C THR H 78 42.81 -33.02 -15.49
N LEU H 79 42.17 -32.37 -16.46
CA LEU H 79 41.22 -31.30 -16.20
C LEU H 79 39.81 -31.88 -16.35
N THR H 80 39.00 -31.76 -15.31
CA THR H 80 37.69 -32.38 -15.28
C THR H 80 36.62 -31.34 -15.04
N ILE H 81 35.52 -31.44 -15.80
CA ILE H 81 34.37 -30.56 -15.65
C ILE H 81 33.18 -31.43 -15.25
N SER H 82 32.65 -31.18 -14.05
CA SER H 82 31.59 -32.03 -13.49
C SER H 82 30.38 -32.07 -14.40
N SER H 83 29.72 -30.92 -14.60
CA SER H 83 28.52 -30.83 -15.42
C SER H 83 28.71 -29.71 -16.42
N LEU H 84 28.90 -30.07 -17.69
CA LEU H 84 29.18 -29.10 -18.74
C LEU H 84 28.03 -28.12 -18.90
N GLN H 85 28.37 -26.84 -19.04
CA GLN H 85 27.39 -25.78 -19.26
C GLN H 85 27.72 -25.04 -20.55
N ALA H 86 26.83 -24.10 -20.91
CA ALA H 86 26.92 -23.44 -22.21
C ALA H 86 28.16 -22.56 -22.30
N GLU H 87 28.51 -21.87 -21.22
CA GLU H 87 29.64 -20.94 -21.22
C GLU H 87 30.99 -21.64 -21.16
N ASP H 88 31.04 -22.96 -21.28
CA ASP H 88 32.28 -23.70 -21.22
C ASP H 88 32.83 -24.09 -22.59
N VAL H 89 32.13 -23.73 -23.67
CA VAL H 89 32.65 -23.98 -25.01
C VAL H 89 33.89 -23.11 -25.22
N ALA H 90 35.05 -23.74 -25.30
CA ALA H 90 36.31 -23.04 -25.46
C ALA H 90 37.39 -24.06 -25.79
N VAL H 91 38.59 -23.56 -26.06
CA VAL H 91 39.77 -24.39 -26.22
C VAL H 91 40.54 -24.39 -24.91
N TYR H 92 40.97 -25.56 -24.46
CA TYR H 92 41.62 -25.72 -23.17
C TYR H 92 43.07 -26.15 -23.37
N TYR H 93 43.99 -25.41 -22.76
CA TYR H 93 45.42 -25.65 -22.88
C TYR H 93 46.00 -25.99 -21.51
N CYS H 94 46.91 -26.96 -21.48
CA CYS H 94 47.79 -27.14 -20.34
C CYS H 94 49.14 -26.50 -20.64
N GLN H 95 49.84 -26.11 -19.57
CA GLN H 95 51.11 -25.42 -19.71
C GLN H 95 52.02 -25.86 -18.58
N GLN H 96 53.22 -26.29 -18.92
CA GLN H 96 54.23 -26.58 -17.91
C GLN H 96 55.07 -25.33 -17.66
N TYR H 97 55.54 -25.20 -16.42
CA TYR H 97 56.51 -24.17 -16.07
C TYR H 97 57.58 -24.73 -15.14
N TYR H 98 57.88 -26.01 -15.28
CA TYR H 98 58.99 -26.61 -14.54
C TYR H 98 60.32 -26.07 -15.04
N ASN H 99 60.45 -25.88 -16.35
CA ASN H 99 61.67 -25.38 -16.95
C ASN H 99 61.32 -24.50 -18.14
N THR H 100 62.30 -23.75 -18.61
CA THR H 100 62.36 -22.86 -19.75
C THR H 100 62.97 -23.57 -20.94
N PRO H 101 62.40 -23.45 -22.16
CA PRO H 101 61.26 -22.61 -22.54
C PRO H 101 59.90 -23.09 -22.06
N ILE H 102 58.98 -22.15 -21.86
CA ILE H 102 57.63 -22.49 -21.46
C ILE H 102 56.90 -23.08 -22.67
N THR H 103 56.29 -24.24 -22.47
CA THR H 103 55.62 -24.96 -23.56
C THR H 103 54.18 -25.23 -23.18
N PHE H 104 53.31 -25.17 -24.18
CA PHE H 104 51.88 -25.44 -24.03
C PHE H 104 51.52 -26.75 -24.70
N GLY H 105 50.33 -27.25 -24.38
CA GLY H 105 49.75 -28.33 -25.14
C GLY H 105 49.19 -27.82 -26.46
N GLN H 106 48.89 -28.77 -27.35
CA GLN H 106 48.34 -28.39 -28.65
C GLN H 106 46.93 -27.83 -28.53
N GLY H 107 46.25 -28.11 -27.42
CA GLY H 107 44.92 -27.60 -27.21
C GLY H 107 43.82 -28.61 -27.45
N THR H 108 42.78 -28.56 -26.61
CA THR H 108 41.61 -29.41 -26.75
C THR H 108 40.39 -28.53 -26.94
N ARG H 109 39.57 -28.84 -27.94
CA ARG H 109 38.34 -28.10 -28.19
C ARG H 109 37.18 -28.85 -27.54
N LEU H 110 36.25 -28.09 -26.96
CA LEU H 110 35.15 -28.63 -26.18
C LEU H 110 33.84 -28.07 -26.73
N GLU H 111 33.07 -28.91 -27.40
CA GLU H 111 31.80 -28.51 -27.98
C GLU H 111 30.68 -29.36 -27.37
N ILE H 112 29.45 -28.94 -27.63
CA ILE H 112 28.28 -29.69 -27.20
C ILE H 112 27.93 -30.76 -28.23
N VAL I 2 -38.07 -42.18 8.60
CA VAL I 2 -37.05 -42.21 7.56
C VAL I 2 -36.99 -43.61 6.92
N GLN I 3 -37.58 -43.73 5.74
CA GLN I 3 -37.72 -45.03 5.10
C GLN I 3 -37.91 -44.86 3.59
N LEU I 4 -37.78 -45.99 2.89
CA LEU I 4 -38.06 -46.07 1.46
C LEU I 4 -39.09 -47.17 1.23
N VAL I 5 -40.18 -46.84 0.54
CA VAL I 5 -41.27 -47.78 0.30
C VAL I 5 -41.44 -47.93 -1.21
N GLN I 6 -41.33 -49.16 -1.69
CA GLN I 6 -41.38 -49.46 -3.12
C GLN I 6 -42.75 -49.98 -3.51
N SER I 7 -43.00 -50.01 -4.82
CA SER I 7 -44.25 -50.54 -5.34
C SER I 7 -44.29 -52.06 -5.17
N GLY I 8 -45.47 -52.63 -5.44
CA GLY I 8 -45.66 -54.04 -5.20
C GLY I 8 -45.00 -54.94 -6.22
N ALA I 9 -44.98 -56.23 -5.90
CA ALA I 9 -44.41 -57.23 -6.79
C ALA I 9 -45.22 -57.35 -8.07
N GLU I 10 -44.54 -57.68 -9.17
CA GLU I 10 -45.17 -57.75 -10.47
C GLU I 10 -44.70 -58.99 -11.22
N VAL I 11 -45.59 -59.54 -12.04
CA VAL I 11 -45.28 -60.67 -12.92
C VAL I 11 -45.53 -60.20 -14.35
N LYS I 12 -44.56 -60.48 -15.24
CA LYS I 12 -44.60 -59.94 -16.59
C LYS I 12 -44.18 -61.00 -17.60
N LYS I 13 -44.55 -60.77 -18.93
CA LYS I 13 -44.20 -61.67 -20.02
C LYS I 13 -42.85 -61.28 -20.64
N PRO I 14 -42.13 -62.24 -21.23
CA PRO I 14 -40.87 -61.90 -21.91
C PRO I 14 -41.08 -60.82 -22.96
N GLY I 15 -40.18 -59.83 -22.95
CA GLY I 15 -40.26 -58.72 -23.88
C GLY I 15 -41.03 -57.52 -23.39
N ALA I 16 -41.72 -57.62 -22.26
CA ALA I 16 -42.48 -56.50 -21.73
C ALA I 16 -41.56 -55.58 -20.93
N SER I 17 -42.12 -54.51 -20.39
CA SER I 17 -41.40 -53.57 -19.55
C SER I 17 -42.05 -53.49 -18.18
N VAL I 18 -41.25 -53.16 -17.17
CA VAL I 18 -41.72 -53.03 -15.80
C VAL I 18 -41.19 -51.71 -15.23
N LYS I 19 -42.03 -51.02 -14.46
CA LYS I 19 -41.68 -49.74 -13.85
C LYS I 19 -41.92 -49.83 -12.35
N VAL I 20 -40.85 -49.82 -11.56
CA VAL I 20 -40.92 -49.91 -10.11
C VAL I 20 -40.74 -48.52 -9.52
N SER I 21 -41.57 -48.16 -8.55
CA SER I 21 -41.49 -46.87 -7.87
C SER I 21 -40.82 -47.04 -6.50
N CYS I 22 -40.36 -45.91 -5.97
CA CYS I 22 -39.63 -45.91 -4.69
C CYS I 22 -39.85 -44.56 -4.03
N LYS I 23 -40.75 -44.52 -3.04
CA LYS I 23 -41.11 -43.29 -2.36
C LYS I 23 -40.24 -43.09 -1.11
N ALA I 24 -39.67 -41.90 -0.97
CA ALA I 24 -38.79 -41.56 0.14
C ALA I 24 -39.52 -40.70 1.16
N SER I 25 -39.11 -40.86 2.43
CA SER I 25 -39.69 -40.09 3.52
C SER I 25 -38.65 -39.93 4.62
N GLY I 26 -38.72 -38.81 5.33
CA GLY I 26 -37.92 -38.58 6.51
C GLY I 26 -36.64 -37.80 6.33
N TYR I 27 -36.33 -37.36 5.12
CA TYR I 27 -35.09 -36.63 4.88
C TYR I 27 -35.26 -35.72 3.68
N THR I 28 -34.29 -34.84 3.47
CA THR I 28 -34.31 -33.93 2.32
C THR I 28 -34.09 -34.75 1.05
N PHE I 29 -35.12 -34.81 0.22
CA PHE I 29 -35.12 -35.76 -0.91
C PHE I 29 -34.02 -35.44 -1.92
N THR I 30 -33.84 -34.16 -2.25
CA THR I 30 -32.90 -33.77 -3.29
C THR I 30 -31.44 -33.77 -2.83
N SER I 31 -31.14 -34.26 -1.63
CA SER I 31 -29.79 -34.21 -1.09
C SER I 31 -29.07 -35.54 -1.13
N TYR I 32 -29.77 -36.63 -1.43
CA TYR I 32 -29.17 -37.96 -1.41
C TYR I 32 -29.36 -38.64 -2.77
N TYR I 33 -28.28 -39.17 -3.32
CA TYR I 33 -28.37 -39.97 -4.53
C TYR I 33 -29.20 -41.23 -4.27
N MET I 34 -29.86 -41.71 -5.31
CA MET I 34 -30.71 -42.89 -5.22
C MET I 34 -30.24 -43.93 -6.23
N HIS I 35 -29.84 -45.09 -5.74
CA HIS I 35 -29.34 -46.18 -6.55
C HIS I 35 -30.35 -47.31 -6.62
N TRP I 36 -30.14 -48.22 -7.57
CA TRP I 36 -30.98 -49.40 -7.72
C TRP I 36 -30.09 -50.63 -7.79
N VAL I 37 -30.40 -51.64 -6.98
CA VAL I 37 -29.65 -52.88 -6.91
C VAL I 37 -30.64 -54.04 -6.96
N ARG I 38 -30.37 -55.03 -7.81
CA ARG I 38 -31.24 -56.18 -7.97
C ARG I 38 -30.53 -57.44 -7.52
N GLN I 39 -31.33 -58.45 -7.15
CA GLN I 39 -30.79 -59.70 -6.62
C GLN I 39 -31.64 -60.84 -7.17
N ALA I 40 -31.06 -61.67 -8.01
CA ALA I 40 -31.76 -62.85 -8.51
C ALA I 40 -31.94 -63.86 -7.37
N PRO I 41 -33.01 -64.65 -7.41
CA PRO I 41 -33.28 -65.61 -6.31
C PRO I 41 -32.10 -66.54 -6.08
N GLY I 42 -31.61 -66.54 -4.84
CA GLY I 42 -30.47 -67.36 -4.48
C GLY I 42 -29.14 -66.90 -5.03
N GLN I 43 -29.08 -65.70 -5.61
CA GLN I 43 -27.87 -65.19 -6.25
C GLN I 43 -27.38 -63.95 -5.50
N GLY I 44 -26.33 -63.35 -6.06
CA GLY I 44 -25.70 -62.19 -5.44
C GLY I 44 -26.37 -60.88 -5.84
N LEU I 45 -25.76 -59.79 -5.40
CA LEU I 45 -26.26 -58.45 -5.62
C LEU I 45 -25.50 -57.78 -6.76
N GLU I 46 -26.21 -57.03 -7.60
CA GLU I 46 -25.58 -56.35 -8.72
C GLU I 46 -26.17 -54.96 -8.89
N TRP I 47 -25.29 -53.97 -8.98
CA TRP I 47 -25.68 -52.57 -9.04
C TRP I 47 -26.11 -52.19 -10.46
N MET I 48 -27.28 -51.55 -10.57
CA MET I 48 -27.85 -51.20 -11.86
C MET I 48 -27.50 -49.79 -12.31
N GLY I 49 -27.58 -48.81 -11.43
CA GLY I 49 -27.33 -47.44 -11.83
C GLY I 49 -27.67 -46.47 -10.71
N ILE I 50 -27.58 -45.19 -11.06
CA ILE I 50 -27.71 -44.09 -10.10
C ILE I 50 -28.48 -42.94 -10.75
N ILE I 51 -29.36 -42.31 -9.98
CA ILE I 51 -30.02 -41.08 -10.38
C ILE I 51 -29.81 -40.04 -9.28
N ASN I 52 -29.52 -38.80 -9.70
CA ASN I 52 -29.36 -37.69 -8.78
C ASN I 52 -30.64 -36.89 -8.73
N PRO I 53 -31.35 -36.83 -7.60
CA PRO I 53 -32.63 -36.11 -7.57
C PRO I 53 -32.51 -34.61 -7.80
N SER I 54 -31.33 -34.02 -7.56
CA SER I 54 -31.13 -32.59 -7.78
C SER I 54 -30.55 -32.40 -9.17
N GLY I 55 -31.45 -32.37 -10.16
CA GLY I 55 -31.09 -32.21 -11.55
C GLY I 55 -31.58 -33.34 -12.44
N GLY I 56 -31.62 -34.56 -11.91
CA GLY I 56 -32.11 -35.69 -12.66
C GLY I 56 -31.08 -36.44 -13.46
N SER I 57 -29.81 -36.07 -13.37
CA SER I 57 -28.76 -36.75 -14.13
C SER I 57 -28.64 -38.20 -13.67
N THR I 58 -28.39 -39.09 -14.61
CA THR I 58 -28.34 -40.52 -14.35
C THR I 58 -26.99 -41.09 -14.80
N SER I 59 -26.74 -42.32 -14.37
CA SER I 59 -25.59 -43.09 -14.85
C SER I 59 -25.92 -44.56 -14.63
N TYR I 60 -25.93 -45.33 -15.71
CA TYR I 60 -26.35 -46.73 -15.69
C TYR I 60 -25.15 -47.65 -15.88
N ALA I 61 -25.25 -48.83 -15.28
CA ALA I 61 -24.27 -49.88 -15.55
C ALA I 61 -24.33 -50.28 -17.02
N GLN I 62 -23.18 -50.68 -17.55
CA GLN I 62 -23.07 -50.99 -18.97
C GLN I 62 -24.04 -52.09 -19.39
N LYS I 63 -24.24 -53.08 -18.52
CA LYS I 63 -25.12 -54.21 -18.86
C LYS I 63 -26.55 -53.76 -19.13
N PHE I 64 -26.99 -52.66 -18.54
CA PHE I 64 -28.37 -52.21 -18.68
C PHE I 64 -28.52 -50.99 -19.58
N GLN I 65 -27.44 -50.49 -20.17
CA GLN I 65 -27.54 -49.34 -21.07
C GLN I 65 -28.43 -49.66 -22.26
N GLY I 66 -29.47 -48.84 -22.45
CA GLY I 66 -30.43 -49.03 -23.52
C GLY I 66 -31.76 -49.59 -23.08
N ARG I 67 -31.82 -50.21 -21.91
CA ARG I 67 -33.04 -50.82 -21.40
C ARG I 67 -33.55 -50.19 -20.12
N VAL I 68 -32.69 -49.57 -19.31
CA VAL I 68 -33.07 -49.02 -18.02
C VAL I 68 -33.26 -47.52 -18.15
N THR I 69 -34.27 -47.00 -17.47
CA THR I 69 -34.52 -45.57 -17.40
C THR I 69 -34.91 -45.22 -15.98
N MET I 70 -34.16 -44.33 -15.36
CA MET I 70 -34.41 -43.88 -14.00
C MET I 70 -34.91 -42.44 -14.06
N THR I 71 -36.04 -42.19 -13.40
CA THR I 71 -36.64 -40.87 -13.35
C THR I 71 -36.97 -40.52 -11.90
N ARG I 72 -37.35 -39.26 -11.69
CA ARG I 72 -37.62 -38.76 -10.35
C ARG I 72 -38.80 -37.80 -10.42
N ASP I 73 -39.55 -37.73 -9.33
CA ASP I 73 -40.57 -36.71 -9.15
C ASP I 73 -40.35 -36.06 -7.79
N THR I 74 -39.88 -34.81 -7.79
CA THR I 74 -39.58 -34.14 -6.52
C THR I 74 -40.85 -33.76 -5.76
N SER I 75 -41.97 -33.59 -6.47
CA SER I 75 -43.23 -33.28 -5.80
C SER I 75 -43.69 -34.43 -4.92
N THR I 76 -43.60 -35.66 -5.43
CA THR I 76 -44.00 -36.85 -4.69
C THR I 76 -42.84 -37.52 -3.96
N SER I 77 -41.62 -37.02 -4.13
CA SER I 77 -40.43 -37.60 -3.52
C SER I 77 -40.30 -39.09 -3.86
N THR I 78 -40.43 -39.39 -5.16
CA THR I 78 -40.47 -40.75 -5.64
C THR I 78 -39.47 -40.92 -6.78
N VAL I 79 -38.74 -42.04 -6.75
CA VAL I 79 -37.83 -42.42 -7.81
C VAL I 79 -38.43 -43.60 -8.55
N TYR I 80 -38.37 -43.56 -9.88
CA TYR I 80 -38.87 -44.64 -10.72
C TYR I 80 -37.72 -45.29 -11.47
N MET I 81 -37.75 -46.61 -11.56
CA MET I 81 -36.81 -47.36 -12.39
C MET I 81 -37.62 -48.24 -13.32
N GLU I 82 -37.30 -48.18 -14.62
CA GLU I 82 -38.04 -48.90 -15.63
C GLU I 82 -37.09 -49.75 -16.45
N LEU I 83 -37.42 -51.04 -16.58
CA LEU I 83 -36.63 -51.99 -17.34
C LEU I 83 -37.47 -52.55 -18.47
N SER I 84 -36.98 -52.46 -19.70
CA SER I 84 -37.69 -52.90 -20.88
C SER I 84 -37.00 -54.12 -21.48
N SER I 85 -37.67 -54.74 -22.45
CA SER I 85 -37.19 -55.95 -23.12
C SER I 85 -36.85 -57.04 -22.10
N LEU I 86 -37.81 -57.31 -21.22
CA LEU I 86 -37.59 -58.25 -20.13
C LEU I 86 -37.37 -59.66 -20.65
N ARG I 87 -36.39 -60.35 -20.08
CA ARG I 87 -36.16 -61.76 -20.37
C ARG I 87 -36.14 -62.53 -19.06
N SER I 88 -35.79 -63.82 -19.11
CA SER I 88 -35.86 -64.65 -17.91
C SER I 88 -34.76 -64.29 -16.93
N GLU I 89 -33.59 -63.86 -17.42
CA GLU I 89 -32.48 -63.49 -16.55
C GLU I 89 -32.79 -62.26 -15.70
N ASP I 90 -33.89 -61.56 -15.96
CA ASP I 90 -34.24 -60.35 -15.21
C ASP I 90 -35.16 -60.63 -14.02
N THR I 91 -35.56 -61.88 -13.82
CA THR I 91 -36.32 -62.23 -12.62
C THR I 91 -35.45 -62.06 -11.38
N ALA I 92 -35.85 -61.14 -10.50
CA ALA I 92 -35.04 -60.79 -9.35
C ALA I 92 -35.86 -59.90 -8.42
N VAL I 93 -35.33 -59.68 -7.23
CA VAL I 93 -35.85 -58.68 -6.30
C VAL I 93 -35.11 -57.38 -6.58
N TYR I 94 -35.86 -56.31 -6.82
CA TYR I 94 -35.30 -55.01 -7.17
C TYR I 94 -35.40 -54.08 -5.97
N TYR I 95 -34.25 -53.59 -5.51
CA TYR I 95 -34.17 -52.68 -4.38
C TYR I 95 -33.79 -51.28 -4.86
N CYS I 96 -34.38 -50.27 -4.24
CA CYS I 96 -33.87 -48.91 -4.30
C CYS I 96 -33.12 -48.63 -3.00
N ALA I 97 -31.97 -47.97 -3.11
CA ALA I 97 -31.11 -47.74 -1.97
C ALA I 97 -30.62 -46.30 -1.98
N ARG I 98 -30.55 -45.70 -0.80
CA ARG I 98 -30.09 -44.33 -0.66
C ARG I 98 -28.58 -44.28 -0.60
N GLY I 99 -27.99 -43.37 -1.37
CA GLY I 99 -26.54 -43.20 -1.34
C GLY I 99 -26.12 -42.39 -0.12
N TYR I 100 -25.02 -42.82 0.49
CA TYR I 100 -24.48 -42.12 1.65
C TYR I 100 -24.04 -40.71 1.27
N TYR I 101 -24.28 -39.76 2.17
CA TYR I 101 -23.84 -38.38 2.01
C TYR I 101 -23.02 -37.97 3.23
N ASP I 102 -21.77 -37.59 3.01
CA ASP I 102 -20.91 -37.07 4.07
C ASP I 102 -21.14 -35.56 4.15
N ILE I 103 -21.92 -35.13 5.14
CA ILE I 103 -22.25 -33.72 5.28
C ILE I 103 -20.99 -32.87 5.50
N LEU I 104 -19.97 -33.44 6.15
CA LEU I 104 -18.75 -32.67 6.43
C LEU I 104 -17.99 -32.36 5.15
N THR I 105 -17.75 -33.36 4.31
CA THR I 105 -16.92 -33.19 3.13
C THR I 105 -17.75 -33.01 1.86
N GLY I 106 -19.07 -33.08 1.96
CA GLY I 106 -19.91 -32.93 0.80
C GLY I 106 -19.73 -34.00 -0.25
N SER I 107 -19.21 -35.16 0.13
CA SER I 107 -18.95 -36.23 -0.81
C SER I 107 -20.04 -37.29 -0.71
N ARG I 108 -20.25 -38.00 -1.82
CA ARG I 108 -21.26 -39.05 -1.90
C ARG I 108 -20.61 -40.32 -2.43
N PRO I 109 -19.85 -41.02 -1.60
CA PRO I 109 -19.35 -42.33 -1.99
C PRO I 109 -20.49 -43.34 -2.10
N ILE I 110 -20.32 -44.31 -3.00
CA ILE I 110 -21.43 -45.19 -3.40
C ILE I 110 -21.40 -46.38 -2.45
N PHE I 111 -21.95 -46.17 -1.26
CA PHE I 111 -22.41 -47.27 -0.43
C PHE I 111 -23.75 -46.86 0.18
N PHE I 112 -24.55 -47.86 0.54
CA PHE I 112 -25.98 -47.68 0.76
C PHE I 112 -26.32 -47.90 2.22
N ASP I 113 -26.83 -46.84 2.87
CA ASP I 113 -27.18 -46.90 4.29
C ASP I 113 -28.65 -47.21 4.53
N ILE I 114 -29.54 -46.75 3.66
CA ILE I 114 -30.98 -47.01 3.77
C ILE I 114 -31.41 -47.78 2.54
N TRP I 115 -32.07 -48.91 2.75
CA TRP I 115 -32.53 -49.76 1.67
C TRP I 115 -34.06 -49.78 1.63
N GLY I 116 -34.59 -50.04 0.44
CA GLY I 116 -36.02 -50.21 0.29
C GLY I 116 -36.46 -51.62 0.61
N GLN I 117 -37.78 -51.76 0.79
CA GLN I 117 -38.37 -53.07 1.07
C GLN I 117 -37.97 -54.11 0.05
N GLY I 118 -37.89 -53.73 -1.21
CA GLY I 118 -37.65 -54.65 -2.31
C GLY I 118 -38.92 -54.90 -3.11
N THR I 119 -38.72 -55.27 -4.37
CA THR I 119 -39.82 -55.58 -5.28
C THR I 119 -39.45 -56.80 -6.09
N MET I 120 -40.25 -57.86 -5.96
CA MET I 120 -40.02 -59.09 -6.72
C MET I 120 -40.64 -58.95 -8.11
N VAL I 121 -39.81 -59.07 -9.14
CA VAL I 121 -40.27 -59.08 -10.52
C VAL I 121 -40.00 -60.47 -11.08
N THR I 122 -41.07 -61.12 -11.55
CA THR I 122 -40.98 -62.46 -12.11
C THR I 122 -41.33 -62.41 -13.59
N VAL I 123 -40.48 -62.99 -14.42
CA VAL I 123 -40.69 -63.06 -15.87
C VAL I 123 -40.80 -64.53 -16.26
N SER I 124 -41.78 -64.83 -17.10
CA SER I 124 -42.01 -66.20 -17.55
C SER I 124 -40.80 -66.75 -18.30
N ASP J 1 -13.91 -54.35 -14.90
CA ASP J 1 -14.61 -54.17 -13.63
C ASP J 1 -13.91 -54.89 -12.49
N ILE J 2 -13.80 -54.20 -11.36
CA ILE J 2 -13.15 -54.80 -10.19
C ILE J 2 -13.98 -55.98 -9.73
N VAL J 3 -13.33 -57.12 -9.56
CA VAL J 3 -14.01 -58.36 -9.17
C VAL J 3 -13.76 -58.60 -7.69
N MET J 4 -14.83 -58.93 -6.97
CA MET J 4 -14.77 -59.16 -5.53
C MET J 4 -14.94 -60.66 -5.29
N THR J 5 -13.98 -61.24 -4.57
CA THR J 5 -13.96 -62.67 -4.28
C THR J 5 -13.93 -62.85 -2.78
N GLN J 6 -14.95 -63.51 -2.24
CA GLN J 6 -15.03 -63.79 -0.81
C GLN J 6 -14.59 -65.23 -0.55
N SER J 7 -14.12 -65.47 0.68
CA SER J 7 -13.65 -66.78 1.07
C SER J 7 -13.88 -66.95 2.57
N PRO J 8 -14.50 -68.07 3.00
CA PRO J 8 -15.00 -69.11 2.10
C PRO J 8 -16.36 -68.79 1.51
N ASP J 9 -16.91 -69.69 0.69
CA ASP J 9 -18.26 -69.50 0.19
C ASP J 9 -19.30 -69.81 1.27
N SER J 10 -18.94 -70.68 2.21
CA SER J 10 -19.78 -71.02 3.35
C SER J 10 -18.89 -71.28 4.55
N LEU J 11 -19.39 -70.89 5.73
CA LEU J 11 -18.61 -71.00 6.95
C LEU J 11 -19.49 -71.50 8.08
N ALA J 12 -19.08 -72.58 8.72
CA ALA J 12 -19.79 -73.17 9.84
C ALA J 12 -18.98 -72.92 11.11
N VAL J 13 -19.62 -72.28 12.09
CA VAL J 13 -18.96 -71.88 13.34
C VAL J 13 -19.97 -72.06 14.47
N SER J 14 -19.52 -72.68 15.57
CA SER J 14 -20.40 -72.93 16.70
C SER J 14 -20.72 -71.63 17.42
N LEU J 15 -21.61 -71.73 18.42
CA LEU J 15 -22.12 -70.54 19.08
C LEU J 15 -21.06 -69.92 19.98
N GLY J 16 -20.96 -68.59 19.95
CA GLY J 16 -20.03 -67.89 20.80
C GLY J 16 -18.58 -67.95 20.37
N GLU J 17 -18.32 -68.02 19.06
CA GLU J 17 -16.97 -68.14 18.53
C GLU J 17 -16.68 -67.03 17.53
N ARG J 18 -15.40 -66.91 17.17
CA ARG J 18 -14.95 -65.86 16.25
C ARG J 18 -15.22 -66.28 14.82
N ALA J 19 -15.95 -65.44 14.08
CA ALA J 19 -16.26 -65.68 12.69
C ALA J 19 -15.42 -64.76 11.82
N THR J 20 -14.81 -65.32 10.78
CA THR J 20 -13.89 -64.59 9.92
C THR J 20 -14.26 -64.82 8.46
N ILE J 21 -14.63 -63.74 7.77
CA ILE J 21 -14.91 -63.76 6.34
C ILE J 21 -13.85 -62.90 5.65
N ASN J 22 -13.29 -63.41 4.56
CA ASN J 22 -12.23 -62.72 3.84
C ASN J 22 -12.76 -62.24 2.49
N CYS J 23 -12.22 -61.11 2.03
CA CYS J 23 -12.65 -60.49 0.78
C CYS J 23 -11.42 -59.97 0.05
N LYS J 24 -11.27 -60.40 -1.20
CA LYS J 24 -10.16 -59.98 -2.06
C LYS J 24 -10.72 -59.23 -3.27
N SER J 25 -10.01 -58.17 -3.67
CA SER J 25 -10.42 -57.35 -4.80
C SER J 25 -9.36 -57.39 -5.90
N SER J 26 -9.82 -57.42 -7.15
CA SER J 26 -8.92 -57.46 -8.30
C SER J 26 -8.10 -56.20 -8.46
N GLN J 27 -8.38 -55.15 -7.68
CA GLN J 27 -7.70 -53.87 -7.83
C GLN J 27 -7.70 -53.17 -6.47
N SER J 28 -6.60 -52.51 -6.15
CA SER J 28 -6.49 -51.81 -4.88
C SER J 28 -7.57 -50.74 -4.77
N VAL J 29 -8.27 -50.73 -3.65
CA VAL J 29 -9.30 -49.74 -3.37
C VAL J 29 -8.80 -48.69 -2.37
N LEU J 30 -7.48 -48.53 -2.24
CA LEU J 30 -6.90 -47.54 -1.35
C LEU J 30 -6.72 -46.23 -2.10
N TYR J 31 -7.45 -45.20 -1.67
CA TYR J 31 -7.39 -43.86 -2.27
C TYR J 31 -6.23 -43.12 -1.64
N SER J 32 -5.20 -42.82 -2.45
CA SER J 32 -3.99 -42.20 -1.91
C SER J 32 -4.21 -40.77 -1.41
N SER J 33 -5.32 -40.12 -1.79
CA SER J 33 -5.53 -38.74 -1.41
C SER J 33 -5.91 -38.61 0.06
N ASN J 34 -6.92 -39.36 0.50
CA ASN J 34 -7.38 -39.32 1.89
C ASN J 34 -7.00 -40.57 2.67
N ASN J 35 -6.21 -41.46 2.07
CA ASN J 35 -5.72 -42.68 2.74
C ASN J 35 -6.87 -43.53 3.26
N LYS J 36 -7.97 -43.57 2.53
CA LYS J 36 -9.14 -44.35 2.91
C LYS J 36 -9.33 -45.52 1.94
N ASN J 37 -9.86 -46.61 2.48
CA ASN J 37 -10.18 -47.79 1.70
C ASN J 37 -11.67 -47.79 1.38
N TYR J 38 -12.00 -47.83 0.09
CA TYR J 38 -13.38 -47.71 -0.37
C TYR J 38 -14.02 -49.11 -0.40
N LEU J 39 -14.36 -49.59 0.80
CA LEU J 39 -14.93 -50.92 0.97
C LEU J 39 -16.03 -50.89 2.01
N ALA J 40 -17.07 -51.71 1.80
CA ALA J 40 -18.19 -51.79 2.70
C ALA J 40 -18.57 -53.25 2.92
N TRP J 41 -19.18 -53.52 4.08
CA TRP J 41 -19.65 -54.85 4.44
C TRP J 41 -21.15 -54.80 4.72
N TYR J 42 -21.89 -55.77 4.19
CA TYR J 42 -23.33 -55.84 4.38
C TYR J 42 -23.72 -57.19 4.98
N GLN J 43 -24.84 -57.20 5.69
CA GLN J 43 -25.45 -58.39 6.23
C GLN J 43 -26.87 -58.50 5.72
N GLN J 44 -27.24 -59.67 5.20
CA GLN J 44 -28.57 -59.89 4.63
C GLN J 44 -29.17 -61.16 5.18
N LYS J 45 -30.31 -61.04 5.83
CA LYS J 45 -31.12 -62.16 6.31
C LYS J 45 -32.22 -62.48 5.30
N PRO J 46 -32.73 -63.71 5.30
CA PRO J 46 -33.75 -64.08 4.31
C PRO J 46 -34.99 -63.21 4.42
N GLY J 47 -35.50 -62.78 3.27
CA GLY J 47 -36.69 -61.95 3.22
C GLY J 47 -36.46 -60.49 3.54
N GLN J 48 -35.20 -60.07 3.64
CA GLN J 48 -34.85 -58.74 4.10
C GLN J 48 -33.87 -58.12 3.13
N PRO J 49 -33.81 -56.79 3.08
CA PRO J 49 -32.78 -56.12 2.27
C PRO J 49 -31.42 -56.26 2.93
N PRO J 50 -30.33 -55.99 2.19
CA PRO J 50 -29.02 -55.95 2.84
C PRO J 50 -28.96 -54.79 3.84
N LYS J 51 -28.14 -54.98 4.88
CA LYS J 51 -27.99 -54.00 5.93
C LYS J 51 -26.53 -53.57 6.03
N LEU J 52 -26.29 -52.26 6.01
CA LEU J 52 -24.93 -51.74 6.02
C LEU J 52 -24.30 -51.94 7.40
N LEU J 53 -23.20 -52.70 7.43
CA LEU J 53 -22.47 -52.95 8.66
C LEU J 53 -21.27 -52.02 8.83
N ILE J 54 -20.33 -52.07 7.89
CA ILE J 54 -19.08 -51.33 7.99
C ILE J 54 -18.84 -50.60 6.67
N TYR J 55 -18.28 -49.39 6.76
CA TYR J 55 -17.81 -48.67 5.59
C TYR J 55 -16.42 -48.11 5.90
N TRP J 56 -15.77 -47.56 4.86
CA TRP J 56 -14.36 -47.18 4.93
C TRP J 56 -13.48 -48.33 5.43
N ALA J 57 -13.91 -49.56 5.15
CA ALA J 57 -13.21 -50.80 5.48
C ALA J 57 -13.17 -51.09 6.97
N SER J 58 -13.27 -50.07 7.83
CA SER J 58 -13.15 -50.29 9.27
C SER J 58 -14.04 -49.39 10.12
N THR J 59 -14.79 -48.47 9.53
CA THR J 59 -15.72 -47.63 10.28
C THR J 59 -17.08 -48.31 10.34
N ARG J 60 -17.62 -48.44 11.55
CA ARG J 60 -18.84 -49.19 11.79
C ARG J 60 -20.05 -48.26 11.81
N GLU J 61 -21.12 -48.68 11.14
CA GLU J 61 -22.35 -47.89 11.09
C GLU J 61 -23.04 -47.86 12.44
N SER J 62 -23.65 -46.72 12.75
CA SER J 62 -24.38 -46.56 14.01
C SER J 62 -25.49 -47.60 14.10
N GLY J 63 -25.57 -48.30 15.22
CA GLY J 63 -26.54 -49.33 15.44
C GLY J 63 -26.00 -50.74 15.33
N VAL J 64 -24.81 -50.90 14.77
CA VAL J 64 -24.21 -52.23 14.61
C VAL J 64 -23.52 -52.61 15.92
N PRO J 65 -23.75 -53.82 16.44
CA PRO J 65 -23.16 -54.21 17.72
C PRO J 65 -21.64 -54.09 17.72
N ASP J 66 -21.09 -54.03 18.92
CA ASP J 66 -19.66 -53.83 19.10
C ASP J 66 -18.82 -55.00 18.58
N ARG J 67 -19.42 -56.19 18.50
CA ARG J 67 -18.67 -57.39 18.09
C ARG J 67 -18.22 -57.33 16.63
N PHE J 68 -18.98 -56.68 15.76
CA PHE J 68 -18.59 -56.57 14.35
C PHE J 68 -17.43 -55.59 14.18
N SER J 69 -16.43 -56.00 13.41
CA SER J 69 -15.28 -55.15 13.14
C SER J 69 -14.73 -55.47 11.75
N GLY J 70 -14.20 -54.45 11.10
CA GLY J 70 -13.60 -54.60 9.77
C GLY J 70 -12.13 -54.25 9.81
N SER J 71 -11.33 -54.98 9.05
CA SER J 71 -9.90 -54.78 8.99
C SER J 71 -9.41 -54.99 7.56
N GLY J 72 -8.14 -54.67 7.34
CA GLY J 72 -7.51 -54.86 6.06
C GLY J 72 -7.19 -53.55 5.36
N SER J 73 -6.49 -53.67 4.23
CA SER J 73 -6.10 -52.53 3.44
C SER J 73 -5.69 -53.03 2.05
N GLY J 74 -5.56 -52.08 1.13
CA GLY J 74 -5.16 -52.39 -0.23
C GLY J 74 -6.13 -53.30 -0.96
N THR J 75 -5.78 -54.58 -1.08
CA THR J 75 -6.60 -55.55 -1.79
C THR J 75 -7.10 -56.69 -0.92
N ASP J 76 -6.77 -56.70 0.36
CA ASP J 76 -7.14 -57.80 1.26
C ASP J 76 -7.87 -57.23 2.47
N PHE J 77 -9.06 -57.76 2.74
CA PHE J 77 -9.91 -57.24 3.81
C PHE J 77 -10.56 -58.39 4.55
N THR J 78 -10.91 -58.16 5.82
CA THR J 78 -11.44 -59.19 6.69
C THR J 78 -12.56 -58.62 7.54
N LEU J 79 -13.70 -59.29 7.53
CA LEU J 79 -14.80 -58.98 8.44
C LEU J 79 -14.80 -60.00 9.58
N THR J 80 -14.75 -59.50 10.82
CA THR J 80 -14.61 -60.35 11.98
C THR J 80 -15.74 -60.10 12.97
N ILE J 81 -16.25 -61.18 13.54
CA ILE J 81 -17.32 -61.14 14.54
C ILE J 81 -16.77 -61.71 15.84
N SER J 82 -16.77 -60.89 16.89
CA SER J 82 -16.14 -61.28 18.15
C SER J 82 -16.71 -62.58 18.68
N SER J 83 -17.99 -62.60 19.04
CA SER J 83 -18.65 -63.78 19.59
C SER J 83 -19.94 -64.01 18.82
N LEU J 84 -19.97 -65.07 18.00
CA LEU J 84 -21.14 -65.33 17.17
C LEU J 84 -22.38 -65.56 18.03
N GLN J 85 -23.48 -64.94 17.63
CA GLN J 85 -24.77 -65.06 18.32
C GLN J 85 -25.83 -65.56 17.34
N ALA J 86 -27.03 -65.79 17.88
CA ALA J 86 -28.10 -66.41 17.10
C ALA J 86 -28.57 -65.50 15.98
N GLU J 87 -28.71 -64.20 16.27
CA GLU J 87 -29.23 -63.25 15.29
C GLU J 87 -28.18 -62.80 14.27
N ASP J 88 -27.00 -63.43 14.25
CA ASP J 88 -25.95 -63.09 13.29
C ASP J 88 -25.92 -64.03 12.11
N VAL J 89 -26.80 -65.03 12.07
CA VAL J 89 -26.93 -65.93 10.93
C VAL J 89 -27.46 -65.13 9.74
N ALA J 90 -26.62 -64.96 8.72
CA ALA J 90 -26.99 -64.18 7.54
C ALA J 90 -25.95 -64.42 6.46
N VAL J 91 -26.19 -63.84 5.28
CA VAL J 91 -25.22 -63.81 4.19
C VAL J 91 -24.50 -62.48 4.24
N TYR J 92 -23.18 -62.51 4.11
CA TYR J 92 -22.35 -61.32 4.23
C TYR J 92 -21.68 -61.02 2.91
N TYR J 93 -21.84 -59.78 2.44
CA TYR J 93 -21.27 -59.32 1.18
C TYR J 93 -20.28 -58.20 1.46
N CYS J 94 -19.16 -58.21 0.73
CA CYS J 94 -18.30 -57.04 0.65
C CYS J 94 -18.60 -56.30 -0.65
N GLN J 95 -18.35 -55.00 -0.65
CA GLN J 95 -18.67 -54.16 -1.80
C GLN J 95 -17.61 -53.09 -1.94
N GLN J 96 -17.06 -52.97 -3.14
CA GLN J 96 -16.14 -51.89 -3.46
C GLN J 96 -16.92 -50.71 -4.03
N TYR J 97 -16.41 -49.51 -3.76
CA TYR J 97 -16.92 -48.30 -4.41
C TYR J 97 -15.78 -47.39 -4.82
N TYR J 98 -14.62 -47.98 -5.15
CA TYR J 98 -13.52 -47.20 -5.67
C TYR J 98 -13.84 -46.69 -7.07
N ASN J 99 -14.51 -47.52 -7.88
CA ASN J 99 -14.86 -47.15 -9.24
C ASN J 99 -16.20 -47.77 -9.62
N THR J 100 -16.76 -47.28 -10.74
CA THR J 100 -17.99 -47.68 -11.43
C THR J 100 -17.65 -48.64 -12.57
N PRO J 101 -18.40 -49.75 -12.74
CA PRO J 101 -19.60 -50.14 -11.99
C PRO J 101 -19.32 -50.67 -10.59
N ILE J 102 -20.27 -50.45 -9.68
CA ILE J 102 -20.14 -50.95 -8.31
C ILE J 102 -20.36 -52.45 -8.29
N THR J 103 -19.44 -53.17 -7.67
CA THR J 103 -19.46 -54.63 -7.65
C THR J 103 -19.46 -55.15 -6.23
N PHE J 104 -20.15 -56.26 -6.03
CA PHE J 104 -20.25 -56.94 -4.74
C PHE J 104 -19.46 -58.25 -4.78
N GLY J 105 -19.21 -58.81 -3.60
CA GLY J 105 -18.74 -60.16 -3.50
C GLY J 105 -19.85 -61.16 -3.74
N GLN J 106 -19.46 -62.42 -3.96
CA GLN J 106 -20.46 -63.46 -4.21
C GLN J 106 -21.27 -63.79 -2.96
N GLY J 107 -20.76 -63.45 -1.77
CA GLY J 107 -21.48 -63.71 -0.55
C GLY J 107 -20.99 -64.92 0.21
N THR J 108 -20.97 -64.83 1.55
CA THR J 108 -20.61 -65.93 2.42
C THR J 108 -21.76 -66.24 3.35
N ARG J 109 -22.10 -67.52 3.50
CA ARG J 109 -23.17 -67.94 4.38
C ARG J 109 -22.60 -68.35 5.73
N LEU J 110 -23.30 -68.00 6.81
CA LEU J 110 -22.80 -68.20 8.16
C LEU J 110 -23.87 -68.89 9.00
N GLU J 111 -23.65 -70.16 9.30
CA GLU J 111 -24.52 -70.99 10.13
C GLU J 111 -23.74 -71.54 11.32
N ILE J 112 -24.48 -72.15 12.25
CA ILE J 112 -23.87 -72.82 13.40
C ILE J 112 -23.45 -74.23 13.01
N VAL K 2 7.65 31.85 39.44
CA VAL K 2 7.97 30.82 38.47
C VAL K 2 9.05 31.32 37.49
N GLN K 3 10.29 30.88 37.71
CA GLN K 3 11.41 31.40 36.93
C GLN K 3 12.57 30.42 36.99
N LEU K 4 13.55 30.66 36.11
CA LEU K 4 14.81 29.92 36.07
C LEU K 4 15.95 30.93 36.16
N VAL K 5 16.86 30.73 37.10
CA VAL K 5 17.98 31.64 37.35
C VAL K 5 19.28 30.87 37.17
N GLN K 6 20.13 31.33 36.26
CA GLN K 6 21.37 30.65 35.92
C GLN K 6 22.57 31.31 36.61
N SER K 7 23.69 30.61 36.58
CA SER K 7 24.91 31.15 37.15
C SER K 7 25.45 32.28 36.28
N GLY K 8 26.47 32.97 36.79
CA GLY K 8 26.98 34.15 36.12
C GLY K 8 27.81 33.83 34.89
N ALA K 9 28.11 34.89 34.13
CA ALA K 9 28.92 34.75 32.93
C ALA K 9 30.34 34.31 33.31
N GLU K 10 30.96 33.56 32.41
CA GLU K 10 32.28 33.00 32.66
C GLU K 10 33.16 33.13 31.42
N VAL K 11 34.45 33.32 31.67
CA VAL K 11 35.47 33.38 30.62
C VAL K 11 36.46 32.25 30.84
N LYS K 12 36.77 31.50 29.79
CA LYS K 12 37.60 30.32 29.90
C LYS K 12 38.59 30.27 28.75
N LYS K 13 39.70 29.50 28.96
CA LYS K 13 40.76 29.25 28.00
C LYS K 13 40.46 27.98 27.20
N PRO K 14 40.99 27.89 25.98
CA PRO K 14 40.80 26.67 25.19
C PRO K 14 41.27 25.43 25.94
N GLY K 15 40.43 24.39 25.91
CA GLY K 15 40.71 23.15 26.60
C GLY K 15 40.16 23.06 27.99
N ALA K 16 39.65 24.15 28.54
CA ALA K 16 39.11 24.16 29.90
C ALA K 16 37.67 23.62 29.91
N SER K 17 37.08 23.58 31.10
CA SER K 17 35.70 23.16 31.28
C SER K 17 34.90 24.28 31.93
N VAL K 18 33.60 24.30 31.66
CA VAL K 18 32.68 25.26 32.24
C VAL K 18 31.45 24.52 32.75
N LYS K 19 30.96 24.91 33.92
CA LYS K 19 29.79 24.30 34.54
C LYS K 19 28.79 25.40 34.88
N VAL K 20 27.67 25.42 34.17
CA VAL K 20 26.61 26.41 34.37
C VAL K 20 25.49 25.78 35.18
N SER K 21 25.00 26.52 36.18
CA SER K 21 23.90 26.07 37.02
C SER K 21 22.60 26.73 36.59
N CYS K 22 21.49 26.14 37.02
CA CYS K 22 20.16 26.63 36.65
C CYS K 22 19.21 26.26 37.78
N LYS K 23 18.88 27.22 38.63
CA LYS K 23 18.00 26.97 39.78
C LYS K 23 16.57 27.29 39.42
N ALA K 24 15.67 26.35 39.70
CA ALA K 24 14.25 26.49 39.39
C ALA K 24 13.46 26.82 40.65
N SER K 25 12.39 27.58 40.47
CA SER K 25 11.50 27.97 41.57
C SER K 25 10.10 28.20 41.03
N GLY K 26 9.10 27.91 41.86
CA GLY K 26 7.72 28.22 41.55
C GLY K 26 6.90 27.08 40.99
N TYR K 27 7.48 25.90 40.82
CA TYR K 27 6.75 24.77 40.26
C TYR K 27 7.36 23.48 40.77
N THR K 28 6.66 22.37 40.54
CA THR K 28 7.15 21.06 40.94
C THR K 28 8.38 20.70 40.13
N PHE K 29 9.53 20.64 40.80
CA PHE K 29 10.81 20.52 40.09
C PHE K 29 10.92 19.20 39.34
N THR K 30 10.51 18.09 39.97
CA THR K 30 10.69 16.77 39.38
C THR K 30 9.65 16.43 38.31
N SER K 31 8.81 17.38 37.91
CA SER K 31 7.73 17.10 36.98
C SER K 31 7.98 17.61 35.57
N TYR K 32 9.01 18.43 35.36
CA TYR K 32 9.28 19.04 34.06
C TYR K 32 10.69 18.70 33.61
N TYR K 33 10.81 18.22 32.38
CA TYR K 33 12.12 18.01 31.78
C TYR K 33 12.86 19.34 31.63
N MET K 34 14.18 19.28 31.70
CA MET K 34 15.03 20.47 31.62
C MET K 34 16.01 20.32 30.46
N HIS K 35 15.92 21.23 29.50
CA HIS K 35 16.77 21.21 28.30
C HIS K 35 17.80 22.34 28.37
N TRP K 36 18.78 22.24 27.48
CA TRP K 36 19.81 23.27 27.35
C TRP K 36 19.95 23.65 25.89
N VAL K 37 19.92 24.95 25.61
CA VAL K 37 20.05 25.49 24.27
C VAL K 37 21.06 26.63 24.30
N ARG K 38 22.01 26.61 23.38
CA ARG K 38 23.04 27.63 23.31
C ARG K 38 22.92 28.41 22.00
N GLN K 39 23.42 29.64 22.02
CA GLN K 39 23.30 30.55 20.89
C GLN K 39 24.59 31.33 20.74
N ALA K 40 25.31 31.10 19.64
CA ALA K 40 26.52 31.87 19.37
C ALA K 40 26.16 33.32 19.06
N PRO K 41 27.05 34.26 19.37
CA PRO K 41 26.74 35.68 19.17
C PRO K 41 26.36 35.97 17.72
N GLY K 42 25.18 36.54 17.53
CA GLY K 42 24.68 36.84 16.21
C GLY K 42 24.28 35.64 15.39
N GLN K 43 24.20 34.46 15.99
CA GLN K 43 23.93 33.22 15.27
C GLN K 43 22.61 32.63 15.77
N GLY K 44 22.28 31.43 15.28
CA GLY K 44 21.03 30.78 15.59
C GLY K 44 21.07 30.01 16.90
N LEU K 45 19.98 29.28 17.14
CA LEU K 45 19.78 28.52 18.38
C LEU K 45 20.13 27.05 18.15
N GLU K 46 20.72 26.43 19.16
CA GLU K 46 21.18 25.05 19.03
C GLU K 46 20.87 24.25 20.28
N TRP K 47 20.16 23.13 20.10
CA TRP K 47 19.75 22.29 21.23
C TRP K 47 20.88 21.35 21.62
N MET K 48 21.21 21.32 22.92
CA MET K 48 22.31 20.51 23.41
C MET K 48 21.87 19.16 23.95
N GLY K 49 20.80 19.11 24.73
CA GLY K 49 20.38 17.86 25.32
C GLY K 49 19.27 18.08 26.33
N ILE K 50 18.94 16.99 27.03
CA ILE K 50 17.81 16.95 27.95
C ILE K 50 18.19 16.13 29.18
N ILE K 51 17.75 16.59 30.34
CA ILE K 51 17.85 15.82 31.57
C ILE K 51 16.48 15.75 32.22
N ASN K 52 16.11 14.57 32.72
CA ASN K 52 14.87 14.37 33.44
C ASN K 52 15.14 14.39 34.94
N PRO K 53 14.63 15.37 35.70
CA PRO K 53 14.95 15.42 37.13
C PRO K 53 14.42 14.24 37.93
N SER K 54 13.40 13.54 37.43
CA SER K 54 12.83 12.39 38.12
C SER K 54 13.52 11.13 37.60
N GLY K 55 14.69 10.85 38.19
CA GLY K 55 15.52 9.71 37.84
C GLY K 55 16.91 10.09 37.39
N GLY K 56 17.05 11.23 36.74
CA GLY K 56 18.35 11.71 36.29
C GLY K 56 18.78 11.26 34.92
N SER K 57 17.94 10.54 34.18
CA SER K 57 18.31 10.08 32.86
C SER K 57 18.50 11.25 31.91
N THR K 58 19.47 11.13 31.02
CA THR K 58 19.84 12.20 30.10
C THR K 58 19.76 11.70 28.66
N SER K 59 19.84 12.66 27.73
CA SER K 59 19.98 12.37 26.31
C SER K 59 20.61 13.59 25.65
N TYR K 60 21.78 13.42 25.04
CA TYR K 60 22.54 14.52 24.48
C TYR K 60 22.52 14.48 22.96
N ALA K 61 22.59 15.66 22.36
CA ALA K 61 22.78 15.76 20.92
C ALA K 61 24.12 15.15 20.52
N GLN K 62 24.17 14.59 19.31
CA GLN K 62 25.35 13.87 18.86
C GLN K 62 26.60 14.74 18.86
N LYS K 63 26.45 16.04 18.53
CA LYS K 63 27.63 16.91 18.49
C LYS K 63 28.32 17.00 19.85
N PHE K 64 27.58 16.86 20.94
CA PHE K 64 28.16 17.04 22.27
C PHE K 64 28.38 15.73 23.02
N GLN K 65 28.09 14.60 22.39
CA GLN K 65 28.33 13.31 23.04
C GLN K 65 29.82 13.15 23.33
N GLY K 66 30.13 12.94 24.61
CA GLY K 66 31.50 12.81 25.06
C GLY K 66 32.05 14.01 25.78
N ARG K 67 31.45 15.19 25.61
CA ARG K 67 31.93 16.42 26.23
C ARG K 67 30.95 17.04 27.21
N VAL K 68 29.65 16.80 27.05
CA VAL K 68 28.63 17.46 27.86
C VAL K 68 28.15 16.49 28.95
N THR K 69 27.90 17.03 30.14
CA THR K 69 27.35 16.26 31.24
C THR K 69 26.30 17.11 31.93
N MET K 70 25.07 16.59 31.99
CA MET K 70 23.97 17.26 32.66
C MET K 70 23.61 16.49 33.93
N THR K 71 23.57 17.21 35.05
CA THR K 71 23.19 16.63 36.33
C THR K 71 22.16 17.52 36.99
N ARG K 72 21.54 17.01 38.05
CA ARG K 72 20.53 17.74 38.78
C ARG K 72 20.67 17.41 40.26
N ASP K 73 20.29 18.37 41.09
CA ASP K 73 20.23 18.17 42.55
C ASP K 73 18.83 18.53 43.00
N THR K 74 18.06 17.52 43.40
CA THR K 74 16.67 17.74 43.81
C THR K 74 16.58 18.49 45.12
N SER K 75 17.62 18.43 45.95
CA SER K 75 17.61 19.17 47.21
C SER K 75 17.61 20.68 46.96
N THR K 76 18.45 21.14 46.02
CA THR K 76 18.56 22.55 45.69
C THR K 76 17.67 22.97 44.51
N SER K 77 16.98 22.03 43.88
CA SER K 77 16.15 22.29 42.71
C SER K 77 16.96 23.00 41.62
N THR K 78 18.13 22.43 41.32
CA THR K 78 19.07 23.04 40.40
C THR K 78 19.55 22.00 39.39
N VAL K 79 19.65 22.43 38.13
CA VAL K 79 20.20 21.61 37.05
C VAL K 79 21.55 22.18 36.66
N TYR K 80 22.53 21.30 36.46
CA TYR K 80 23.86 21.69 36.05
C TYR K 80 24.17 21.15 34.66
N MET K 81 24.85 21.98 33.86
CA MET K 81 25.35 21.57 32.55
C MET K 81 26.85 21.87 32.50
N GLU K 82 27.64 20.88 32.12
CA GLU K 82 29.08 21.00 32.09
C GLU K 82 29.61 20.63 30.71
N LEU K 83 30.44 21.50 30.14
CA LEU K 83 31.05 21.29 28.83
C LEU K 83 32.56 21.30 28.97
N SER K 84 33.21 20.26 28.46
CA SER K 84 34.66 20.11 28.57
C SER K 84 35.31 20.25 27.20
N SER K 85 36.63 20.35 27.22
CA SER K 85 37.44 20.56 26.01
C SER K 85 36.94 21.75 25.21
N LEU K 86 36.82 22.88 25.89
CA LEU K 86 36.26 24.08 25.27
C LEU K 86 37.16 24.57 24.15
N ARG K 87 36.54 24.93 23.02
CA ARG K 87 37.23 25.55 21.91
C ARG K 87 36.54 26.85 21.54
N SER K 88 36.96 27.47 20.43
CA SER K 88 36.41 28.79 20.09
C SER K 88 34.96 28.69 19.63
N GLU K 89 34.58 27.58 18.98
CA GLU K 89 33.21 27.41 18.51
C GLU K 89 32.19 27.32 19.65
N ASP K 90 32.64 27.21 20.90
CA ASP K 90 31.74 27.09 22.04
C ASP K 90 31.42 28.42 22.70
N THR K 91 32.00 29.52 22.24
CA THR K 91 31.62 30.83 22.75
C THR K 91 30.18 31.15 22.36
N ALA K 92 29.32 31.28 23.36
CA ALA K 92 27.88 31.43 23.11
C ALA K 92 27.19 31.78 24.42
N VAL K 93 25.92 32.16 24.31
CA VAL K 93 25.04 32.30 25.47
C VAL K 93 24.34 30.97 25.69
N TYR K 94 24.43 30.44 26.92
CA TYR K 94 23.87 29.15 27.25
C TYR K 94 22.60 29.33 28.07
N TYR K 95 21.49 28.81 27.57
CA TYR K 95 20.19 28.87 28.24
C TYR K 95 19.78 27.51 28.77
N CYS K 96 19.15 27.50 29.94
CA CYS K 96 18.36 26.36 30.38
C CYS K 96 16.89 26.67 30.16
N ALA K 97 16.14 25.67 29.68
CA ALA K 97 14.74 25.86 29.33
C ALA K 97 13.91 24.70 29.86
N ARG K 98 12.72 25.03 30.34
CA ARG K 98 11.80 24.02 30.87
C ARG K 98 10.99 23.42 29.73
N GLY K 99 10.89 22.10 29.72
CA GLY K 99 10.07 21.42 28.73
C GLY K 99 8.60 21.47 29.10
N TYR K 100 7.76 21.69 28.08
CA TYR K 100 6.33 21.74 28.30
C TYR K 100 5.82 20.40 28.80
N TYR K 101 4.85 20.44 29.72
CA TYR K 101 4.19 19.25 30.21
C TYR K 101 2.68 19.39 30.06
N ASP K 102 2.07 18.49 29.31
CA ASP K 102 0.62 18.46 29.14
C ASP K 102 0.05 17.58 30.24
N ILE K 103 -0.54 18.21 31.26
CA ILE K 103 -1.07 17.46 32.40
C ILE K 103 -2.18 16.50 31.96
N LEU K 104 -2.96 16.88 30.94
CA LEU K 104 -4.08 16.04 30.52
C LEU K 104 -3.59 14.73 29.91
N THR K 105 -2.64 14.80 28.98
CA THR K 105 -2.19 13.61 28.26
C THR K 105 -0.89 13.06 28.84
N GLY K 106 -0.32 13.72 29.84
CA GLY K 106 0.91 13.27 30.45
C GLY K 106 2.09 13.22 29.52
N SER K 107 2.06 13.97 28.42
CA SER K 107 3.13 13.95 27.44
C SER K 107 4.02 15.17 27.60
N ARG K 108 5.27 15.01 27.18
CA ARG K 108 6.28 16.08 27.28
C ARG K 108 6.89 16.30 25.90
N PRO K 109 6.18 16.97 25.00
CA PRO K 109 6.79 17.37 23.73
C PRO K 109 7.87 18.43 23.97
N ILE K 110 8.89 18.39 23.14
CA ILE K 110 10.12 19.16 23.40
C ILE K 110 9.93 20.53 22.75
N PHE K 111 9.18 21.39 23.43
CA PHE K 111 9.25 22.82 23.20
C PHE K 111 9.23 23.52 24.55
N PHE K 112 9.77 24.73 24.57
CA PHE K 112 10.21 25.35 25.81
C PHE K 112 9.36 26.58 26.10
N ASP K 113 8.64 26.54 27.23
CA ASP K 113 7.75 27.63 27.63
C ASP K 113 8.39 28.59 28.61
N ILE K 114 9.28 28.11 29.49
CA ILE K 114 9.98 28.94 30.46
C ILE K 114 11.47 28.84 30.18
N TRP K 115 12.11 30.00 30.01
CA TRP K 115 13.53 30.07 29.70
C TRP K 115 14.29 30.73 30.85
N GLY K 116 15.58 30.39 30.93
CA GLY K 116 16.46 31.04 31.88
C GLY K 116 17.04 32.33 31.34
N GLN K 117 17.61 33.12 32.26
CA GLN K 117 18.22 34.40 31.90
C GLN K 117 19.27 34.24 30.80
N GLY K 118 20.04 33.15 30.85
CA GLY K 118 21.15 32.96 29.95
C GLY K 118 22.49 33.16 30.65
N THR K 119 23.52 32.54 30.09
CA THR K 119 24.87 32.64 30.61
C THR K 119 25.85 32.79 29.45
N MET K 120 26.57 33.90 29.43
CA MET K 120 27.57 34.13 28.39
C MET K 120 28.87 33.44 28.77
N VAL K 121 29.33 32.52 27.93
CA VAL K 121 30.62 31.87 28.08
C VAL K 121 31.50 32.31 26.91
N THR K 122 32.64 32.89 27.22
CA THR K 122 33.59 33.36 26.22
C THR K 122 34.87 32.56 26.33
N VAL K 123 35.34 32.04 25.19
CA VAL K 123 36.56 31.26 25.11
C VAL K 123 37.55 32.01 24.23
N SER K 124 38.80 32.08 24.68
CA SER K 124 39.85 32.78 23.95
C SER K 124 40.09 32.14 22.58
N ASP L 1 18.35 13.85 10.16
CA ASP L 1 18.46 15.11 10.90
C ASP L 1 17.63 16.18 10.20
N ILE L 2 16.50 16.54 10.81
CA ILE L 2 15.57 17.49 10.17
C ILE L 2 16.20 18.87 10.12
N VAL L 3 16.18 19.47 8.94
CA VAL L 3 16.72 20.82 8.71
C VAL L 3 15.56 21.79 8.59
N MET L 4 15.65 22.93 9.28
CA MET L 4 14.62 23.95 9.26
C MET L 4 15.14 25.14 8.45
N THR L 5 14.39 25.54 7.43
CA THR L 5 14.78 26.64 6.55
C THR L 5 13.70 27.70 6.56
N GLN L 6 14.06 28.91 6.97
CA GLN L 6 13.15 30.04 6.99
C GLN L 6 13.38 30.93 5.77
N SER L 7 12.34 31.66 5.39
CA SER L 7 12.40 32.55 4.24
C SER L 7 11.42 33.68 4.47
N PRO L 8 11.84 34.95 4.29
CA PRO L 8 13.20 35.32 3.91
C PRO L 8 14.16 35.37 5.09
N ASP L 9 15.42 35.72 4.84
CA ASP L 9 16.37 35.91 5.93
C ASP L 9 16.14 37.22 6.67
N SER L 10 15.60 38.22 5.97
CA SER L 10 15.25 39.50 6.57
C SER L 10 14.00 40.03 5.89
N LEU L 11 13.18 40.73 6.67
CA LEU L 11 11.89 41.21 6.19
C LEU L 11 11.66 42.62 6.69
N ALA L 12 11.37 43.54 5.77
CA ALA L 12 11.09 44.93 6.09
C ALA L 12 9.62 45.20 5.86
N VAL L 13 8.94 45.67 6.90
CA VAL L 13 7.50 45.91 6.85
C VAL L 13 7.19 47.16 7.69
N SER L 14 6.41 48.07 7.11
CA SER L 14 6.04 49.29 7.81
C SER L 14 5.01 48.99 8.89
N LEU L 15 4.65 50.02 9.66
CA LEU L 15 3.77 49.83 10.79
C LEU L 15 2.34 49.56 10.32
N GLY L 16 1.69 48.59 10.98
CA GLY L 16 0.31 48.28 10.67
C GLY L 16 0.03 47.48 9.43
N GLU L 17 0.96 46.61 9.01
CA GLU L 17 0.80 45.77 7.83
C GLU L 17 1.00 44.31 8.21
N ARG L 18 0.61 43.43 7.30
CA ARG L 18 0.66 41.99 7.52
C ARG L 18 2.07 41.48 7.24
N ALA L 19 2.66 40.84 8.24
CA ALA L 19 4.01 40.28 8.17
C ALA L 19 3.90 38.77 8.04
N THR L 20 4.66 38.21 7.09
CA THR L 20 4.59 36.78 6.77
C THR L 20 5.99 36.20 6.77
N ILE L 21 6.23 35.25 7.67
CA ILE L 21 7.47 34.50 7.74
C ILE L 21 7.17 33.04 7.42
N ASN L 22 7.97 32.43 6.55
CA ASN L 22 7.75 31.07 6.10
C ASN L 22 8.84 30.15 6.63
N CYS L 23 8.47 28.90 6.88
CA CYS L 23 9.37 27.90 7.44
C CYS L 23 9.12 26.57 6.75
N LYS L 24 10.17 25.99 6.17
CA LYS L 24 10.08 24.69 5.53
C LYS L 24 10.95 23.69 6.28
N SER L 25 10.48 22.46 6.38
CA SER L 25 11.20 21.38 7.05
C SER L 25 11.50 20.27 6.05
N SER L 26 12.71 19.71 6.15
CA SER L 26 13.13 18.64 5.25
C SER L 26 12.32 17.37 5.42
N GLN L 27 11.45 17.31 6.43
CA GLN L 27 10.69 16.11 6.73
C GLN L 27 9.37 16.52 7.37
N SER L 28 8.30 15.81 7.01
CA SER L 28 6.98 16.12 7.54
C SER L 28 6.97 15.97 9.05
N VAL L 29 6.47 16.99 9.73
CA VAL L 29 6.32 16.97 11.18
C VAL L 29 4.86 16.73 11.60
N LEU L 30 4.06 16.16 10.70
CA LEU L 30 2.67 15.84 11.01
C LEU L 30 2.59 14.43 11.59
N TYR L 31 2.15 14.35 12.85
CA TYR L 31 2.01 13.08 13.54
C TYR L 31 0.65 12.48 13.20
N SER L 32 0.65 11.34 12.50
CA SER L 32 -0.59 10.76 12.02
C SER L 32 -1.48 10.21 13.14
N SER L 33 -0.94 10.01 14.33
CA SER L 33 -1.73 9.42 15.41
C SER L 33 -2.74 10.42 15.99
N ASN L 34 -2.30 11.62 16.35
CA ASN L 34 -3.17 12.62 16.92
C ASN L 34 -3.43 13.79 15.96
N ASN L 35 -2.96 13.69 14.72
CA ASN L 35 -3.20 14.70 13.68
C ASN L 35 -2.71 16.08 14.11
N LYS L 36 -1.59 16.11 14.83
CA LYS L 36 -0.99 17.35 15.29
C LYS L 36 0.33 17.60 14.56
N ASN L 37 0.64 18.87 14.36
CA ASN L 37 1.90 19.30 13.76
C ASN L 37 2.85 19.72 14.88
N TYR L 38 4.01 19.06 14.96
CA TYR L 38 4.96 19.30 16.05
C TYR L 38 5.91 20.44 15.66
N LEU L 39 5.38 21.65 15.72
CA LEU L 39 6.12 22.85 15.32
C LEU L 39 5.83 23.99 16.29
N ALA L 40 6.84 24.82 16.53
CA ALA L 40 6.71 25.96 17.43
C ALA L 40 7.40 27.17 16.81
N TRP L 41 6.93 28.36 17.21
CA TRP L 41 7.51 29.62 16.78
C TRP L 41 7.95 30.41 18.00
N TYR L 42 9.14 30.99 17.94
CA TYR L 42 9.69 31.78 19.04
C TYR L 42 10.03 33.18 18.56
N GLN L 43 9.99 34.13 19.48
CA GLN L 43 10.40 35.50 19.24
C GLN L 43 11.53 35.85 20.21
N GLN L 44 12.61 36.42 19.69
CA GLN L 44 13.78 36.75 20.50
C GLN L 44 14.20 38.18 20.23
N LYS L 45 14.20 39.02 21.29
CA LYS L 45 14.69 40.38 21.32
C LYS L 45 16.11 40.42 21.85
N PRO L 46 16.89 41.45 21.49
CA PRO L 46 18.29 41.51 21.95
C PRO L 46 18.39 41.57 23.47
N GLY L 47 19.32 40.79 24.02
CA GLY L 47 19.56 40.75 25.45
C GLY L 47 18.57 39.94 26.24
N GLN L 48 17.69 39.20 25.59
CA GLN L 48 16.59 38.49 26.21
C GLN L 48 16.59 37.06 25.71
N PRO L 49 16.01 36.12 26.48
CA PRO L 49 15.87 34.75 25.97
C PRO L 49 14.81 34.70 24.90
N PRO L 50 14.75 33.62 24.10
CA PRO L 50 13.61 33.44 23.19
C PRO L 50 12.34 33.25 23.98
N LYS L 51 11.23 33.69 23.40
CA LYS L 51 9.92 33.59 24.03
C LYS L 51 8.99 32.77 23.16
N LEU L 52 8.34 31.78 23.78
CA LEU L 52 7.46 30.88 23.05
C LEU L 52 6.20 31.61 22.63
N LEU L 53 5.93 31.67 21.32
CA LEU L 53 4.73 32.31 20.80
C LEU L 53 3.62 31.29 20.58
N ILE L 54 3.84 30.33 19.68
CA ILE L 54 2.82 29.36 19.33
C ILE L 54 3.44 27.97 19.30
N TYR L 55 2.63 26.98 19.65
CA TYR L 55 2.99 25.57 19.54
C TYR L 55 1.85 24.81 18.87
N TRP L 56 2.11 23.54 18.56
CA TRP L 56 1.21 22.74 17.71
C TRP L 56 0.91 23.45 16.39
N ALA L 57 1.87 24.24 15.91
CA ALA L 57 1.79 24.95 14.63
C ALA L 57 0.76 26.08 14.62
N SER L 58 -0.27 25.98 15.46
CA SER L 58 -1.32 26.99 15.43
C SER L 58 -1.92 27.32 16.79
N THR L 59 -1.52 26.66 17.87
CA THR L 59 -2.00 27.00 19.21
C THR L 59 -1.08 28.03 19.83
N ARG L 60 -1.66 29.13 20.30
CA ARG L 60 -0.90 30.27 20.80
C ARG L 60 -0.79 30.24 22.32
N GLU L 61 0.40 30.53 22.82
CA GLU L 61 0.67 30.54 24.25
C GLU L 61 -0.04 31.71 24.93
N SER L 62 -0.47 31.48 26.17
CA SER L 62 -1.16 32.51 26.93
C SER L 62 -0.27 33.74 27.09
N GLY L 63 -0.84 34.91 26.80
CA GLY L 63 -0.15 36.18 26.90
C GLY L 63 0.26 36.77 25.56
N VAL L 64 0.26 35.99 24.50
CA VAL L 64 0.65 36.50 23.19
C VAL L 64 -0.54 37.18 22.53
N PRO L 65 -0.37 38.38 21.99
CA PRO L 65 -1.52 39.10 21.40
C PRO L 65 -2.20 38.31 20.30
N ASP L 66 -3.44 38.68 20.02
CA ASP L 66 -4.27 37.98 19.05
C ASP L 66 -3.75 38.10 17.62
N ARG L 67 -2.96 39.14 17.31
CA ARG L 67 -2.53 39.35 15.94
C ARG L 67 -1.60 38.24 15.45
N PHE L 68 -0.82 37.64 16.36
CA PHE L 68 0.06 36.54 15.98
C PHE L 68 -0.77 35.29 15.72
N SER L 69 -0.49 34.63 14.59
CA SER L 69 -1.19 33.41 14.24
C SER L 69 -0.26 32.53 13.41
N GLY L 70 -0.43 31.22 13.57
CA GLY L 70 0.35 30.24 12.83
C GLY L 70 -0.55 29.37 11.97
N SER L 71 -0.05 29.01 10.79
CA SER L 71 -0.80 28.20 9.84
C SER L 71 0.15 27.23 9.16
N GLY L 72 -0.42 26.30 8.42
CA GLY L 72 0.35 25.34 7.64
C GLY L 72 0.22 23.94 8.21
N SER L 73 0.82 22.99 7.48
CA SER L 73 0.81 21.59 7.87
C SER L 73 1.89 20.87 7.07
N GLY L 74 2.20 19.65 7.51
CA GLY L 74 3.20 18.84 6.84
C GLY L 74 4.59 19.43 6.86
N THR L 75 5.00 20.03 5.74
CA THR L 75 6.35 20.58 5.61
C THR L 75 6.38 22.08 5.39
N ASP L 76 5.22 22.74 5.35
CA ASP L 76 5.16 24.18 5.08
C ASP L 76 4.35 24.86 6.16
N PHE L 77 4.93 25.90 6.77
CA PHE L 77 4.31 26.60 7.87
C PHE L 77 4.55 28.09 7.73
N THR L 78 3.63 28.89 8.27
CA THR L 78 3.66 30.33 8.13
C THR L 78 3.25 30.99 9.44
N LEU L 79 4.08 31.92 9.92
CA LEU L 79 3.74 32.77 11.05
C LEU L 79 3.33 34.13 10.50
N THR L 80 2.14 34.58 10.86
CA THR L 80 1.57 35.79 10.31
C THR L 80 1.21 36.77 11.42
N ILE L 81 1.51 38.05 11.19
CA ILE L 81 1.20 39.13 12.12
C ILE L 81 0.25 40.08 11.41
N SER L 82 -0.96 40.24 11.95
CA SER L 82 -1.99 41.03 11.30
C SER L 82 -1.53 42.48 11.08
N SER L 83 -1.26 43.19 12.17
CA SER L 83 -0.88 44.60 12.12
C SER L 83 0.40 44.78 12.92
N LEU L 84 1.50 45.00 12.21
CA LEU L 84 2.81 45.12 12.85
C LEU L 84 2.86 46.32 13.79
N GLN L 85 3.45 46.11 14.97
CA GLN L 85 3.64 47.16 15.96
C GLN L 85 5.12 47.30 16.29
N ALA L 86 5.43 48.31 17.12
CA ALA L 86 6.82 48.66 17.40
C ALA L 86 7.54 47.58 18.20
N GLU L 87 6.87 46.98 19.17
CA GLU L 87 7.49 46.00 20.05
C GLU L 87 7.63 44.63 19.40
N ASP L 88 7.37 44.51 18.11
CA ASP L 88 7.48 43.25 17.39
C ASP L 88 8.81 43.10 16.65
N VAL L 89 9.68 44.12 16.72
CA VAL L 89 11.01 44.03 16.14
C VAL L 89 11.79 42.98 16.92
N ALA L 90 12.08 41.86 16.29
CA ALA L 90 12.79 40.76 16.92
C ALA L 90 13.19 39.76 15.82
N VAL L 91 13.92 38.73 16.22
CA VAL L 91 14.23 37.60 15.35
C VAL L 91 13.25 36.49 15.68
N TYR L 92 12.68 35.87 14.65
CA TYR L 92 11.66 34.85 14.81
C TYR L 92 12.19 33.51 14.33
N TYR L 93 12.09 32.50 15.19
CA TYR L 93 12.60 31.16 14.89
C TYR L 93 11.44 30.17 14.87
N CYS L 94 11.48 29.25 13.93
CA CYS L 94 10.64 28.06 13.98
C CYS L 94 11.46 26.90 14.53
N GLN L 95 10.78 25.95 15.15
CA GLN L 95 11.45 24.82 15.79
C GLN L 95 10.57 23.58 15.65
N GLN L 96 11.17 22.50 15.16
CA GLN L 96 10.49 21.22 15.11
C GLN L 96 10.78 20.43 16.38
N TYR L 97 9.82 19.61 16.77
CA TYR L 97 10.03 18.63 17.84
C TYR L 97 9.40 17.30 17.48
N TYR L 98 9.34 16.99 16.19
CA TYR L 98 8.88 15.68 15.75
C TYR L 98 9.90 14.61 16.12
N ASN L 99 11.19 14.91 16.01
CA ASN L 99 12.24 13.97 16.34
C ASN L 99 13.42 14.73 16.92
N THR L 100 14.33 13.99 17.54
CA THR L 100 15.60 14.40 18.12
C THR L 100 16.75 14.13 17.14
N PRO L 101 17.72 15.04 16.98
CA PRO L 101 17.89 16.28 17.76
C PRO L 101 16.90 17.38 17.40
N ILE L 102 16.58 18.22 18.38
CA ILE L 102 15.70 19.35 18.15
C ILE L 102 16.44 20.41 17.35
N THR L 103 15.84 20.86 16.25
CA THR L 103 16.48 21.79 15.35
C THR L 103 15.63 23.04 15.18
N PHE L 104 16.31 24.19 15.05
CA PHE L 104 15.67 25.48 14.84
C PHE L 104 15.93 25.96 13.41
N GLY L 105 15.15 26.95 13.00
CA GLY L 105 15.46 27.67 11.79
C GLY L 105 16.57 28.68 12.02
N GLN L 106 17.13 29.17 10.91
CA GLN L 106 18.21 30.15 11.03
C GLN L 106 17.73 31.48 11.56
N GLY L 107 16.43 31.76 11.48
CA GLY L 107 15.88 32.99 12.01
C GLY L 107 15.61 34.04 10.96
N THR L 108 14.53 34.78 11.13
CA THR L 108 14.17 35.90 10.25
C THR L 108 14.08 37.16 11.10
N ARG L 109 14.71 38.23 10.63
CA ARG L 109 14.67 39.51 11.32
C ARG L 109 13.60 40.41 10.71
N LEU L 110 12.91 41.15 11.58
CA LEU L 110 11.73 41.94 11.20
C LEU L 110 11.95 43.38 11.64
N GLU L 111 12.13 44.26 10.67
CA GLU L 111 12.34 45.68 10.92
C GLU L 111 11.24 46.51 10.28
N ILE L 112 11.21 47.80 10.63
CA ILE L 112 10.28 48.74 10.04
C ILE L 112 10.84 49.30 8.74
#